data_3C1M
#
_entry.id   3C1M
#
_cell.length_a   101.408
_cell.length_b   104.478
_cell.length_c   192.045
_cell.angle_alpha   90.00
_cell.angle_beta   90.00
_cell.angle_gamma   90.00
#
_symmetry.space_group_name_H-M   'P 21 21 21'
#
loop_
_entity.id
_entity.type
_entity.pdbx_description
1 polymer 'Probable aspartokinase'
2 non-polymer 'MAGNESIUM ION'
3 non-polymer 'ASPARTIC ACID'
4 non-polymer 'PHOSPHOAMINOPHOSPHONIC ACID-ADENYLATE ESTER'
5 non-polymer 'FORMIC ACID'
6 water water
#
_entity_poly.entity_id   1
_entity_poly.type   'polypeptide(L)'
_entity_poly.pdbx_seq_one_letter_code
;MTTVMKFGGTSVGSGERIRHVAKIVTKRKKEDDDVVVVVSAMSEVTNALVEISQQALDVRDIAKVGDFIKFIREKHYKAI
EEAIKSEEIKEEVKKIIDSRIEELEKVLIGVAYLGELTPKSRDYILSFGERLSSPILSGAIRDLGEKSIALEGGEAGIIT
DNNFGSARVKRLEVKERLLPLLKEGIIPVVTGFIGTTEEGYITTLGRGGSDYSAALIGYGLDADIIEIWTDVSGVYTTDP
RLVPTARRIPKLSYIEAMELAYFGAKVLHPRTIEPAMEKGIPILVKNTFEPESEGTLITNDMEMSDSIVKAISTIKNVAL
INIFGAGMVGVSGTAARIFKALGEEEVNVILISQGSSETNISLVVSEEDVDKALKALKREFGDFGKKSFLNNNLIRDVSV
DKDVCVISVVGAGMRGAKGIAGKIFTAVSESGANIKMIAQGSSEVNISFVIDEKDLLNCVRKLHEKFIEKTNS
;
_entity_poly.pdbx_strand_id   A,B,C,D
#
# COMPACT_ATOMS: atom_id res chain seq x y z
N THR A 2 19.23 -2.61 -43.17
CA THR A 2 17.82 -2.59 -42.73
C THR A 2 17.39 -1.16 -42.40
N THR A 3 16.42 -0.68 -43.17
CA THR A 3 15.91 0.67 -43.01
C THR A 3 14.44 0.65 -42.64
N VAL A 4 14.08 1.39 -41.61
CA VAL A 4 12.66 1.68 -41.41
C VAL A 4 12.35 3.11 -41.82
N MET A 5 11.32 3.25 -42.64
CA MET A 5 10.91 4.54 -43.19
C MET A 5 9.48 4.83 -42.76
N LYS A 6 9.31 5.89 -41.99
CA LYS A 6 7.99 6.25 -41.45
C LYS A 6 7.50 7.53 -42.11
N PHE A 7 6.26 7.49 -42.59
CA PHE A 7 5.61 8.62 -43.25
C PHE A 7 4.35 9.07 -42.50
N GLY A 8 4.24 10.38 -42.31
CA GLY A 8 3.18 11.01 -41.54
C GLY A 8 1.93 11.30 -42.35
N GLY A 9 0.94 11.87 -41.69
CA GLY A 9 -0.35 12.11 -42.32
C GLY A 9 -0.33 13.03 -43.53
N THR A 10 0.39 14.15 -43.44
CA THR A 10 0.46 15.07 -44.59
C THR A 10 1.23 14.46 -45.75
N SER A 11 2.23 13.63 -45.42
CA SER A 11 3.07 12.97 -46.42
C SER A 11 2.27 12.00 -47.30
N VAL A 12 1.21 11.44 -46.74
CA VAL A 12 0.28 10.54 -47.45
C VAL A 12 -1.13 11.16 -47.46
N GLY A 13 -1.19 12.49 -47.53
CA GLY A 13 -2.42 13.24 -47.37
C GLY A 13 -3.32 13.33 -48.59
N SER A 14 -2.86 12.75 -49.70
CA SER A 14 -3.64 12.58 -50.93
C SER A 14 -3.04 11.43 -51.74
N GLY A 15 -3.70 11.07 -52.83
CA GLY A 15 -3.23 10.00 -53.71
C GLY A 15 -1.93 10.30 -54.43
N GLU A 16 -1.79 11.51 -54.95
CA GLU A 16 -0.54 12.03 -55.50
C GLU A 16 0.61 11.95 -54.48
N ARG A 17 0.30 12.21 -53.22
CA ARG A 17 1.31 12.16 -52.17
C ARG A 17 1.77 10.73 -51.84
N ILE A 18 0.78 9.84 -51.69
CA ILE A 18 1.01 8.42 -51.47
C ILE A 18 1.90 7.80 -52.58
N ARG A 19 1.61 8.14 -53.83
CA ARG A 19 2.40 7.65 -54.96
C ARG A 19 3.84 8.19 -54.92
N HIS A 20 3.98 9.47 -54.61
CA HIS A 20 5.29 10.09 -54.40
C HIS A 20 6.05 9.38 -53.27
N VAL A 21 5.37 9.11 -52.16
CA VAL A 21 5.96 8.35 -51.05
C VAL A 21 6.41 6.94 -51.47
N ALA A 22 5.58 6.24 -52.24
CA ALA A 22 5.91 4.92 -52.75
C ALA A 22 7.17 4.96 -53.64
N LYS A 23 7.33 6.06 -54.38
CA LYS A 23 8.57 6.33 -55.14
C LYS A 23 9.82 6.51 -54.26
N ILE A 24 9.70 7.24 -53.15
CA ILE A 24 10.82 7.38 -52.20
C ILE A 24 11.22 6.01 -51.62
N VAL A 25 10.22 5.19 -51.29
CA VAL A 25 10.43 3.87 -50.74
C VAL A 25 11.07 2.95 -51.78
N THR A 26 10.59 3.05 -53.01
CA THR A 26 11.09 2.24 -54.13
C THR A 26 12.53 2.59 -54.53
N LYS A 27 12.87 3.87 -54.42
CA LYS A 27 14.24 4.34 -54.60
C LYS A 27 15.18 3.78 -53.51
N ARG A 28 14.75 3.86 -52.25
CA ARG A 28 15.52 3.32 -51.14
C ARG A 28 15.70 1.81 -51.26
N LYS A 29 14.65 1.13 -51.72
CA LYS A 29 14.65 -0.33 -51.92
C LYS A 29 15.83 -0.80 -52.78
N LYS A 30 16.26 0.04 -53.71
CA LYS A 30 17.36 -0.29 -54.62
C LYS A 30 18.74 -0.07 -54.02
N GLU A 31 18.81 0.69 -52.92
CA GLU A 31 20.05 0.89 -52.18
C GLU A 31 20.15 -0.09 -51.01
N ASP A 32 19.01 -0.48 -50.46
CA ASP A 32 18.93 -1.39 -49.33
C ASP A 32 17.73 -2.30 -49.54
N ASP A 33 17.96 -3.60 -49.73
CA ASP A 33 16.88 -4.55 -49.99
C ASP A 33 15.97 -4.76 -48.78
N ASP A 34 16.46 -4.45 -47.59
CA ASP A 34 15.65 -4.59 -46.37
C ASP A 34 15.02 -3.26 -45.98
N VAL A 35 13.82 -3.04 -46.48
CA VAL A 35 13.03 -1.86 -46.15
C VAL A 35 11.70 -2.25 -45.54
N VAL A 36 11.41 -1.69 -44.36
CA VAL A 36 10.09 -1.75 -43.74
C VAL A 36 9.49 -0.32 -43.70
N VAL A 37 8.21 -0.20 -44.06
CA VAL A 37 7.53 1.11 -44.05
C VAL A 37 6.56 1.18 -42.88
N VAL A 38 6.59 2.30 -42.17
CA VAL A 38 5.55 2.59 -41.18
C VAL A 38 4.76 3.80 -41.68
N VAL A 39 3.43 3.70 -41.62
CA VAL A 39 2.62 4.79 -42.13
C VAL A 39 1.51 5.20 -41.14
N SER A 40 1.26 6.51 -41.09
CA SER A 40 0.12 7.05 -40.34
C SER A 40 -1.11 7.10 -41.19
N ALA A 41 -2.23 7.37 -40.53
CA ALA A 41 -3.47 7.74 -41.21
C ALA A 41 -3.25 8.99 -42.05
N MET A 42 -3.95 9.06 -43.18
CA MET A 42 -4.03 10.29 -43.96
C MET A 42 -4.31 11.46 -43.04
N SER A 43 -3.66 12.58 -43.36
CA SER A 43 -3.81 13.82 -42.63
C SER A 43 -5.26 14.12 -42.21
N GLU A 44 -5.45 14.40 -40.91
CA GLU A 44 -6.71 14.89 -40.36
C GLU A 44 -7.77 13.78 -40.10
N VAL A 45 -7.48 12.56 -40.54
CA VAL A 45 -8.40 11.41 -40.40
C VAL A 45 -8.52 10.95 -38.95
N THR A 46 -7.40 10.82 -38.23
CA THR A 46 -7.45 10.51 -36.81
C THR A 46 -8.31 11.50 -36.01
N ASN A 47 -8.14 12.80 -36.24
CA ASN A 47 -8.98 13.81 -35.58
C ASN A 47 -10.47 13.65 -35.89
N ALA A 48 -10.80 13.38 -37.16
CA ALA A 48 -12.15 13.09 -37.62
C ALA A 48 -12.75 11.87 -36.89
N LEU A 49 -11.96 10.82 -36.75
CA LEU A 49 -12.36 9.62 -35.99
C LEU A 49 -12.65 9.98 -34.53
N VAL A 50 -11.76 10.75 -33.90
CA VAL A 50 -11.97 11.27 -32.54
C VAL A 50 -13.32 12.03 -32.42
N GLU A 51 -13.58 12.97 -33.33
CA GLU A 51 -14.79 13.77 -33.24
C GLU A 51 -16.09 12.97 -33.53
N ILE A 52 -16.08 12.08 -34.52
CA ILE A 52 -17.28 11.27 -34.81
C ILE A 52 -17.57 10.20 -33.75
N SER A 53 -16.54 9.78 -33.02
CA SER A 53 -16.68 8.93 -31.84
C SER A 53 -17.52 9.59 -30.76
N GLN A 54 -17.20 10.85 -30.48
CA GLN A 54 -17.82 11.61 -29.41
C GLN A 54 -19.24 12.00 -29.80
N GLN A 55 -19.42 12.29 -31.09
CA GLN A 55 -20.72 12.61 -31.66
C GLN A 55 -21.64 11.39 -31.65
N ALA A 56 -21.10 10.24 -32.03
CA ALA A 56 -21.83 8.98 -31.96
C ALA A 56 -22.26 8.65 -30.52
N LEU A 57 -21.46 9.07 -29.55
CA LEU A 57 -21.76 8.87 -28.14
C LEU A 57 -22.77 9.89 -27.61
N ASP A 58 -22.45 11.17 -27.76
CA ASP A 58 -23.23 12.26 -27.15
C ASP A 58 -24.57 12.55 -27.83
N VAL A 59 -24.58 12.59 -29.17
CA VAL A 59 -25.81 12.97 -29.89
C VAL A 59 -26.58 11.77 -30.45
N ARG A 60 -25.84 10.72 -30.80
CA ARG A 60 -26.39 9.45 -31.29
C ARG A 60 -27.28 9.61 -32.53
N ASP A 61 -26.79 10.35 -33.52
CA ASP A 61 -27.46 10.47 -34.81
C ASP A 61 -26.82 9.58 -35.87
N ILE A 62 -27.60 8.65 -36.39
CA ILE A 62 -27.15 7.59 -37.28
C ILE A 62 -26.85 8.05 -38.72
N ALA A 63 -27.60 9.04 -39.20
CA ALA A 63 -27.39 9.62 -40.53
C ALA A 63 -26.18 10.54 -40.53
N LYS A 64 -25.87 11.08 -39.36
CA LYS A 64 -24.69 11.90 -39.14
C LYS A 64 -23.41 11.04 -39.16
N VAL A 65 -23.52 9.81 -38.62
CA VAL A 65 -22.50 8.77 -38.79
C VAL A 65 -22.39 8.37 -40.27
N GLY A 66 -23.54 8.31 -40.95
CA GLY A 66 -23.61 7.98 -42.38
C GLY A 66 -22.90 8.99 -43.26
N ASP A 67 -22.94 10.26 -42.86
CA ASP A 67 -22.25 11.33 -43.57
C ASP A 67 -20.73 11.21 -43.38
N PHE A 68 -20.32 10.81 -42.19
CA PHE A 68 -18.92 10.53 -41.91
C PHE A 68 -18.38 9.40 -42.79
N ILE A 69 -19.13 8.31 -42.85
CA ILE A 69 -18.75 7.17 -43.67
C ILE A 69 -18.54 7.58 -45.14
N LYS A 70 -19.43 8.41 -45.68
CA LYS A 70 -19.31 8.92 -47.05
C LYS A 70 -18.08 9.81 -47.24
N PHE A 71 -17.81 10.65 -46.26
CA PHE A 71 -16.59 11.48 -46.24
C PHE A 71 -15.30 10.62 -46.24
N ILE A 72 -15.31 9.54 -45.45
CA ILE A 72 -14.17 8.66 -45.32
C ILE A 72 -14.00 7.82 -46.58
N ARG A 73 -15.12 7.37 -47.12
CA ARG A 73 -15.11 6.56 -48.34
C ARG A 73 -14.59 7.36 -49.53
N GLU A 74 -15.11 8.57 -49.72
CA GLU A 74 -14.74 9.40 -50.86
C GLU A 74 -13.27 9.77 -50.83
N LYS A 75 -12.79 10.14 -49.65
CA LYS A 75 -11.39 10.46 -49.44
C LYS A 75 -10.47 9.30 -49.84
N HIS A 76 -10.78 8.11 -49.33
CA HIS A 76 -9.91 6.95 -49.57
C HIS A 76 -10.05 6.34 -50.97
N TYR A 77 -11.25 6.41 -51.56
CA TYR A 77 -11.47 6.05 -52.97
C TYR A 77 -10.65 6.97 -53.91
N LYS A 78 -10.67 8.27 -53.61
CA LYS A 78 -9.92 9.25 -54.39
C LYS A 78 -8.40 8.99 -54.33
N ALA A 79 -7.88 8.74 -53.13
CA ALA A 79 -6.48 8.38 -52.90
C ALA A 79 -6.07 7.13 -53.69
N ILE A 80 -6.95 6.13 -53.73
CA ILE A 80 -6.73 4.91 -54.51
C ILE A 80 -6.58 5.21 -56.02
N GLU A 81 -7.54 5.95 -56.56
CA GLU A 81 -7.54 6.33 -57.97
C GLU A 81 -6.31 7.16 -58.38
N GLU A 82 -5.90 8.06 -57.48
CA GLU A 82 -4.79 8.97 -57.77
C GLU A 82 -3.40 8.42 -57.40
N ALA A 83 -3.35 7.29 -56.71
CA ALA A 83 -2.06 6.72 -56.28
C ALA A 83 -1.59 5.53 -57.12
N ILE A 84 -2.56 4.76 -57.63
CA ILE A 84 -2.31 3.48 -58.30
C ILE A 84 -2.82 3.53 -59.73
N LYS A 85 -1.96 3.17 -60.68
CA LYS A 85 -2.35 3.07 -62.11
C LYS A 85 -3.04 1.75 -62.48
N SER A 86 -2.61 0.64 -61.88
CA SER A 86 -3.18 -0.67 -62.19
C SER A 86 -4.62 -0.82 -61.70
N GLU A 87 -5.48 -1.19 -62.65
CA GLU A 87 -6.88 -1.46 -62.37
C GLU A 87 -7.03 -2.63 -61.40
N GLU A 88 -6.20 -3.66 -61.59
CA GLU A 88 -6.27 -4.87 -60.77
C GLU A 88 -5.86 -4.61 -59.33
N ILE A 89 -4.80 -3.82 -59.14
CA ILE A 89 -4.38 -3.41 -57.79
C ILE A 89 -5.42 -2.48 -57.13
N LYS A 90 -5.94 -1.51 -57.90
CA LYS A 90 -6.96 -0.58 -57.41
C LYS A 90 -8.17 -1.35 -56.89
N GLU A 91 -8.60 -2.34 -57.68
CA GLU A 91 -9.68 -3.25 -57.35
C GLU A 91 -9.35 -4.01 -56.06
N GLU A 92 -8.16 -4.57 -55.98
CA GLU A 92 -7.74 -5.34 -54.81
C GLU A 92 -7.63 -4.48 -53.52
N VAL A 93 -7.14 -3.25 -53.64
CA VAL A 93 -7.07 -2.32 -52.50
C VAL A 93 -8.47 -1.81 -52.09
N LYS A 94 -9.31 -1.48 -53.08
CA LYS A 94 -10.68 -1.01 -52.80
C LYS A 94 -11.46 -2.03 -51.99
N LYS A 95 -11.27 -3.31 -52.31
CA LYS A 95 -11.87 -4.40 -51.56
C LYS A 95 -11.48 -4.42 -50.08
N ILE A 96 -10.19 -4.22 -49.80
CA ILE A 96 -9.68 -4.09 -48.42
C ILE A 96 -10.32 -2.86 -47.74
N ILE A 97 -10.27 -1.71 -48.40
CA ILE A 97 -10.82 -0.45 -47.86
C ILE A 97 -12.29 -0.57 -47.50
N ASP A 98 -13.05 -1.26 -48.36
CA ASP A 98 -14.48 -1.53 -48.16
C ASP A 98 -14.78 -2.40 -46.93
N SER A 99 -13.97 -3.45 -46.71
CA SER A 99 -14.09 -4.25 -45.49
C SER A 99 -13.94 -3.37 -44.26
N ARG A 100 -12.94 -2.50 -44.26
CA ARG A 100 -12.67 -1.63 -43.10
C ARG A 100 -13.82 -0.67 -42.86
N ILE A 101 -14.26 -0.03 -43.93
CA ILE A 101 -15.37 0.94 -43.87
C ILE A 101 -16.67 0.27 -43.39
N GLU A 102 -16.98 -0.91 -43.93
CA GLU A 102 -18.04 -1.77 -43.39
C GLU A 102 -17.92 -1.93 -41.87
N GLU A 103 -16.78 -2.45 -41.39
CA GLU A 103 -16.52 -2.67 -39.97
C GLU A 103 -16.64 -1.38 -39.16
N LEU A 104 -16.03 -0.30 -39.66
CA LEU A 104 -16.06 1.01 -39.05
C LEU A 104 -17.50 1.52 -38.87
N GLU A 105 -18.31 1.40 -39.92
CA GLU A 105 -19.72 1.82 -39.89
C GLU A 105 -20.52 1.05 -38.84
N LYS A 106 -20.31 -0.26 -38.75
CA LYS A 106 -21.03 -1.07 -37.75
C LYS A 106 -20.68 -0.63 -36.33
N VAL A 107 -19.39 -0.42 -36.06
CA VAL A 107 -18.92 -0.04 -34.73
C VAL A 107 -19.54 1.25 -34.27
N LEU A 108 -19.60 2.23 -35.17
CA LEU A 108 -20.10 3.55 -34.85
C LEU A 108 -21.60 3.52 -34.64
N ILE A 109 -22.27 2.63 -35.36
CA ILE A 109 -23.71 2.45 -35.19
C ILE A 109 -23.95 1.77 -33.84
N GLY A 110 -23.04 0.87 -33.47
CA GLY A 110 -23.07 0.26 -32.16
C GLY A 110 -22.96 1.28 -31.05
N VAL A 111 -22.02 2.23 -31.20
CA VAL A 111 -21.80 3.28 -30.21
C VAL A 111 -23.05 4.14 -30.00
N ALA A 112 -23.75 4.46 -31.08
CA ALA A 112 -24.96 5.29 -31.02
C ALA A 112 -26.11 4.51 -30.41
N TYR A 113 -26.23 3.24 -30.77
CA TYR A 113 -27.25 2.35 -30.22
C TYR A 113 -27.12 2.17 -28.70
N LEU A 114 -25.94 1.80 -28.25
CA LEU A 114 -25.67 1.55 -26.84
C LEU A 114 -25.50 2.84 -26.02
N GLY A 115 -25.07 3.91 -26.67
CA GLY A 115 -24.81 5.19 -26.00
C GLY A 115 -23.62 5.06 -25.07
N GLU A 116 -22.65 4.25 -25.48
CA GLU A 116 -21.48 3.93 -24.68
C GLU A 116 -20.23 3.89 -25.54
N LEU A 117 -19.12 4.42 -25.00
CA LEU A 117 -17.82 4.42 -25.68
C LEU A 117 -16.67 4.22 -24.70
N THR A 118 -16.36 2.95 -24.42
CA THR A 118 -15.24 2.57 -23.54
C THR A 118 -13.89 2.93 -24.19
N PRO A 119 -12.78 2.95 -23.41
CA PRO A 119 -11.45 3.20 -24.00
C PRO A 119 -11.06 2.16 -25.04
N LYS A 120 -11.54 0.94 -24.85
CA LYS A 120 -11.31 -0.16 -25.79
C LYS A 120 -11.92 0.16 -27.14
N SER A 121 -13.16 0.67 -27.11
CA SER A 121 -13.87 1.04 -28.33
C SER A 121 -13.20 2.20 -29.07
N ARG A 122 -12.77 3.22 -28.34
CA ARG A 122 -12.06 4.37 -28.93
C ARG A 122 -10.85 3.91 -29.73
N ASP A 123 -10.00 3.10 -29.10
CA ASP A 123 -8.77 2.60 -29.73
C ASP A 123 -9.11 1.87 -31.01
N TYR A 124 -10.11 1.00 -30.92
CA TYR A 124 -10.57 0.26 -32.08
C TYR A 124 -11.01 1.20 -33.19
N ILE A 125 -11.88 2.15 -32.85
CA ILE A 125 -12.31 3.17 -33.82
C ILE A 125 -11.14 3.98 -34.38
N LEU A 126 -10.25 4.46 -33.50
CA LEU A 126 -9.10 5.25 -33.92
C LEU A 126 -8.15 4.53 -34.88
N SER A 127 -7.93 3.23 -34.64
CA SER A 127 -7.04 2.39 -35.47
C SER A 127 -7.41 2.34 -36.97
N PHE A 128 -8.66 2.65 -37.28
CA PHE A 128 -9.18 2.59 -38.65
C PHE A 128 -8.47 3.53 -39.62
N GLY A 129 -7.90 4.62 -39.11
CA GLY A 129 -7.16 5.57 -39.95
C GLY A 129 -5.95 4.97 -40.63
N GLU A 130 -5.08 4.32 -39.85
CA GLU A 130 -3.89 3.64 -40.36
C GLU A 130 -4.24 2.37 -41.14
N ARG A 131 -5.34 1.72 -40.74
CA ARG A 131 -5.76 0.48 -41.39
C ARG A 131 -6.38 0.75 -42.75
N LEU A 132 -6.68 2.02 -43.00
CA LEU A 132 -7.22 2.46 -44.30
C LEU A 132 -6.16 3.03 -45.23
N SER A 133 -5.14 3.69 -44.68
CA SER A 133 -4.08 4.26 -45.51
C SER A 133 -3.01 3.21 -45.89
N SER A 134 -2.66 2.33 -44.95
CA SER A 134 -1.62 1.33 -45.22
C SER A 134 -1.86 0.46 -46.47
N PRO A 135 -3.09 -0.06 -46.68
CA PRO A 135 -3.38 -0.80 -47.92
C PRO A 135 -3.15 -0.01 -49.20
N ILE A 136 -3.39 1.30 -49.16
CA ILE A 136 -3.22 2.17 -50.34
C ILE A 136 -1.74 2.37 -50.69
N LEU A 137 -0.93 2.70 -49.69
CA LEU A 137 0.51 2.84 -49.85
C LEU A 137 1.16 1.54 -50.32
N SER A 138 0.73 0.42 -49.74
CA SER A 138 1.25 -0.88 -50.11
C SER A 138 0.87 -1.20 -51.54
N GLY A 139 -0.36 -0.86 -51.91
CA GLY A 139 -0.86 -0.95 -53.29
C GLY A 139 -0.01 -0.15 -54.26
N ALA A 140 0.28 1.10 -53.90
CA ALA A 140 1.13 1.98 -54.71
C ALA A 140 2.58 1.47 -54.89
N ILE A 141 3.13 0.85 -53.86
CA ILE A 141 4.45 0.19 -53.93
C ILE A 141 4.43 -1.02 -54.88
N ARG A 142 3.40 -1.86 -54.78
CA ARG A 142 3.16 -2.94 -55.73
C ARG A 142 2.94 -2.40 -57.15
N ASP A 143 2.24 -1.28 -57.25
CA ASP A 143 2.06 -0.61 -58.55
C ASP A 143 3.37 -0.19 -59.23
N LEU A 144 4.42 0.01 -58.42
CA LEU A 144 5.73 0.41 -58.91
C LEU A 144 6.71 -0.77 -59.06
N GLY A 145 6.16 -1.97 -59.13
CA GLY A 145 6.93 -3.18 -59.41
C GLY A 145 7.63 -3.82 -58.23
N GLU A 146 7.19 -3.49 -57.02
CA GLU A 146 7.81 -3.99 -55.80
C GLU A 146 6.83 -4.90 -55.02
N LYS A 147 7.33 -5.97 -54.42
CA LYS A 147 6.51 -6.78 -53.53
C LYS A 147 6.19 -6.02 -52.24
N SER A 148 4.93 -6.06 -51.80
CA SER A 148 4.49 -5.35 -50.60
C SER A 148 3.19 -5.86 -50.01
N ILE A 149 3.14 -5.95 -48.69
CA ILE A 149 1.88 -6.20 -47.98
C ILE A 149 1.67 -5.19 -46.85
N ALA A 150 0.41 -4.84 -46.60
CA ALA A 150 0.03 -4.01 -45.44
C ALA A 150 -0.17 -4.85 -44.18
N LEU A 151 0.36 -4.40 -43.05
CA LEU A 151 0.23 -5.16 -41.80
C LEU A 151 -0.14 -4.24 -40.67
N GLU A 152 -0.93 -4.77 -39.73
CA GLU A 152 -1.28 -4.07 -38.51
C GLU A 152 -0.15 -4.20 -37.47
N GLY A 153 -0.11 -3.30 -36.50
CA GLY A 153 1.02 -3.25 -35.57
C GLY A 153 1.19 -4.52 -34.75
N GLY A 154 0.07 -5.08 -34.29
CA GLY A 154 0.10 -6.28 -33.48
C GLY A 154 0.73 -7.45 -34.22
N GLU A 155 0.31 -7.65 -35.46
CA GLU A 155 0.79 -8.75 -36.27
C GLU A 155 2.22 -8.52 -36.77
N ALA A 156 2.66 -7.25 -36.80
CA ALA A 156 4.07 -6.93 -37.12
C ALA A 156 5.03 -7.17 -35.94
N GLY A 157 4.47 -7.36 -34.75
CA GLY A 157 5.28 -7.72 -33.60
C GLY A 157 5.18 -6.84 -32.37
N ILE A 158 4.30 -5.85 -32.39
CA ILE A 158 4.13 -4.93 -31.27
C ILE A 158 3.01 -5.39 -30.32
N ILE A 159 3.38 -5.86 -29.12
CA ILE A 159 2.43 -6.35 -28.12
C ILE A 159 2.48 -5.45 -26.89
N THR A 160 1.30 -5.05 -26.43
CA THR A 160 1.19 -4.06 -25.36
C THR A 160 0.38 -4.61 -24.20
N ASP A 161 0.36 -3.88 -23.09
CA ASP A 161 -0.62 -4.14 -22.04
C ASP A 161 -2.01 -3.70 -22.51
N ASN A 162 -2.99 -3.66 -21.60
CA ASN A 162 -4.36 -3.28 -21.95
C ASN A 162 -4.77 -1.87 -21.52
N ASN A 163 -3.80 -0.98 -21.38
CA ASN A 163 -4.07 0.42 -21.11
C ASN A 163 -4.51 1.15 -22.38
N PHE A 164 -5.74 0.87 -22.81
CA PHE A 164 -6.29 1.46 -24.03
C PHE A 164 -6.17 2.98 -24.00
N GLY A 165 -5.70 3.56 -25.11
CA GLY A 165 -5.50 5.01 -25.23
C GLY A 165 -4.03 5.42 -25.23
N SER A 166 -3.22 4.65 -24.52
CA SER A 166 -1.81 4.96 -24.35
C SER A 166 -1.14 3.72 -23.81
N ALA A 167 -1.31 2.62 -24.52
CA ALA A 167 -0.83 1.34 -24.06
C ALA A 167 0.71 1.27 -24.13
N ARG A 168 1.29 0.69 -23.07
CA ARG A 168 2.72 0.51 -22.94
C ARG A 168 3.15 -0.80 -23.62
N VAL A 169 4.25 -0.75 -24.34
CA VAL A 169 4.78 -1.92 -25.03
C VAL A 169 5.30 -2.95 -24.03
N LYS A 170 4.72 -4.14 -24.10
CA LYS A 170 5.07 -5.25 -23.21
C LYS A 170 6.22 -6.07 -23.78
N ARG A 171 6.14 -6.35 -25.07
CA ARG A 171 6.88 -7.43 -25.69
C ARG A 171 6.94 -7.17 -27.20
N LEU A 172 8.13 -7.36 -27.76
CA LEU A 172 8.36 -7.19 -29.19
C LEU A 172 8.66 -8.53 -29.85
N GLU A 173 8.03 -8.73 -31.01
CA GLU A 173 8.06 -9.99 -31.74
C GLU A 173 8.42 -9.72 -33.19
N VAL A 174 9.02 -8.55 -33.42
CA VAL A 174 9.26 -8.00 -34.77
C VAL A 174 10.11 -8.90 -35.67
N LYS A 175 11.25 -9.35 -35.17
CA LYS A 175 12.14 -10.21 -35.94
C LYS A 175 11.34 -11.38 -36.47
N GLU A 176 10.66 -12.07 -35.55
CA GLU A 176 9.88 -13.27 -35.86
C GLU A 176 8.90 -13.07 -37.03
N ARG A 177 8.19 -11.94 -37.03
CA ARG A 177 7.13 -11.67 -38.02
C ARG A 177 7.65 -11.09 -39.34
N LEU A 178 8.59 -10.15 -39.24
CA LEU A 178 9.00 -9.37 -40.41
C LEU A 178 10.14 -10.00 -41.17
N LEU A 179 11.10 -10.59 -40.47
CA LEU A 179 12.26 -11.19 -41.12
C LEU A 179 11.92 -12.16 -42.25
N PRO A 180 10.95 -13.09 -42.06
CA PRO A 180 10.49 -13.90 -43.20
C PRO A 180 9.90 -13.14 -44.39
N LEU A 181 9.23 -12.02 -44.14
CA LEU A 181 8.75 -11.17 -45.21
C LEU A 181 9.93 -10.58 -45.98
N LEU A 182 10.87 -9.98 -45.26
CA LEU A 182 12.02 -9.31 -45.86
C LEU A 182 12.86 -10.28 -46.70
N LYS A 183 12.98 -11.53 -46.23
CA LYS A 183 13.75 -12.54 -46.95
C LYS A 183 13.15 -12.92 -48.29
N GLU A 184 11.85 -12.69 -48.46
CA GLU A 184 11.15 -12.93 -49.73
C GLU A 184 11.00 -11.65 -50.59
N GLY A 185 11.65 -10.56 -50.19
CA GLY A 185 11.62 -9.30 -50.95
C GLY A 185 10.45 -8.39 -50.65
N ILE A 186 9.65 -8.77 -49.66
CA ILE A 186 8.44 -8.04 -49.35
C ILE A 186 8.77 -6.79 -48.57
N ILE A 187 8.16 -5.68 -48.98
CA ILE A 187 8.19 -4.46 -48.20
C ILE A 187 6.94 -4.44 -47.32
N PRO A 188 7.08 -4.77 -46.03
CA PRO A 188 5.93 -4.63 -45.15
C PRO A 188 5.59 -3.17 -44.93
N VAL A 189 4.34 -2.82 -45.15
CA VAL A 189 3.84 -1.50 -44.79
C VAL A 189 3.06 -1.70 -43.49
N VAL A 190 3.66 -1.26 -42.38
CA VAL A 190 3.07 -1.43 -41.05
C VAL A 190 2.30 -0.18 -40.63
N THR A 191 1.09 -0.38 -40.13
CA THR A 191 0.30 0.69 -39.51
C THR A 191 1.06 1.20 -38.28
N GLY A 192 1.28 2.52 -38.23
CA GLY A 192 1.83 3.15 -37.04
C GLY A 192 0.76 3.22 -35.98
N PHE A 193 1.11 3.66 -34.77
CA PHE A 193 0.09 4.14 -33.81
C PHE A 193 -0.61 3.00 -33.05
N ILE A 194 -0.53 1.78 -33.57
CA ILE A 194 -1.27 0.67 -32.99
C ILE A 194 -0.44 -0.55 -32.65
N GLY A 195 -0.87 -1.22 -31.58
CA GLY A 195 -0.31 -2.49 -31.19
C GLY A 195 -1.44 -3.46 -30.98
N THR A 196 -1.14 -4.53 -30.24
CA THR A 196 -2.13 -5.50 -29.84
C THR A 196 -1.91 -5.94 -28.41
N THR A 197 -3.00 -5.94 -27.67
CA THR A 197 -3.10 -6.62 -26.39
C THR A 197 -2.71 -8.10 -26.56
N GLU A 198 -2.30 -8.74 -25.48
CA GLU A 198 -1.90 -10.14 -25.52
C GLU A 198 -3.01 -11.06 -26.06
N GLU A 199 -4.26 -10.73 -25.76
CA GLU A 199 -5.41 -11.47 -26.28
C GLU A 199 -6.03 -10.91 -27.56
N GLY A 200 -5.27 -10.10 -28.30
CA GLY A 200 -5.66 -9.71 -29.64
C GLY A 200 -6.38 -8.37 -29.81
N TYR A 201 -6.64 -7.67 -28.72
CA TYR A 201 -7.35 -6.38 -28.81
C TYR A 201 -6.44 -5.26 -29.31
N ILE A 202 -6.96 -4.52 -30.30
CA ILE A 202 -6.27 -3.39 -30.87
C ILE A 202 -6.10 -2.27 -29.85
N THR A 203 -4.89 -1.74 -29.84
CA THR A 203 -4.46 -0.81 -28.84
C THR A 203 -3.79 0.34 -29.63
N THR A 204 -3.91 1.58 -29.13
CA THR A 204 -3.12 2.68 -29.67
C THR A 204 -2.00 3.06 -28.71
N LEU A 205 -0.93 3.63 -29.26
CA LEU A 205 0.29 3.93 -28.53
C LEU A 205 0.34 5.36 -28.03
N GLY A 206 -0.73 6.12 -28.23
CA GLY A 206 -0.76 7.54 -27.88
C GLY A 206 -0.68 8.41 -29.13
N ARG A 207 -1.29 9.59 -29.08
CA ARG A 207 -1.24 10.53 -30.21
C ARG A 207 0.21 10.84 -30.59
N GLY A 208 0.50 10.80 -31.88
CA GLY A 208 1.85 10.94 -32.37
C GLY A 208 2.56 9.60 -32.41
N GLY A 209 1.87 8.55 -31.96
CA GLY A 209 2.46 7.23 -31.73
C GLY A 209 3.10 6.55 -32.93
N SER A 210 2.86 7.03 -34.15
CA SER A 210 3.46 6.44 -35.36
C SER A 210 4.98 6.50 -35.38
N ASP A 211 5.54 7.61 -34.92
CA ASP A 211 6.99 7.76 -34.75
C ASP A 211 7.55 6.65 -33.85
N TYR A 212 6.86 6.39 -32.74
CA TYR A 212 7.24 5.35 -31.78
C TYR A 212 7.26 3.96 -32.42
N SER A 213 6.23 3.65 -33.20
CA SER A 213 6.16 2.40 -33.96
C SER A 213 7.39 2.16 -34.82
N ALA A 214 7.87 3.21 -35.49
CA ALA A 214 9.07 3.14 -36.33
C ALA A 214 10.30 2.76 -35.53
N ALA A 215 10.46 3.39 -34.36
CA ALA A 215 11.56 3.10 -33.45
C ALA A 215 11.48 1.68 -32.84
N LEU A 216 10.27 1.24 -32.51
CA LEU A 216 10.05 -0.13 -32.02
C LEU A 216 10.41 -1.17 -33.06
N ILE A 217 9.87 -1.00 -34.27
CA ILE A 217 10.22 -1.84 -35.40
C ILE A 217 11.74 -1.78 -35.68
N GLY A 218 12.33 -0.59 -35.70
CA GLY A 218 13.77 -0.46 -35.86
C GLY A 218 14.58 -1.18 -34.79
N TYR A 219 14.18 -1.04 -33.54
CA TYR A 219 14.83 -1.69 -32.41
C TYR A 219 14.66 -3.20 -32.53
N GLY A 220 13.45 -3.62 -32.91
CA GLY A 220 13.10 -5.04 -33.03
C GLY A 220 13.89 -5.76 -34.10
N LEU A 221 14.25 -5.03 -35.15
CA LEU A 221 15.01 -5.61 -36.26
C LEU A 221 16.50 -5.31 -36.22
N ASP A 222 16.97 -4.59 -35.19
CA ASP A 222 18.33 -4.09 -35.16
C ASP A 222 18.61 -3.36 -36.47
N ALA A 223 17.74 -2.41 -36.79
CA ALA A 223 17.82 -1.68 -38.06
C ALA A 223 19.06 -0.81 -38.08
N ASP A 224 19.56 -0.54 -39.27
CA ASP A 224 20.73 0.33 -39.44
C ASP A 224 20.33 1.78 -39.27
N ILE A 225 19.06 2.09 -39.56
CA ILE A 225 18.60 3.47 -39.48
C ILE A 225 17.07 3.55 -39.35
N ILE A 226 16.60 4.62 -38.71
CA ILE A 226 15.17 4.93 -38.69
C ILE A 226 14.97 6.26 -39.37
N GLU A 227 14.21 6.26 -40.46
CA GLU A 227 13.93 7.47 -41.22
C GLU A 227 12.53 7.97 -40.90
N ILE A 228 12.46 9.18 -40.37
CA ILE A 228 11.17 9.78 -40.04
C ILE A 228 10.89 10.84 -41.09
N TRP A 229 9.95 10.56 -41.99
CA TRP A 229 9.62 11.43 -43.10
C TRP A 229 8.37 12.20 -42.73
N THR A 230 8.55 13.51 -42.69
CA THR A 230 7.54 14.43 -42.18
C THR A 230 7.39 15.59 -43.18
N ASP A 231 6.84 16.73 -42.75
CA ASP A 231 6.60 17.82 -43.67
C ASP A 231 7.47 19.05 -43.36
N VAL A 232 8.53 18.83 -42.60
CA VAL A 232 9.59 19.82 -42.36
C VAL A 232 10.94 19.12 -42.54
N SER A 233 11.97 19.89 -42.85
CA SER A 233 13.29 19.33 -43.17
C SER A 233 14.16 19.02 -41.94
N GLY A 234 13.63 18.21 -41.03
CA GLY A 234 14.35 17.89 -39.80
C GLY A 234 13.68 18.47 -38.56
N VAL A 235 14.44 18.55 -37.48
CA VAL A 235 14.05 19.25 -36.25
C VAL A 235 14.61 20.68 -36.34
N TYR A 236 13.77 21.66 -36.06
CA TYR A 236 14.15 23.05 -36.15
C TYR A 236 14.39 23.66 -34.78
N THR A 237 15.01 24.83 -34.78
CA THR A 237 15.30 25.60 -33.57
C THR A 237 14.03 25.98 -32.78
N THR A 238 12.90 26.05 -33.49
CA THR A 238 11.58 26.02 -32.87
C THR A 238 10.54 25.59 -33.93
N ASP A 239 9.27 25.47 -33.55
CA ASP A 239 8.22 25.18 -34.52
C ASP A 239 8.19 26.27 -35.62
N PRO A 240 8.56 25.90 -36.87
CA PRO A 240 8.56 26.89 -37.96
C PRO A 240 7.18 27.48 -38.29
N ARG A 241 6.11 26.79 -37.88
CA ARG A 241 4.76 27.32 -37.97
C ARG A 241 4.46 28.44 -36.98
N LEU A 242 5.24 28.53 -35.91
CA LEU A 242 5.13 29.63 -34.96
C LEU A 242 6.11 30.77 -35.25
N VAL A 243 7.34 30.41 -35.63
CA VAL A 243 8.41 31.38 -35.86
C VAL A 243 9.09 31.05 -37.19
N PRO A 244 8.61 31.67 -38.28
CA PRO A 244 9.17 31.52 -39.64
C PRO A 244 10.69 31.59 -39.78
N THR A 245 11.39 32.27 -38.86
CA THR A 245 12.86 32.31 -38.89
C THR A 245 13.55 31.10 -38.21
N ALA A 246 12.79 30.05 -37.94
CA ALA A 246 13.31 28.82 -37.36
C ALA A 246 14.28 28.17 -38.35
N ARG A 247 15.37 27.66 -37.81
CA ARG A 247 16.42 27.03 -38.61
C ARG A 247 16.50 25.53 -38.33
N ARG A 248 16.72 24.76 -39.39
CA ARG A 248 17.07 23.36 -39.27
C ARG A 248 18.35 23.15 -38.46
N ILE A 249 18.29 22.17 -37.54
CA ILE A 249 19.45 21.72 -36.76
C ILE A 249 19.95 20.41 -37.41
N PRO A 250 21.11 20.44 -38.08
CA PRO A 250 21.66 19.25 -38.76
C PRO A 250 21.84 18.01 -37.89
N LYS A 251 22.28 18.20 -36.65
CA LYS A 251 22.64 17.11 -35.75
C LYS A 251 22.16 17.35 -34.32
N LEU A 252 21.50 16.35 -33.73
CA LEU A 252 21.10 16.38 -32.31
C LEU A 252 21.47 15.10 -31.59
N SER A 253 21.86 15.20 -30.31
CA SER A 253 21.97 14.01 -29.49
C SER A 253 20.59 13.42 -29.15
N TYR A 254 20.58 12.18 -28.71
CA TYR A 254 19.35 11.54 -28.28
C TYR A 254 18.67 12.29 -27.16
N ILE A 255 19.43 12.70 -26.15
CA ILE A 255 18.84 13.33 -24.98
C ILE A 255 18.24 14.72 -25.32
N GLU A 256 18.90 15.47 -26.21
CA GLU A 256 18.40 16.79 -26.65
C GLU A 256 17.10 16.63 -27.43
N ALA A 257 17.07 15.66 -28.34
CA ALA A 257 15.89 15.39 -29.15
C ALA A 257 14.72 14.82 -28.30
N MET A 258 15.05 13.96 -27.35
CA MET A 258 14.06 13.40 -26.42
C MET A 258 13.44 14.47 -25.49
N GLU A 259 14.27 15.31 -24.88
CA GLU A 259 13.79 16.44 -24.06
C GLU A 259 12.90 17.41 -24.85
N LEU A 260 13.32 17.77 -26.05
CA LEU A 260 12.52 18.63 -26.94
C LEU A 260 11.19 18.03 -27.35
N ALA A 261 11.22 16.77 -27.78
CA ALA A 261 10.00 16.03 -28.13
C ALA A 261 9.04 15.97 -26.93
N TYR A 262 9.55 15.49 -25.81
CA TYR A 262 8.82 15.45 -24.55
C TYR A 262 8.22 16.79 -24.15
N PHE A 263 8.94 17.88 -24.39
CA PHE A 263 8.46 19.21 -23.99
C PHE A 263 7.84 20.02 -25.14
N GLY A 264 7.38 19.33 -26.17
CA GLY A 264 6.52 19.99 -27.17
C GLY A 264 6.92 19.99 -28.64
N ALA A 265 8.12 19.52 -28.98
CA ALA A 265 8.50 19.45 -30.39
C ALA A 265 7.74 18.32 -31.11
N LYS A 266 6.58 18.68 -31.64
CA LYS A 266 5.63 17.73 -32.23
C LYS A 266 6.23 16.78 -33.27
N VAL A 267 7.29 17.24 -33.96
CA VAL A 267 7.97 16.47 -35.00
C VAL A 267 8.29 15.04 -34.61
N LEU A 268 8.59 14.82 -33.33
CA LEU A 268 8.87 13.47 -32.81
C LEU A 268 8.06 13.18 -31.57
N HIS A 269 7.37 12.05 -31.59
CA HIS A 269 6.84 11.48 -30.36
C HIS A 269 8.00 11.28 -29.39
N PRO A 270 7.84 11.72 -28.13
CA PRO A 270 8.91 11.55 -27.13
C PRO A 270 9.44 10.10 -26.95
N ARG A 271 8.59 9.10 -27.16
CA ARG A 271 9.02 7.70 -26.97
C ARG A 271 9.81 7.16 -28.15
N THR A 272 9.91 7.96 -29.22
CA THR A 272 10.70 7.59 -30.39
C THR A 272 12.16 7.35 -30.04
N ILE A 273 12.70 8.13 -29.11
CA ILE A 273 14.14 8.13 -28.90
C ILE A 273 14.70 6.93 -28.13
N GLU A 274 14.01 6.52 -27.07
CA GLU A 274 14.53 5.46 -26.20
C GLU A 274 15.01 4.18 -26.91
N PRO A 275 14.14 3.54 -27.73
CA PRO A 275 14.57 2.29 -28.37
C PRO A 275 15.76 2.50 -29.32
N ALA A 276 15.74 3.59 -30.07
CA ALA A 276 16.86 3.97 -30.95
C ALA A 276 18.15 4.19 -30.16
N MET A 277 18.04 4.91 -29.05
CA MET A 277 19.14 5.28 -28.19
C MET A 277 19.81 4.07 -27.58
N GLU A 278 18.99 3.15 -27.07
CA GLU A 278 19.54 2.03 -26.32
C GLU A 278 20.24 0.99 -27.21
N LYS A 279 19.93 1.00 -28.51
CA LYS A 279 20.67 0.21 -29.49
C LYS A 279 21.63 1.05 -30.35
N GLY A 280 21.64 2.37 -30.14
CA GLY A 280 22.55 3.24 -30.88
C GLY A 280 22.19 3.35 -32.35
N ILE A 281 20.89 3.23 -32.64
CA ILE A 281 20.39 3.35 -34.02
C ILE A 281 20.13 4.84 -34.34
N PRO A 282 20.77 5.35 -35.41
CA PRO A 282 20.55 6.73 -35.77
C PRO A 282 19.11 7.00 -36.23
N ILE A 283 18.60 8.20 -35.91
CA ILE A 283 17.32 8.65 -36.42
C ILE A 283 17.57 9.80 -37.40
N LEU A 284 17.06 9.64 -38.62
CA LEU A 284 17.19 10.69 -39.62
C LEU A 284 15.81 11.26 -39.89
N VAL A 285 15.66 12.56 -39.65
CA VAL A 285 14.37 13.25 -39.82
C VAL A 285 14.40 14.05 -41.11
N LYS A 286 13.48 13.73 -42.00
CA LYS A 286 13.52 14.24 -43.36
C LYS A 286 12.19 14.83 -43.82
N ASN A 287 12.23 15.59 -44.91
CA ASN A 287 11.02 16.23 -45.49
C ASN A 287 10.58 15.51 -46.75
N THR A 288 9.36 14.96 -46.75
CA THR A 288 8.90 14.27 -47.95
C THR A 288 8.63 15.22 -49.12
N PHE A 289 8.33 16.48 -48.83
CA PHE A 289 8.17 17.49 -49.87
C PHE A 289 9.49 18.17 -50.30
N GLU A 290 10.59 17.83 -49.63
CA GLU A 290 11.92 18.32 -49.98
C GLU A 290 12.96 17.20 -49.72
N PRO A 291 12.86 16.10 -50.48
CA PRO A 291 13.59 14.88 -50.12
C PRO A 291 15.11 15.03 -50.26
N GLU A 292 15.56 16.09 -50.92
CA GLU A 292 16.98 16.30 -51.15
C GLU A 292 17.71 17.05 -50.03
N SER A 293 16.96 17.62 -49.08
CA SER A 293 17.53 18.25 -47.90
C SER A 293 18.09 17.23 -46.92
N GLU A 294 19.19 17.59 -46.25
CA GLU A 294 19.91 16.69 -45.33
C GLU A 294 19.13 16.29 -44.08
N GLY A 295 18.16 17.11 -43.70
CA GLY A 295 17.37 16.90 -42.50
C GLY A 295 18.17 16.97 -41.21
N THR A 296 17.71 16.23 -40.21
CA THR A 296 18.35 16.21 -38.90
C THR A 296 18.75 14.78 -38.57
N LEU A 297 20.01 14.59 -38.18
CA LEU A 297 20.53 13.27 -37.78
C LEU A 297 20.68 13.20 -36.27
N ILE A 298 19.99 12.24 -35.66
CA ILE A 298 19.98 12.06 -34.21
C ILE A 298 20.81 10.83 -33.85
N THR A 299 21.88 11.06 -33.08
CA THR A 299 22.85 10.03 -32.70
C THR A 299 23.34 10.28 -31.27
N ASN A 300 24.42 9.59 -30.90
CA ASN A 300 25.07 9.78 -29.59
C ASN A 300 25.94 11.04 -29.50
N ASP A 301 26.42 11.53 -30.64
CA ASP A 301 27.23 12.73 -30.71
C ASP A 301 26.56 13.91 -29.96
N MET A 302 27.32 14.54 -29.07
CA MET A 302 26.85 15.71 -28.35
C MET A 302 27.85 16.86 -28.47
N GLU A 303 27.34 18.01 -28.91
CA GLU A 303 28.17 19.19 -29.12
C GLU A 303 27.52 20.41 -28.53
N MET A 304 28.28 21.18 -27.75
CA MET A 304 27.77 22.44 -27.22
C MET A 304 27.81 23.54 -28.29
N SER A 305 26.80 24.41 -28.29
CA SER A 305 26.83 25.60 -29.12
C SER A 305 27.24 26.79 -28.26
N ASP A 306 27.81 27.81 -28.90
CA ASP A 306 28.30 28.99 -28.22
C ASP A 306 27.26 29.65 -27.34
N SER A 307 26.01 29.66 -27.79
CA SER A 307 24.97 30.34 -27.03
C SER A 307 24.17 29.41 -26.11
N ILE A 308 24.50 28.11 -26.11
CA ILE A 308 23.83 27.10 -25.26
C ILE A 308 22.33 27.37 -25.28
N VAL A 309 21.58 26.53 -25.96
CA VAL A 309 20.19 26.80 -26.33
C VAL A 309 20.27 26.68 -27.83
N LYS A 310 19.84 25.50 -28.26
CA LYS A 310 19.84 25.10 -29.63
C LYS A 310 18.43 25.18 -30.13
N ALA A 311 17.48 25.16 -29.18
CA ALA A 311 16.07 24.99 -29.51
C ALA A 311 15.12 25.31 -28.33
N ILE A 312 13.93 25.79 -28.70
CA ILE A 312 12.86 26.19 -27.81
C ILE A 312 11.61 25.39 -28.22
N SER A 313 11.01 24.67 -27.27
CA SER A 313 9.73 23.99 -27.51
C SER A 313 8.65 24.52 -26.58
N THR A 314 7.39 24.32 -26.94
CA THR A 314 6.29 24.72 -26.07
C THR A 314 5.24 23.63 -25.91
N ILE A 315 4.59 23.59 -24.74
CA ILE A 315 3.36 22.83 -24.57
C ILE A 315 2.24 23.78 -24.16
N LYS A 316 1.16 23.75 -24.93
CA LYS A 316 0.00 24.59 -24.72
C LYS A 316 -1.10 23.88 -23.90
N ASN A 317 -1.32 22.60 -24.15
CA ASN A 317 -2.42 21.88 -23.50
C ASN A 317 -2.03 21.34 -22.13
N VAL A 318 -1.67 22.26 -21.23
CA VAL A 318 -1.27 21.95 -19.85
C VAL A 318 -2.00 22.86 -18.84
N ALA A 319 -2.03 22.45 -17.58
CA ALA A 319 -2.58 23.27 -16.51
C ALA A 319 -1.60 23.36 -15.35
N LEU A 320 -1.64 24.48 -14.63
CA LEU A 320 -0.80 24.71 -13.47
C LEU A 320 -1.59 24.46 -12.19
N ILE A 321 -1.28 23.36 -11.51
CA ILE A 321 -1.92 23.04 -10.26
C ILE A 321 -1.00 23.48 -9.12
N ASN A 322 -1.52 24.38 -8.28
CA ASN A 322 -0.87 24.73 -7.05
C ASN A 322 -1.57 24.12 -5.84
N ILE A 323 -0.86 23.23 -5.18
CA ILE A 323 -1.37 22.62 -3.97
C ILE A 323 -0.84 23.42 -2.80
N PHE A 324 -1.77 23.93 -1.98
CA PHE A 324 -1.43 24.67 -0.77
C PHE A 324 -1.33 23.74 0.45
N GLY A 325 -0.17 23.75 1.08
CA GLY A 325 0.10 22.92 2.26
C GLY A 325 -0.50 23.52 3.52
N ALA A 326 -0.72 22.69 4.53
CA ALA A 326 -1.26 23.14 5.81
C ALA A 326 -0.21 23.78 6.74
N GLY A 327 1.02 23.94 6.24
CA GLY A 327 2.13 24.47 7.03
C GLY A 327 3.33 23.56 7.00
N MET A 328 4.14 23.59 8.06
CA MET A 328 5.27 22.68 8.16
C MET A 328 4.87 21.28 8.61
N VAL A 329 4.35 20.52 7.66
CA VAL A 329 3.68 19.26 7.92
C VAL A 329 4.52 18.06 7.46
N GLY A 330 5.68 18.35 6.87
CA GLY A 330 6.57 17.35 6.29
C GLY A 330 6.38 17.26 4.79
N VAL A 331 7.36 17.73 4.03
CA VAL A 331 7.23 17.70 2.55
C VAL A 331 7.30 16.30 1.93
N SER A 332 8.28 15.49 2.31
CA SER A 332 8.38 14.14 1.75
C SER A 332 7.10 13.34 2.03
N GLY A 333 6.57 13.51 3.23
CA GLY A 333 5.35 12.84 3.67
C GLY A 333 4.11 13.32 2.96
N THR A 334 3.98 14.64 2.77
CA THR A 334 2.82 15.15 2.02
C THR A 334 2.97 14.91 0.52
N ALA A 335 4.19 15.09 -0.01
CA ALA A 335 4.51 14.67 -1.37
C ALA A 335 4.15 13.19 -1.63
N ALA A 336 4.44 12.34 -0.65
CA ALA A 336 4.14 10.91 -0.76
C ALA A 336 2.66 10.66 -1.07
N ARG A 337 1.80 11.37 -0.36
CA ARG A 337 0.36 11.17 -0.49
C ARG A 337 -0.24 11.82 -1.74
N ILE A 338 0.30 12.99 -2.12
CA ILE A 338 -0.07 13.68 -3.36
C ILE A 338 0.24 12.86 -4.63
N PHE A 339 1.48 12.36 -4.76
CA PHE A 339 1.88 11.60 -5.95
C PHE A 339 1.33 10.17 -5.99
N LYS A 340 0.96 9.64 -4.82
CA LYS A 340 0.23 8.38 -4.74
C LYS A 340 -1.17 8.54 -5.37
N ALA A 341 -1.90 9.55 -4.90
CA ALA A 341 -3.23 9.90 -5.41
C ALA A 341 -3.21 10.17 -6.92
N LEU A 342 -2.25 10.97 -7.39
CA LEU A 342 -2.14 11.29 -8.81
C LEU A 342 -1.71 10.09 -9.66
N GLY A 343 -0.81 9.28 -9.11
CA GLY A 343 -0.33 8.06 -9.77
C GLY A 343 -1.43 7.02 -9.92
N GLU A 344 -2.28 6.92 -8.89
CA GLU A 344 -3.41 6.02 -8.90
C GLU A 344 -4.46 6.41 -9.93
N GLU A 345 -4.58 7.72 -10.17
CA GLU A 345 -5.54 8.23 -11.15
C GLU A 345 -4.90 8.40 -12.52
N GLU A 346 -3.67 7.88 -12.67
CA GLU A 346 -2.90 7.99 -13.92
C GLU A 346 -2.80 9.42 -14.44
N VAL A 347 -2.61 10.37 -13.52
CA VAL A 347 -2.39 11.76 -13.88
C VAL A 347 -0.96 11.97 -14.37
N ASN A 348 -0.85 12.54 -15.57
CA ASN A 348 0.42 12.87 -16.20
C ASN A 348 0.98 14.18 -15.67
N VAL A 349 1.95 14.10 -14.77
CA VAL A 349 2.67 15.30 -14.33
C VAL A 349 3.93 15.58 -15.16
N ILE A 350 4.07 16.83 -15.57
CA ILE A 350 5.05 17.27 -16.54
C ILE A 350 6.20 17.99 -15.82
N LEU A 351 5.88 18.68 -14.73
CA LEU A 351 6.80 19.58 -14.03
C LEU A 351 6.43 19.61 -12.56
N ILE A 352 7.46 19.65 -11.70
CA ILE A 352 7.30 19.74 -10.24
C ILE A 352 8.30 20.74 -9.67
N SER A 353 7.81 21.62 -8.80
CA SER A 353 8.66 22.49 -8.00
C SER A 353 8.11 22.58 -6.59
N GLN A 354 8.97 22.35 -5.60
CA GLN A 354 8.63 22.59 -4.20
C GLN A 354 9.75 23.34 -3.51
N GLY A 355 9.38 24.38 -2.76
CA GLY A 355 10.33 25.26 -2.11
C GLY A 355 9.55 26.27 -1.31
N SER A 356 8.92 25.79 -0.25
CA SER A 356 7.93 26.53 0.52
C SER A 356 7.89 26.05 1.97
N SER A 357 7.99 26.98 2.91
CA SER A 357 7.81 26.67 4.33
C SER A 357 6.39 26.19 4.68
N GLU A 358 5.46 26.34 3.75
CA GLU A 358 4.08 25.96 3.98
C GLU A 358 3.76 24.59 3.39
N THR A 359 4.77 23.94 2.82
CA THR A 359 4.61 22.68 2.10
C THR A 359 3.67 22.83 0.89
N ASN A 360 3.70 24.01 0.27
CA ASN A 360 3.09 24.19 -1.05
C ASN A 360 3.88 23.41 -2.10
N ILE A 361 3.18 22.98 -3.13
CA ILE A 361 3.84 22.34 -4.26
C ILE A 361 3.19 22.74 -5.59
N SER A 362 4.04 23.10 -6.54
CA SER A 362 3.60 23.47 -7.88
C SER A 362 3.71 22.26 -8.79
N LEU A 363 2.66 22.05 -9.59
CA LEU A 363 2.62 20.93 -10.53
C LEU A 363 2.08 21.39 -11.86
N VAL A 364 2.72 20.92 -12.94
CA VAL A 364 2.16 21.04 -14.27
C VAL A 364 1.66 19.67 -14.69
N VAL A 365 0.41 19.59 -15.09
CA VAL A 365 -0.17 18.36 -15.65
C VAL A 365 -0.84 18.64 -17.00
N SER A 366 -1.11 17.59 -17.78
CA SER A 366 -1.90 17.72 -19.02
C SER A 366 -3.26 18.33 -18.71
N GLU A 367 -3.71 19.23 -19.58
CA GLU A 367 -4.97 19.95 -19.35
C GLU A 367 -6.21 19.04 -19.26
N GLU A 368 -6.12 17.87 -19.87
CA GLU A 368 -7.21 16.86 -19.86
C GLU A 368 -7.31 16.15 -18.50
N ASP A 369 -6.23 16.18 -17.73
CA ASP A 369 -6.11 15.42 -16.49
C ASP A 369 -6.48 16.19 -15.23
N VAL A 370 -6.86 17.46 -15.39
CA VAL A 370 -7.15 18.34 -14.25
C VAL A 370 -8.22 17.78 -13.31
N ASP A 371 -9.32 17.31 -13.88
CA ASP A 371 -10.45 16.76 -13.12
C ASP A 371 -10.13 15.43 -12.44
N LYS A 372 -9.46 14.53 -13.17
CA LYS A 372 -8.84 13.34 -12.60
C LYS A 372 -8.05 13.69 -11.33
N ALA A 373 -7.13 14.65 -11.47
CA ALA A 373 -6.24 15.08 -10.39
C ALA A 373 -6.99 15.69 -9.19
N LEU A 374 -7.95 16.57 -9.45
CA LEU A 374 -8.71 17.20 -8.36
C LEU A 374 -9.56 16.19 -7.58
N LYS A 375 -10.14 15.23 -8.31
CA LYS A 375 -10.94 14.14 -7.72
C LYS A 375 -10.10 13.21 -6.84
N ALA A 376 -8.95 12.77 -7.35
CA ALA A 376 -7.99 11.96 -6.58
C ALA A 376 -7.47 12.64 -5.30
N LEU A 377 -7.11 13.92 -5.42
CA LEU A 377 -6.66 14.72 -4.29
C LEU A 377 -7.73 14.83 -3.20
N LYS A 378 -8.97 15.01 -3.59
CA LYS A 378 -10.09 15.07 -2.63
C LYS A 378 -10.39 13.71 -2.01
N ARG A 379 -10.13 12.65 -2.77
CA ARG A 379 -10.22 11.28 -2.25
C ARG A 379 -9.10 10.95 -1.26
N GLU A 380 -7.93 11.53 -1.46
CA GLU A 380 -6.78 11.27 -0.59
C GLU A 380 -6.82 12.04 0.73
N PHE A 381 -7.23 13.31 0.67
CA PHE A 381 -7.12 14.22 1.82
C PHE A 381 -8.46 14.64 2.47
N GLY A 382 -9.58 14.43 1.78
CA GLY A 382 -10.89 14.92 2.25
C GLY A 382 -11.04 16.42 1.99
N ASP A 383 -11.86 17.09 2.79
CA ASP A 383 -12.01 18.56 2.68
C ASP A 383 -11.22 19.32 3.75
N SER A 388 -5.91 25.12 11.87
CA SER A 388 -5.05 25.09 13.04
C SER A 388 -3.78 24.28 12.81
N PHE A 389 -2.69 24.72 13.45
CA PHE A 389 -1.41 24.00 13.44
C PHE A 389 -1.46 22.78 14.36
N LEU A 390 -2.38 22.80 15.33
CA LEU A 390 -2.58 21.69 16.26
C LEU A 390 -3.32 20.51 15.60
N ASN A 391 -3.76 20.73 14.36
CA ASN A 391 -4.47 19.73 13.58
C ASN A 391 -3.52 19.01 12.61
N ASN A 392 -3.64 17.69 12.52
CA ASN A 392 -2.78 16.89 11.63
C ASN A 392 -3.12 16.99 10.14
N ASN A 393 -3.75 18.09 9.76
CA ASN A 393 -4.02 18.45 8.37
C ASN A 393 -2.74 18.47 7.53
N LEU A 394 -2.82 18.01 6.28
CA LEU A 394 -1.71 18.09 5.34
C LEU A 394 -1.91 19.16 4.26
N ILE A 395 -3.13 19.29 3.76
CA ILE A 395 -3.43 20.21 2.64
C ILE A 395 -4.54 21.21 2.94
N ARG A 396 -4.23 22.48 2.70
CA ARG A 396 -5.15 23.58 2.93
C ARG A 396 -6.12 23.75 1.76
N ASP A 397 -5.59 23.76 0.54
CA ASP A 397 -6.37 24.05 -0.67
C ASP A 397 -5.62 23.76 -1.97
N VAL A 398 -6.34 23.77 -3.08
CA VAL A 398 -5.75 23.55 -4.39
C VAL A 398 -6.40 24.43 -5.47
N SER A 399 -5.57 25.15 -6.22
CA SER A 399 -6.07 25.94 -7.34
C SER A 399 -5.46 25.46 -8.65
N VAL A 400 -6.22 25.61 -9.72
CA VAL A 400 -5.74 25.27 -11.05
C VAL A 400 -5.78 26.49 -11.96
N ASP A 401 -4.80 26.57 -12.86
CA ASP A 401 -4.77 27.57 -13.92
C ASP A 401 -4.55 26.87 -15.26
N LYS A 402 -5.55 26.95 -16.13
CA LYS A 402 -5.50 26.32 -17.45
C LYS A 402 -4.99 27.30 -18.53
N ASP A 403 -4.99 28.58 -18.19
CA ASP A 403 -4.53 29.65 -19.09
C ASP A 403 -3.03 29.86 -19.00
N VAL A 404 -2.32 28.79 -19.30
CA VAL A 404 -0.93 28.61 -18.96
C VAL A 404 -0.26 27.76 -20.05
N CYS A 405 1.04 27.97 -20.27
CA CYS A 405 1.82 27.09 -21.14
C CYS A 405 3.17 26.79 -20.52
N VAL A 406 3.81 25.71 -20.96
CA VAL A 406 5.19 25.41 -20.59
C VAL A 406 6.13 25.74 -21.75
N ILE A 407 7.17 26.51 -21.45
CA ILE A 407 8.24 26.77 -22.40
C ILE A 407 9.51 26.07 -21.92
N SER A 408 10.17 25.37 -22.85
CA SER A 408 11.43 24.69 -22.53
C SER A 408 12.52 25.09 -23.50
N VAL A 409 13.70 25.30 -22.93
CA VAL A 409 14.89 25.64 -23.67
C VAL A 409 15.86 24.47 -23.59
N VAL A 410 16.34 23.99 -24.74
CA VAL A 410 17.15 22.77 -24.78
C VAL A 410 18.51 22.99 -25.46
N GLY A 411 19.55 22.41 -24.87
CA GLY A 411 20.85 22.31 -25.53
C GLY A 411 21.92 21.65 -24.68
N ALA A 412 22.86 20.99 -25.35
CA ALA A 412 23.97 20.29 -24.66
C ALA A 412 24.65 21.24 -23.68
N GLY A 413 24.93 20.75 -22.48
CA GLY A 413 25.63 21.53 -21.48
C GLY A 413 24.85 22.62 -20.77
N MET A 414 23.53 22.63 -20.92
CA MET A 414 22.64 23.61 -20.28
C MET A 414 22.83 23.77 -18.78
N ARG A 415 22.82 22.65 -18.06
CA ARG A 415 22.86 22.64 -16.61
C ARG A 415 24.20 23.11 -16.05
N GLY A 416 25.29 22.70 -16.68
CA GLY A 416 26.62 23.10 -16.24
C GLY A 416 27.08 24.45 -16.75
N ALA A 417 26.26 25.10 -17.57
CA ALA A 417 26.65 26.39 -18.16
C ALA A 417 26.38 27.54 -17.20
N LYS A 418 27.45 28.26 -16.85
CA LYS A 418 27.39 29.45 -16.02
C LYS A 418 26.72 30.60 -16.78
N GLY A 419 25.76 31.25 -16.13
CA GLY A 419 25.10 32.44 -16.69
C GLY A 419 23.88 32.24 -17.57
N ILE A 420 23.56 31.01 -17.95
CA ILE A 420 22.52 30.77 -18.95
C ILE A 420 21.09 31.06 -18.44
N ALA A 421 20.82 30.68 -17.19
CA ALA A 421 19.54 30.93 -16.54
C ALA A 421 19.26 32.41 -16.47
N GLY A 422 20.26 33.19 -16.07
CA GLY A 422 20.16 34.63 -16.07
C GLY A 422 19.74 35.20 -17.41
N LYS A 423 20.41 34.75 -18.48
CA LYS A 423 20.13 35.20 -19.84
C LYS A 423 18.73 34.79 -20.33
N ILE A 424 18.33 33.55 -20.02
CA ILE A 424 17.02 33.03 -20.41
C ILE A 424 15.89 33.83 -19.76
N PHE A 425 16.02 34.08 -18.46
CA PHE A 425 14.93 34.68 -17.70
C PHE A 425 14.84 36.18 -17.86
N THR A 426 15.96 36.86 -18.15
CA THR A 426 15.84 38.28 -18.50
C THR A 426 15.17 38.44 -19.87
N ALA A 427 15.50 37.55 -20.81
CA ALA A 427 14.84 37.52 -22.12
C ALA A 427 13.33 37.33 -21.97
N VAL A 428 12.92 36.34 -21.18
CA VAL A 428 11.50 36.10 -20.86
C VAL A 428 10.81 37.36 -20.36
N SER A 429 11.50 38.10 -19.50
CA SER A 429 10.99 39.36 -18.97
C SER A 429 10.79 40.40 -20.07
N GLU A 430 11.74 40.48 -20.99
CA GLU A 430 11.69 41.47 -22.06
C GLU A 430 10.67 41.10 -23.12
N SER A 431 10.24 39.83 -23.13
CA SER A 431 9.14 39.39 -23.97
C SER A 431 7.81 39.95 -23.45
N GLY A 432 7.77 40.28 -22.17
CA GLY A 432 6.54 40.78 -21.53
C GLY A 432 5.81 39.68 -20.78
N ALA A 433 6.51 38.57 -20.56
CA ALA A 433 5.92 37.42 -19.88
C ALA A 433 6.17 37.49 -18.37
N ASN A 434 5.36 36.75 -17.61
CA ASN A 434 5.51 36.67 -16.16
C ASN A 434 5.59 35.20 -15.74
N ILE A 435 6.75 34.82 -15.20
CA ILE A 435 7.10 33.43 -14.88
C ILE A 435 6.43 32.93 -13.59
N LYS A 436 5.63 31.86 -13.74
CA LYS A 436 4.82 31.31 -12.68
C LYS A 436 5.45 30.08 -12.01
N MET A 437 6.39 29.47 -12.72
CA MET A 437 7.06 28.27 -12.24
C MET A 437 8.37 28.06 -13.01
N ILE A 438 9.43 27.69 -12.28
CA ILE A 438 10.70 27.30 -12.88
C ILE A 438 11.13 25.90 -12.44
N ALA A 439 11.56 25.09 -13.41
CA ALA A 439 12.21 23.81 -13.15
C ALA A 439 13.61 23.80 -13.77
N GLN A 440 14.62 23.61 -12.92
CA GLN A 440 16.00 23.44 -13.36
C GLN A 440 16.74 22.60 -12.32
N GLY A 441 17.61 21.71 -12.80
CA GLY A 441 18.40 20.84 -11.93
C GLY A 441 18.33 19.38 -12.35
N SER A 442 17.15 18.93 -12.73
CA SER A 442 16.92 17.50 -12.97
C SER A 442 17.33 17.07 -14.36
N SER A 443 17.54 18.04 -15.24
CA SER A 443 17.98 17.75 -16.60
C SER A 443 19.31 18.40 -16.93
N GLU A 444 20.13 17.64 -17.64
CA GLU A 444 21.43 18.06 -18.14
C GLU A 444 21.33 19.10 -19.26
N VAL A 445 20.24 19.04 -20.03
CA VAL A 445 20.12 19.82 -21.27
C VAL A 445 18.87 20.74 -21.36
N ASN A 446 18.05 20.75 -20.31
CA ASN A 446 16.77 21.41 -20.37
C ASN A 446 16.50 22.37 -19.22
N ILE A 447 15.99 23.55 -19.56
CA ILE A 447 15.34 24.44 -18.58
C ILE A 447 13.90 24.70 -19.00
N SER A 448 12.97 24.48 -18.08
CA SER A 448 11.54 24.70 -18.34
C SER A 448 10.94 25.68 -17.34
N PHE A 449 9.93 26.42 -17.79
CA PHE A 449 9.21 27.41 -16.98
C PHE A 449 7.79 27.62 -17.48
N VAL A 450 6.93 28.14 -16.62
CA VAL A 450 5.53 28.36 -16.94
C VAL A 450 5.27 29.85 -17.10
N ILE A 451 4.49 30.21 -18.12
CA ILE A 451 4.02 31.59 -18.32
C ILE A 451 2.52 31.61 -18.66
N ASP A 452 1.92 32.80 -18.73
CA ASP A 452 0.53 32.92 -19.16
C ASP A 452 0.46 32.48 -20.62
N GLU A 453 -0.57 31.71 -20.95
CA GLU A 453 -0.77 31.19 -22.30
C GLU A 453 -0.74 32.25 -23.41
N LYS A 454 -1.28 33.44 -23.14
CA LYS A 454 -1.30 34.55 -24.12
C LYS A 454 0.08 35.08 -24.52
N ASP A 455 1.06 34.91 -23.64
CA ASP A 455 2.42 35.44 -23.86
C ASP A 455 3.32 34.48 -24.62
N LEU A 456 2.77 33.33 -25.02
CA LEU A 456 3.55 32.26 -25.63
C LEU A 456 4.34 32.68 -26.88
N LEU A 457 3.64 33.23 -27.87
CA LEU A 457 4.29 33.62 -29.13
C LEU A 457 5.40 34.64 -28.93
N ASN A 458 5.11 35.68 -28.16
CA ASN A 458 6.09 36.71 -27.87
C ASN A 458 7.33 36.14 -27.15
N CYS A 459 7.10 35.26 -26.18
CA CYS A 459 8.20 34.64 -25.44
C CYS A 459 9.11 33.77 -26.33
N VAL A 460 8.54 32.87 -27.11
CA VAL A 460 9.32 32.08 -28.08
C VAL A 460 10.11 32.96 -29.06
N ARG A 461 9.48 34.00 -29.60
CA ARG A 461 10.13 34.95 -30.52
C ARG A 461 11.34 35.64 -29.89
N LYS A 462 11.17 36.15 -28.67
CA LYS A 462 12.24 36.80 -27.93
C LYS A 462 13.41 35.86 -27.62
N LEU A 463 13.11 34.67 -27.12
CA LEU A 463 14.10 33.60 -26.92
C LEU A 463 14.84 33.25 -28.23
N HIS A 464 14.08 33.12 -29.31
CA HIS A 464 14.61 32.83 -30.63
C HIS A 464 15.54 33.94 -31.14
N GLU A 465 15.08 35.19 -31.06
CA GLU A 465 15.92 36.36 -31.39
C GLU A 465 17.27 36.30 -30.68
N LYS A 466 17.22 36.14 -29.35
CA LYS A 466 18.38 36.21 -28.47
C LYS A 466 19.40 35.07 -28.66
N PHE A 467 18.91 33.85 -28.77
CA PHE A 467 19.79 32.68 -28.77
C PHE A 467 20.12 32.10 -30.13
N ILE A 468 19.23 32.29 -31.09
CA ILE A 468 19.37 31.65 -32.40
C ILE A 468 19.78 32.65 -33.49
N GLU A 469 19.03 33.74 -33.60
CA GLU A 469 19.27 34.75 -34.62
C GLU A 469 20.46 35.65 -34.27
N LYS A 470 20.53 36.06 -33.01
CA LYS A 470 21.60 36.93 -32.44
C LYS A 470 21.70 38.34 -33.02
N THR B 2 -0.92 41.26 28.30
CA THR B 2 -0.19 39.96 28.32
C THR B 2 0.98 39.97 27.33
N THR B 3 2.18 40.08 27.88
CA THR B 3 3.41 40.07 27.09
C THR B 3 4.23 38.83 27.39
N VAL B 4 4.62 38.11 26.35
CA VAL B 4 5.60 37.01 26.47
C VAL B 4 6.98 37.43 25.94
N MET B 5 8.00 37.21 26.75
CA MET B 5 9.35 37.61 26.43
C MET B 5 10.28 36.42 26.46
N LYS B 6 10.84 36.11 25.30
CA LYS B 6 11.79 35.01 25.15
C LYS B 6 13.22 35.54 25.08
N PHE B 7 14.08 34.94 25.90
CA PHE B 7 15.50 35.29 25.89
C PHE B 7 16.39 34.13 25.43
N GLY B 8 17.33 34.45 24.54
CA GLY B 8 18.20 33.45 23.95
C GLY B 8 19.40 33.09 24.80
N GLY B 9 20.27 32.24 24.26
CA GLY B 9 21.41 31.71 25.00
C GLY B 9 22.46 32.75 25.31
N THR B 10 22.78 33.61 24.36
CA THR B 10 23.77 34.65 24.60
C THR B 10 23.23 35.72 25.53
N SER B 11 21.93 36.01 25.42
CA SER B 11 21.25 36.97 26.31
C SER B 11 21.30 36.58 27.77
N VAL B 12 21.31 35.28 28.04
CA VAL B 12 21.51 34.74 29.40
C VAL B 12 22.83 33.96 29.47
N GLY B 13 23.82 34.41 28.70
CA GLY B 13 25.09 33.72 28.53
C GLY B 13 26.11 33.88 29.64
N SER B 14 25.73 34.60 30.70
CA SER B 14 26.51 34.72 31.93
C SER B 14 25.61 35.21 33.06
N GLY B 15 26.10 35.16 34.30
CA GLY B 15 25.37 35.68 35.46
C GLY B 15 24.99 37.14 35.28
N GLU B 16 25.97 37.93 34.89
CA GLU B 16 25.79 39.37 34.62
C GLU B 16 24.65 39.60 33.60
N ARG B 17 24.73 38.91 32.45
CA ARG B 17 23.70 39.01 31.42
C ARG B 17 22.31 38.57 31.90
N ILE B 18 22.28 37.53 32.74
CA ILE B 18 21.03 37.04 33.34
C ILE B 18 20.35 38.12 34.18
N ARG B 19 21.16 38.91 34.89
CA ARG B 19 20.67 39.98 35.73
C ARG B 19 20.15 41.15 34.88
N HIS B 20 20.88 41.46 33.81
CA HIS B 20 20.46 42.47 32.84
C HIS B 20 19.11 42.11 32.21
N VAL B 21 18.93 40.81 31.93
CA VAL B 21 17.67 40.30 31.39
C VAL B 21 16.54 40.49 32.40
N ALA B 22 16.74 40.01 33.62
CA ALA B 22 15.76 40.18 34.70
C ALA B 22 15.42 41.66 34.88
N LYS B 23 16.37 42.53 34.55
CA LYS B 23 16.16 43.99 34.54
C LYS B 23 15.28 44.47 33.37
N ILE B 24 15.36 43.82 32.21
CA ILE B 24 14.42 44.10 31.12
C ILE B 24 13.00 43.63 31.49
N VAL B 25 12.91 42.42 32.03
CA VAL B 25 11.61 41.82 32.41
C VAL B 25 10.90 42.67 33.48
N THR B 26 11.61 43.06 34.52
CA THR B 26 11.01 43.87 35.58
C THR B 26 10.59 45.27 35.09
N LYS B 27 11.27 45.77 34.06
CA LYS B 27 10.90 47.03 33.42
C LYS B 27 9.61 46.90 32.59
N ARG B 28 9.44 45.76 31.92
CA ARG B 28 8.19 45.47 31.21
C ARG B 28 7.01 45.28 32.14
N LYS B 29 7.25 44.59 33.26
CA LYS B 29 6.24 44.32 34.27
C LYS B 29 5.47 45.59 34.69
N LYS B 30 6.17 46.72 34.69
CA LYS B 30 5.59 48.02 35.02
C LYS B 30 4.73 48.65 33.92
N GLU B 31 4.76 48.06 32.73
CA GLU B 31 3.92 48.50 31.60
C GLU B 31 2.78 47.51 31.40
N ASP B 32 3.12 46.23 31.38
CA ASP B 32 2.16 45.14 31.31
C ASP B 32 2.30 44.34 32.59
N ASP B 33 1.22 44.25 33.37
CA ASP B 33 1.27 43.51 34.62
C ASP B 33 1.32 42.00 34.40
N ASP B 34 1.01 41.57 33.17
CA ASP B 34 1.00 40.16 32.85
C ASP B 34 2.14 39.81 31.90
N VAL B 35 3.26 39.39 32.49
CA VAL B 35 4.46 39.04 31.74
C VAL B 35 4.87 37.59 31.96
N VAL B 36 5.07 36.84 30.88
CA VAL B 36 5.63 35.49 30.97
C VAL B 36 6.97 35.44 30.25
N VAL B 37 7.97 34.88 30.94
CA VAL B 37 9.30 34.75 30.40
C VAL B 37 9.53 33.33 29.87
N VAL B 38 10.09 33.26 28.65
CA VAL B 38 10.59 32.04 28.08
C VAL B 38 12.09 32.21 27.96
N VAL B 39 12.83 31.24 28.48
CA VAL B 39 14.29 31.31 28.48
C VAL B 39 14.93 30.04 27.88
N SER B 40 15.96 30.26 27.07
CA SER B 40 16.83 29.20 26.57
C SER B 40 17.92 28.84 27.56
N ALA B 41 18.58 27.72 27.27
CA ALA B 41 19.76 27.28 27.98
C ALA B 41 20.82 28.35 27.76
N MET B 42 21.74 28.48 28.71
CA MET B 42 22.87 29.35 28.53
C MET B 42 23.60 28.97 27.25
N SER B 43 24.20 29.97 26.65
CA SER B 43 24.96 29.84 25.42
C SER B 43 25.91 28.65 25.45
N GLU B 44 25.81 27.81 24.41
CA GLU B 44 26.69 26.67 24.18
C GLU B 44 26.44 25.42 25.08
N VAL B 45 25.58 25.50 26.10
CA VAL B 45 25.34 24.29 26.92
C VAL B 45 24.58 23.19 26.19
N THR B 46 23.58 23.54 25.38
CA THR B 46 22.88 22.52 24.60
C THR B 46 23.86 21.73 23.73
N ASN B 47 24.78 22.44 23.07
CA ASN B 47 25.82 21.79 22.25
C ASN B 47 26.71 20.82 23.02
N ALA B 48 27.11 21.26 24.21
CA ALA B 48 27.90 20.44 25.12
C ALA B 48 27.10 19.23 25.56
N LEU B 49 25.80 19.40 25.78
CA LEU B 49 24.93 18.28 26.17
C LEU B 49 24.77 17.24 25.07
N VAL B 50 24.66 17.70 23.82
CA VAL B 50 24.63 16.80 22.65
C VAL B 50 25.92 15.96 22.57
N GLU B 51 27.07 16.61 22.71
CA GLU B 51 28.33 15.89 22.56
C GLU B 51 28.63 14.90 23.71
N ILE B 52 28.20 15.23 24.92
CA ILE B 52 28.39 14.32 26.05
C ILE B 52 27.47 13.08 25.97
N SER B 53 26.30 13.23 25.33
CA SER B 53 25.39 12.11 25.08
C SER B 53 26.03 11.11 24.14
N GLN B 54 26.54 11.64 23.03
CA GLN B 54 27.21 10.84 22.03
C GLN B 54 28.44 10.19 22.64
N GLN B 55 29.20 10.96 23.42
CA GLN B 55 30.40 10.47 24.13
C GLN B 55 30.06 9.34 25.12
N ALA B 56 29.00 9.54 25.91
CA ALA B 56 28.53 8.54 26.87
C ALA B 56 28.10 7.24 26.19
N LEU B 57 27.47 7.36 25.02
CA LEU B 57 27.06 6.20 24.22
C LEU B 57 28.26 5.51 23.56
N ASP B 58 29.13 6.28 22.92
CA ASP B 58 30.18 5.73 22.04
C ASP B 58 31.36 5.09 22.78
N VAL B 59 32.13 5.90 23.50
CA VAL B 59 33.25 5.40 24.30
C VAL B 59 32.81 4.87 25.67
N ARG B 60 31.77 5.46 26.25
CA ARG B 60 31.15 5.01 27.52
C ARG B 60 32.06 5.20 28.75
N ASP B 61 32.80 6.31 28.78
CA ASP B 61 33.73 6.60 29.89
C ASP B 61 33.02 7.41 30.99
N ILE B 62 32.98 6.83 32.19
CA ILE B 62 32.30 7.44 33.35
C ILE B 62 33.06 8.66 33.91
N ALA B 63 34.39 8.65 33.77
CA ALA B 63 35.23 9.76 34.19
C ALA B 63 35.03 11.00 33.32
N LYS B 64 34.82 10.78 32.02
CA LYS B 64 34.51 11.85 31.08
C LYS B 64 33.14 12.48 31.34
N VAL B 65 32.21 11.66 31.82
CA VAL B 65 30.89 12.08 32.28
C VAL B 65 31.05 12.91 33.54
N GLY B 66 31.90 12.42 34.44
CA GLY B 66 32.25 13.13 35.67
C GLY B 66 32.81 14.52 35.41
N ASP B 67 33.73 14.62 34.44
CA ASP B 67 34.31 15.92 34.07
C ASP B 67 33.25 16.87 33.55
N PHE B 68 32.23 16.34 32.88
CA PHE B 68 31.18 17.16 32.29
C PHE B 68 30.23 17.74 33.35
N ILE B 69 29.83 16.88 34.29
CA ILE B 69 29.01 17.30 35.43
C ILE B 69 29.69 18.46 36.18
N LYS B 70 31.01 18.39 36.30
CA LYS B 70 31.79 19.47 36.93
C LYS B 70 31.79 20.78 36.14
N PHE B 71 31.80 20.68 34.81
CA PHE B 71 31.69 21.84 33.93
C PHE B 71 30.33 22.51 34.11
N ILE B 72 29.28 21.69 34.05
CA ILE B 72 27.90 22.18 34.07
C ILE B 72 27.54 22.75 35.45
N ARG B 73 28.07 22.14 36.51
CA ARG B 73 27.94 22.67 37.88
C ARG B 73 28.70 23.99 38.05
N GLU B 74 29.98 24.01 37.67
CA GLU B 74 30.81 25.24 37.81
C GLU B 74 30.21 26.42 37.06
N LYS B 75 29.87 26.19 35.78
CA LYS B 75 29.23 27.18 34.93
C LYS B 75 28.02 27.84 35.60
N HIS B 76 27.12 27.01 36.13
CA HIS B 76 25.85 27.48 36.68
C HIS B 76 25.96 28.01 38.12
N TYR B 77 26.93 27.50 38.88
CA TYR B 77 27.29 28.08 40.19
C TYR B 77 27.83 29.49 40.02
N LYS B 78 28.73 29.67 39.03
CA LYS B 78 29.27 30.96 38.70
C LYS B 78 28.16 31.96 38.38
N ALA B 79 27.17 31.52 37.62
CA ALA B 79 26.07 32.37 37.17
C ALA B 79 25.16 32.83 38.30
N ILE B 80 24.94 31.95 39.27
CA ILE B 80 24.10 32.24 40.43
C ILE B 80 24.76 33.33 41.28
N GLU B 81 26.07 33.20 41.47
CA GLU B 81 26.87 34.15 42.23
C GLU B 81 26.98 35.50 41.52
N GLU B 82 26.80 35.50 40.21
CA GLU B 82 26.98 36.71 39.40
C GLU B 82 25.68 37.40 38.99
N ALA B 83 24.55 36.76 39.28
CA ALA B 83 23.24 37.30 38.91
C ALA B 83 22.41 37.77 40.11
N ILE B 84 22.72 37.25 41.29
CA ILE B 84 21.83 37.37 42.46
C ILE B 84 22.57 37.93 43.68
N LYS B 85 22.04 39.01 44.25
CA LYS B 85 22.59 39.61 45.48
C LYS B 85 22.27 38.79 46.74
N SER B 86 21.00 38.45 46.92
CA SER B 86 20.53 37.78 48.14
C SER B 86 21.14 36.39 48.35
N GLU B 87 21.88 36.24 49.45
CA GLU B 87 22.48 34.98 49.84
C GLU B 87 21.45 33.86 49.96
N GLU B 88 20.27 34.21 50.47
CA GLU B 88 19.16 33.27 50.64
C GLU B 88 18.71 32.70 49.31
N ILE B 89 18.49 33.58 48.34
CA ILE B 89 18.07 33.17 46.99
C ILE B 89 19.16 32.32 46.31
N LYS B 90 20.43 32.73 46.41
CA LYS B 90 21.55 31.95 45.88
C LYS B 90 21.56 30.50 46.39
N GLU B 91 21.32 30.33 47.68
CA GLU B 91 21.25 29.02 48.32
C GLU B 91 20.00 28.25 47.88
N GLU B 92 18.91 28.99 47.67
CA GLU B 92 17.64 28.49 47.18
C GLU B 92 17.77 27.96 45.74
N VAL B 93 18.38 28.77 44.88
CA VAL B 93 18.59 28.42 43.48
C VAL B 93 19.62 27.28 43.31
N LYS B 94 20.63 27.26 44.18
CA LYS B 94 21.68 26.25 44.16
C LYS B 94 21.15 24.84 44.44
N LYS B 95 20.20 24.73 45.37
CA LYS B 95 19.54 23.45 45.67
C LYS B 95 18.72 22.92 44.50
N ILE B 96 18.12 23.82 43.71
CA ILE B 96 17.41 23.43 42.49
C ILE B 96 18.42 22.91 41.46
N ILE B 97 19.50 23.66 41.27
CA ILE B 97 20.57 23.25 40.36
C ILE B 97 21.17 21.89 40.75
N ASP B 98 21.43 21.69 42.03
CA ASP B 98 21.99 20.45 42.57
C ASP B 98 21.13 19.22 42.32
N SER B 99 19.81 19.38 42.46
CA SER B 99 18.85 18.33 42.14
C SER B 99 18.89 17.96 40.67
N ARG B 100 19.06 18.97 39.80
CA ARG B 100 19.10 18.75 38.35
C ARG B 100 20.36 18.00 37.94
N ILE B 101 21.52 18.48 38.41
CA ILE B 101 22.81 17.82 38.20
C ILE B 101 22.78 16.34 38.58
N GLU B 102 22.20 16.02 39.74
CA GLU B 102 22.02 14.65 40.20
C GLU B 102 21.27 13.79 39.19
N GLU B 103 20.15 14.32 38.72
CA GLU B 103 19.32 13.65 37.71
C GLU B 103 20.10 13.49 36.39
N LEU B 104 20.87 14.51 36.04
CA LEU B 104 21.67 14.53 34.82
C LEU B 104 22.75 13.46 34.89
N GLU B 105 23.43 13.39 36.03
CA GLU B 105 24.52 12.43 36.23
C GLU B 105 24.00 11.01 36.13
N LYS B 106 22.83 10.75 36.74
CA LYS B 106 22.22 9.43 36.76
C LYS B 106 21.92 8.92 35.33
N VAL B 107 21.34 9.76 34.49
CA VAL B 107 21.04 9.39 33.10
C VAL B 107 22.30 9.09 32.29
N LEU B 108 23.34 9.90 32.48
CA LEU B 108 24.56 9.81 31.70
C LEU B 108 25.34 8.56 32.08
N ILE B 109 25.36 8.26 33.37
CA ILE B 109 25.91 6.99 33.84
C ILE B 109 25.07 5.81 33.33
N GLY B 110 23.74 5.95 33.45
CA GLY B 110 22.82 4.93 32.94
C GLY B 110 23.02 4.64 31.46
N VAL B 111 23.20 5.68 30.65
CA VAL B 111 23.50 5.58 29.21
C VAL B 111 24.82 4.81 28.93
N ALA B 112 25.84 5.07 29.75
CA ALA B 112 27.16 4.49 29.59
C ALA B 112 27.21 3.01 30.02
N TYR B 113 26.59 2.71 31.16
CA TYR B 113 26.38 1.34 31.63
C TYR B 113 25.56 0.49 30.65
N LEU B 114 24.48 1.07 30.14
CA LEU B 114 23.60 0.39 29.21
C LEU B 114 24.18 0.28 27.78
N GLY B 115 24.91 1.31 27.34
CA GLY B 115 25.48 1.31 26.00
C GLY B 115 24.45 1.64 24.94
N GLU B 116 23.41 2.34 25.37
CA GLU B 116 22.32 2.72 24.50
C GLU B 116 21.76 4.10 24.87
N LEU B 117 21.66 4.96 23.86
CA LEU B 117 21.07 6.28 24.00
C LEU B 117 19.87 6.33 23.09
N THR B 118 18.69 6.11 23.64
CA THR B 118 17.46 6.21 22.84
C THR B 118 17.09 7.68 22.63
N PRO B 119 16.24 7.97 21.63
CA PRO B 119 15.68 9.32 21.48
C PRO B 119 15.00 9.87 22.75
N LYS B 120 14.35 9.01 23.53
CA LYS B 120 13.77 9.39 24.83
C LYS B 120 14.85 9.88 25.80
N SER B 121 15.96 9.14 25.87
CA SER B 121 17.06 9.49 26.75
C SER B 121 17.80 10.75 26.31
N ARG B 122 17.95 10.91 24.98
CA ARG B 122 18.58 12.10 24.40
C ARG B 122 17.79 13.35 24.75
N ASP B 123 16.47 13.29 24.62
CA ASP B 123 15.59 14.44 24.91
C ASP B 123 15.67 14.88 26.36
N TYR B 124 15.80 13.92 27.25
CA TYR B 124 15.88 14.16 28.68
C TYR B 124 17.19 14.84 29.03
N ILE B 125 18.29 14.28 28.51
CA ILE B 125 19.63 14.87 28.64
C ILE B 125 19.68 16.30 28.10
N LEU B 126 19.18 16.53 26.88
CA LEU B 126 19.18 17.88 26.28
C LEU B 126 18.37 18.93 27.06
N SER B 127 17.28 18.49 27.69
CA SER B 127 16.40 19.38 28.46
C SER B 127 17.08 20.05 29.66
N PHE B 128 18.14 19.45 30.17
CA PHE B 128 18.83 20.00 31.33
C PHE B 128 19.34 21.43 31.14
N GLY B 129 19.60 21.83 29.89
CA GLY B 129 20.11 23.16 29.61
C GLY B 129 19.21 24.29 30.07
N GLU B 130 17.95 24.25 29.62
CA GLU B 130 16.90 25.17 30.03
C GLU B 130 16.47 24.98 31.50
N ARG B 131 16.52 23.74 31.98
CA ARG B 131 16.11 23.42 33.36
C ARG B 131 17.14 23.86 34.39
N LEU B 132 18.34 24.19 33.92
CA LEU B 132 19.41 24.73 34.77
C LEU B 132 19.43 26.25 34.71
N SER B 133 19.19 26.82 33.54
CA SER B 133 19.25 28.28 33.36
C SER B 133 17.99 29.01 33.86
N SER B 134 16.83 28.37 33.74
CA SER B 134 15.56 29.01 34.12
C SER B 134 15.39 29.37 35.60
N PRO B 135 15.89 28.52 36.54
CA PRO B 135 15.81 28.93 37.95
C PRO B 135 16.83 29.98 38.37
N ILE B 136 17.88 30.17 37.58
CA ILE B 136 18.84 31.25 37.79
C ILE B 136 18.23 32.60 37.35
N LEU B 137 17.55 32.63 36.21
CA LEU B 137 16.82 33.83 35.77
C LEU B 137 15.67 34.15 36.72
N SER B 138 14.93 33.11 37.12
CA SER B 138 13.80 33.28 38.02
C SER B 138 14.23 33.88 39.36
N GLY B 139 15.34 33.36 39.91
CA GLY B 139 15.88 33.85 41.18
C GLY B 139 16.37 35.29 41.12
N ALA B 140 16.88 35.69 39.94
CA ALA B 140 17.37 37.04 39.70
C ALA B 140 16.22 38.04 39.60
N ILE B 141 15.09 37.57 39.07
CA ILE B 141 13.85 38.34 39.05
C ILE B 141 13.33 38.57 40.49
N ARG B 142 13.47 37.54 41.32
CA ARG B 142 13.11 37.66 42.72
C ARG B 142 14.11 38.54 43.46
N ASP B 143 15.36 38.51 43.01
CA ASP B 143 16.42 39.33 43.59
C ASP B 143 16.21 40.82 43.30
N LEU B 144 15.41 41.10 42.28
CA LEU B 144 15.07 42.49 41.93
C LEU B 144 13.72 42.90 42.52
N GLY B 145 13.17 42.04 43.37
CA GLY B 145 11.98 42.37 44.16
C GLY B 145 10.65 41.89 43.63
N GLU B 146 10.67 41.15 42.51
CA GLU B 146 9.43 40.68 41.88
C GLU B 146 9.17 39.19 42.12
N LYS B 147 7.91 38.82 42.23
CA LYS B 147 7.53 37.40 42.38
C LYS B 147 7.84 36.60 41.11
N SER B 148 8.45 35.44 41.27
CA SER B 148 8.80 34.59 40.12
C SER B 148 9.03 33.12 40.47
N ILE B 149 8.60 32.24 39.58
CA ILE B 149 9.05 30.84 39.62
C ILE B 149 9.43 30.32 38.23
N ALA B 150 10.36 29.38 38.23
CA ALA B 150 10.76 28.64 37.04
C ALA B 150 9.85 27.42 36.84
N LEU B 151 9.34 27.28 35.61
CA LEU B 151 8.56 26.12 35.20
C LEU B 151 9.18 25.47 33.97
N GLU B 152 8.87 24.19 33.79
CA GLU B 152 9.16 23.47 32.57
C GLU B 152 8.02 23.67 31.57
N GLY B 153 8.34 23.46 30.30
CA GLY B 153 7.37 23.61 29.20
C GLY B 153 6.14 22.74 29.34
N GLY B 154 6.35 21.50 29.76
CA GLY B 154 5.23 20.58 30.02
C GLY B 154 4.29 21.01 31.13
N GLU B 155 4.86 21.31 32.30
CA GLU B 155 4.05 21.78 33.42
C GLU B 155 3.45 23.18 33.19
N ALA B 156 4.03 23.94 32.26
CA ALA B 156 3.43 25.18 31.78
C ALA B 156 2.39 24.97 30.66
N GLY B 157 2.15 23.72 30.26
CA GLY B 157 1.04 23.41 29.35
C GLY B 157 1.30 22.97 27.91
N ILE B 158 2.58 22.80 27.54
CA ILE B 158 2.93 22.30 26.20
C ILE B 158 3.01 20.77 26.15
N ILE B 159 1.95 20.16 25.64
CA ILE B 159 1.81 18.71 25.54
C ILE B 159 2.02 18.29 24.10
N THR B 160 2.87 17.30 23.92
CA THR B 160 3.34 16.89 22.61
C THR B 160 3.05 15.41 22.40
N ASP B 161 3.23 14.95 21.16
CA ASP B 161 3.32 13.52 20.89
C ASP B 161 4.67 13.06 21.41
N ASN B 162 5.00 11.79 21.24
CA ASN B 162 6.30 11.34 21.73
C ASN B 162 7.33 11.05 20.64
N ASN B 163 7.35 11.88 19.60
CA ASN B 163 8.41 11.82 18.61
C ASN B 163 9.65 12.57 19.15
N PHE B 164 10.35 11.91 20.07
CA PHE B 164 11.51 12.51 20.76
C PHE B 164 12.54 13.10 19.79
N GLY B 165 13.03 14.30 20.09
CA GLY B 165 13.98 15.02 19.22
C GLY B 165 13.34 16.14 18.41
N SER B 166 12.09 15.91 18.00
CA SER B 166 11.30 16.82 17.17
C SER B 166 9.85 16.45 17.41
N ALA B 167 9.37 16.69 18.63
CA ALA B 167 8.03 16.27 19.00
C ALA B 167 7.04 17.32 18.49
N ARG B 168 5.93 16.87 17.89
CA ARG B 168 4.89 17.82 17.51
C ARG B 168 3.95 18.13 18.67
N VAL B 169 3.64 19.42 18.81
CA VAL B 169 2.66 19.90 19.79
C VAL B 169 1.27 19.34 19.49
N LYS B 170 0.76 18.55 20.42
CA LYS B 170 -0.57 17.96 20.32
C LYS B 170 -1.68 18.84 20.92
N ARG B 171 -1.40 19.42 22.08
CA ARG B 171 -2.41 20.02 22.92
C ARG B 171 -1.79 21.12 23.79
N LEU B 172 -2.57 22.15 24.10
CA LEU B 172 -2.11 23.22 24.99
C LEU B 172 -2.99 23.38 26.24
N GLU B 173 -2.35 23.41 27.41
CA GLU B 173 -3.01 23.73 28.67
C GLU B 173 -2.34 24.96 29.31
N VAL B 174 -1.89 25.88 28.45
CA VAL B 174 -1.09 27.05 28.85
C VAL B 174 -1.89 28.02 29.72
N LYS B 175 -3.06 28.39 29.21
CA LYS B 175 -3.99 29.29 29.88
C LYS B 175 -4.38 28.72 31.24
N GLU B 176 -4.53 27.40 31.31
CA GLU B 176 -5.00 26.73 32.51
C GLU B 176 -3.97 26.75 33.63
N ARG B 177 -2.70 26.55 33.29
CA ARG B 177 -1.64 26.45 34.28
C ARG B 177 -0.99 27.80 34.62
N LEU B 178 -0.95 28.71 33.64
CA LEU B 178 -0.28 29.99 33.83
C LEU B 178 -1.16 31.11 34.38
N LEU B 179 -2.41 31.18 33.93
CA LEU B 179 -3.37 32.18 34.47
C LEU B 179 -3.41 32.29 36.01
N PRO B 180 -3.50 31.15 36.74
CA PRO B 180 -3.43 31.26 38.19
C PRO B 180 -2.15 31.91 38.71
N LEU B 181 -1.03 31.67 38.03
CA LEU B 181 0.23 32.28 38.45
C LEU B 181 0.24 33.78 38.26
N LEU B 182 -0.28 34.23 37.12
CA LEU B 182 -0.30 35.66 36.77
C LEU B 182 -1.30 36.42 37.65
N LYS B 183 -2.32 35.70 38.10
CA LYS B 183 -3.36 36.24 38.97
C LYS B 183 -2.78 36.69 40.30
N GLU B 184 -1.69 36.05 40.74
CA GLU B 184 -1.01 36.38 41.99
C GLU B 184 0.16 37.35 41.79
N GLY B 185 0.33 37.88 40.59
CA GLY B 185 1.44 38.79 40.26
C GLY B 185 2.78 38.13 39.94
N ILE B 186 2.82 36.81 39.94
CA ILE B 186 4.05 36.04 39.70
C ILE B 186 4.47 36.11 38.22
N ILE B 187 5.77 36.22 37.98
CA ILE B 187 6.33 36.10 36.63
C ILE B 187 6.87 34.69 36.39
N PRO B 188 6.13 33.86 35.64
CA PRO B 188 6.66 32.53 35.29
C PRO B 188 7.89 32.66 34.37
N VAL B 189 8.90 31.85 34.66
CA VAL B 189 10.07 31.71 33.80
C VAL B 189 10.03 30.28 33.26
N VAL B 190 9.61 30.18 32.01
CA VAL B 190 9.32 28.90 31.38
C VAL B 190 10.51 28.47 30.53
N THR B 191 10.91 27.21 30.65
CA THR B 191 11.93 26.62 29.78
C THR B 191 11.49 26.61 28.30
N GLY B 192 12.40 27.02 27.43
CA GLY B 192 12.18 27.12 25.98
C GLY B 192 11.88 25.89 25.13
N PHE B 193 12.87 25.10 24.73
CA PHE B 193 12.59 24.08 23.70
C PHE B 193 12.07 22.71 24.15
N ILE B 194 11.40 22.68 25.29
CA ILE B 194 10.88 21.42 25.82
C ILE B 194 9.38 21.39 26.03
N GLY B 195 8.81 20.21 25.82
CA GLY B 195 7.41 19.98 26.13
C GLY B 195 7.30 18.72 26.94
N THR B 196 6.07 18.24 27.08
CA THR B 196 5.84 16.99 27.79
C THR B 196 4.91 16.09 27.02
N THR B 197 5.20 14.81 27.12
CA THR B 197 4.33 13.75 26.66
C THR B 197 3.08 13.64 27.58
N GLU B 198 2.03 13.00 27.08
CA GLU B 198 0.82 12.75 27.87
C GLU B 198 1.08 12.01 29.19
N GLU B 199 2.22 11.33 29.29
CA GLU B 199 2.58 10.61 30.51
C GLU B 199 3.75 11.23 31.28
N GLY B 200 4.08 12.47 30.95
CA GLY B 200 5.11 13.22 31.65
C GLY B 200 6.54 13.04 31.19
N TYR B 201 6.74 12.41 30.03
CA TYR B 201 8.09 12.31 29.47
C TYR B 201 8.47 13.63 28.84
N ILE B 202 9.65 14.11 29.22
CA ILE B 202 10.20 15.36 28.70
C ILE B 202 10.62 15.13 27.27
N THR B 203 10.23 16.08 26.43
CA THR B 203 10.39 15.99 25.01
C THR B 203 11.03 17.31 24.54
N THR B 204 11.75 17.31 23.42
CA THR B 204 12.27 18.55 22.85
C THR B 204 11.57 18.91 21.53
N LEU B 205 11.59 20.19 21.17
CA LEU B 205 10.84 20.68 20.00
C LEU B 205 11.71 20.90 18.76
N GLY B 206 12.94 20.42 18.80
CA GLY B 206 13.85 20.64 17.68
C GLY B 206 14.76 21.82 17.99
N ARG B 207 15.97 21.77 17.47
CA ARG B 207 16.94 22.83 17.69
CA ARG B 207 16.94 22.82 17.68
C ARG B 207 16.35 24.18 17.30
N GLY B 208 16.57 25.17 18.16
CA GLY B 208 16.02 26.50 17.96
C GLY B 208 14.63 26.68 18.56
N GLY B 209 14.07 25.59 19.08
CA GLY B 209 12.66 25.53 19.50
C GLY B 209 12.18 26.45 20.62
N SER B 210 13.11 27.10 21.31
CA SER B 210 12.77 28.10 22.33
C SER B 210 11.97 29.30 21.79
N ASP B 211 12.18 29.67 20.52
CA ASP B 211 11.35 30.70 19.86
C ASP B 211 9.94 30.13 19.65
N TYR B 212 9.87 28.84 19.31
CA TYR B 212 8.59 28.19 19.07
C TYR B 212 7.75 28.13 20.35
N SER B 213 8.38 27.86 21.49
CA SER B 213 7.73 27.87 22.81
C SER B 213 7.07 29.20 23.14
N ALA B 214 7.74 30.29 22.79
CA ALA B 214 7.26 31.63 23.04
C ALA B 214 5.98 31.87 22.27
N ALA B 215 5.99 31.49 20.99
CA ALA B 215 4.83 31.58 20.12
C ALA B 215 3.70 30.69 20.65
N LEU B 216 4.05 29.50 21.13
CA LEU B 216 3.10 28.57 21.74
C LEU B 216 2.48 29.12 23.02
N ILE B 217 3.32 29.73 23.87
CA ILE B 217 2.84 30.31 25.11
C ILE B 217 2.03 31.57 24.83
N GLY B 218 2.44 32.34 23.82
CA GLY B 218 1.72 33.54 23.42
C GLY B 218 0.34 33.21 22.88
N TYR B 219 0.29 32.23 21.98
CA TYR B 219 -0.95 31.69 21.45
C TYR B 219 -1.94 31.25 22.56
N GLY B 220 -1.45 30.40 23.47
CA GLY B 220 -2.28 29.82 24.53
C GLY B 220 -2.83 30.86 25.50
N LEU B 221 -2.05 31.92 25.71
CA LEU B 221 -2.41 33.01 26.61
C LEU B 221 -3.23 34.11 25.95
N ASP B 222 -3.42 34.01 24.64
CA ASP B 222 -4.01 35.11 23.85
C ASP B 222 -3.23 36.39 24.11
N ALA B 223 -1.91 36.28 24.06
CA ALA B 223 -1.00 37.39 24.33
C ALA B 223 -1.22 38.56 23.36
N ASP B 224 -0.82 39.76 23.79
CA ASP B 224 -0.96 40.95 22.97
C ASP B 224 0.25 41.12 22.08
N ILE B 225 1.35 40.51 22.50
CA ILE B 225 2.61 40.56 21.76
C ILE B 225 3.50 39.40 22.18
N ILE B 226 4.29 38.89 21.24
CA ILE B 226 5.37 37.94 21.49
C ILE B 226 6.71 38.61 21.17
N GLU B 227 7.56 38.72 22.19
CA GLU B 227 8.82 39.42 22.07
C GLU B 227 10.01 38.48 22.11
N ILE B 228 10.71 38.40 20.97
CA ILE B 228 11.93 37.60 20.84
C ILE B 228 13.17 38.45 21.08
N TRP B 229 13.89 38.15 22.16
CA TRP B 229 15.09 38.89 22.53
C TRP B 229 16.32 38.04 22.19
N THR B 230 17.13 38.57 21.27
CA THR B 230 18.29 37.87 20.75
C THR B 230 19.52 38.81 20.80
N ASP B 231 20.55 38.54 20.00
CA ASP B 231 21.76 39.34 20.04
C ASP B 231 22.02 40.16 18.76
N VAL B 232 20.94 40.41 18.02
CA VAL B 232 20.92 41.28 16.85
C VAL B 232 19.62 42.07 16.93
N SER B 233 19.59 43.25 16.32
CA SER B 233 18.47 44.19 16.47
C SER B 233 17.35 43.94 15.48
N GLY B 234 16.79 42.73 15.52
CA GLY B 234 15.72 42.33 14.62
C GLY B 234 16.18 41.36 13.55
N VAL B 235 15.33 41.17 12.55
CA VAL B 235 15.70 40.39 11.36
C VAL B 235 16.40 41.34 10.40
N TYR B 236 17.54 40.88 9.86
CA TYR B 236 18.36 41.65 8.97
C TYR B 236 18.22 41.19 7.51
N THR B 237 18.72 42.01 6.58
CA THR B 237 18.68 41.72 5.14
C THR B 237 19.48 40.48 4.79
N THR B 238 20.40 40.10 5.66
CA THR B 238 20.98 38.76 5.68
C THR B 238 21.69 38.56 7.02
N ASP B 239 22.39 37.44 7.18
CA ASP B 239 23.14 37.16 8.41
C ASP B 239 24.28 38.19 8.53
N PRO B 240 24.20 39.07 9.56
CA PRO B 240 25.24 40.07 9.80
C PRO B 240 26.63 39.47 10.08
N ARG B 241 26.68 38.17 10.35
CA ARG B 241 27.93 37.40 10.48
C ARG B 241 28.52 37.01 9.13
N LEU B 242 27.69 37.01 8.08
CA LEU B 242 28.16 36.83 6.72
C LEU B 242 28.47 38.19 6.09
N VAL B 243 27.63 39.18 6.37
CA VAL B 243 27.73 40.49 5.74
C VAL B 243 27.55 41.58 6.80
N PRO B 244 28.67 42.14 7.31
CA PRO B 244 28.76 43.34 8.13
C PRO B 244 27.74 44.45 7.81
N THR B 245 27.61 44.83 6.53
CA THR B 245 26.72 45.92 6.11
C THR B 245 25.24 45.55 5.93
N ALA B 246 24.80 44.45 6.54
CA ALA B 246 23.41 44.05 6.52
C ALA B 246 22.54 45.06 7.30
N ARG B 247 21.32 45.29 6.81
CA ARG B 247 20.39 46.28 7.39
C ARG B 247 19.26 45.62 8.16
N ARG B 248 18.88 46.26 9.27
CA ARG B 248 17.67 45.89 10.01
C ARG B 248 16.44 46.12 9.12
N ILE B 249 15.56 45.13 9.05
CA ILE B 249 14.28 45.29 8.37
C ILE B 249 13.23 45.63 9.43
N PRO B 250 12.70 46.87 9.42
CA PRO B 250 11.75 47.35 10.42
C PRO B 250 10.47 46.52 10.56
N LYS B 251 9.92 46.08 9.43
CA LYS B 251 8.64 45.37 9.41
C LYS B 251 8.71 44.23 8.41
N LEU B 252 8.14 43.09 8.78
CA LEU B 252 8.03 41.97 7.89
C LEU B 252 6.63 41.37 8.04
N SER B 253 6.11 40.76 6.98
CA SER B 253 4.89 40.00 7.10
C SER B 253 5.16 38.60 7.68
N TYR B 254 4.11 37.94 8.15
CA TYR B 254 4.21 36.60 8.70
C TYR B 254 4.84 35.61 7.71
N ILE B 255 4.35 35.62 6.47
CA ILE B 255 4.88 34.68 5.46
C ILE B 255 6.32 34.98 5.04
N GLU B 256 6.69 36.26 4.92
CA GLU B 256 8.09 36.63 4.66
C GLU B 256 9.06 36.11 5.73
N ALA B 257 8.71 36.33 6.99
CA ALA B 257 9.52 35.90 8.13
C ALA B 257 9.67 34.39 8.17
N MET B 258 8.56 33.69 7.91
CA MET B 258 8.51 32.24 7.98
C MET B 258 9.39 31.62 6.89
N GLU B 259 9.35 32.18 5.68
CA GLU B 259 10.16 31.67 4.57
C GLU B 259 11.65 31.89 4.84
N LEU B 260 11.98 33.06 5.39
CA LEU B 260 13.36 33.37 5.77
C LEU B 260 13.91 32.41 6.83
N ALA B 261 13.19 32.28 7.94
CA ALA B 261 13.57 31.34 8.99
C ALA B 261 13.80 29.92 8.44
N TYR B 262 12.77 29.40 7.75
CA TYR B 262 12.77 28.08 7.17
C TYR B 262 13.95 27.87 6.22
N PHE B 263 14.26 28.91 5.44
CA PHE B 263 15.40 28.86 4.54
C PHE B 263 16.71 29.43 5.12
N GLY B 264 16.79 29.51 6.45
CA GLY B 264 18.08 29.63 7.13
C GLY B 264 18.38 30.84 7.98
N ALA B 265 17.42 31.76 8.09
CA ALA B 265 17.59 32.90 8.99
C ALA B 265 17.38 32.44 10.43
N LYS B 266 18.49 32.02 11.05
CA LYS B 266 18.54 31.50 12.42
C LYS B 266 17.81 32.30 13.51
N VAL B 267 17.74 33.63 13.35
CA VAL B 267 17.04 34.50 14.34
C VAL B 267 15.66 34.03 14.74
N LEU B 268 15.03 33.27 13.86
CA LEU B 268 13.73 32.70 14.13
C LEU B 268 13.69 31.24 13.71
N HIS B 269 13.19 30.42 14.62
CA HIS B 269 12.81 29.06 14.27
C HIS B 269 11.55 29.21 13.42
N PRO B 270 11.50 28.51 12.26
CA PRO B 270 10.34 28.64 11.36
C PRO B 270 8.96 28.46 12.03
N ARG B 271 8.87 27.56 13.03
CA ARG B 271 7.61 27.24 13.70
C ARG B 271 7.07 28.35 14.62
N THR B 272 7.91 29.33 14.93
CA THR B 272 7.51 30.54 15.65
C THR B 272 6.36 31.29 14.97
N ILE B 273 6.30 31.25 13.65
CA ILE B 273 5.36 32.07 12.92
C ILE B 273 3.90 31.56 13.00
N GLU B 274 3.69 30.27 12.80
CA GLU B 274 2.33 29.69 12.77
C GLU B 274 1.37 30.06 13.90
N PRO B 275 1.75 29.81 15.18
CA PRO B 275 0.85 30.19 16.26
C PRO B 275 0.53 31.69 16.28
N ALA B 276 1.57 32.53 16.12
CA ALA B 276 1.39 33.97 16.05
C ALA B 276 0.39 34.33 14.95
N MET B 277 0.68 33.89 13.73
CA MET B 277 -0.12 34.19 12.55
C MET B 277 -1.58 33.73 12.69
N GLU B 278 -1.79 32.61 13.37
CA GLU B 278 -3.12 32.06 13.62
C GLU B 278 -4.03 33.01 14.38
N LYS B 279 -3.50 33.66 15.42
CA LYS B 279 -4.33 34.55 16.23
C LYS B 279 -4.03 36.03 16.02
N GLY B 280 -3.25 36.32 14.98
CA GLY B 280 -2.87 37.70 14.66
C GLY B 280 -2.09 38.38 15.77
N ILE B 281 -1.28 37.60 16.49
CA ILE B 281 -0.44 38.13 17.56
C ILE B 281 0.88 38.59 16.93
N PRO B 282 1.21 39.87 17.12
CA PRO B 282 2.46 40.41 16.54
C PRO B 282 3.70 39.84 17.24
N ILE B 283 4.79 39.71 16.48
CA ILE B 283 6.10 39.30 17.01
C ILE B 283 7.10 40.44 16.88
N LEU B 284 7.76 40.76 17.98
CA LEU B 284 8.75 41.82 18.00
C LEU B 284 10.11 41.20 18.31
N VAL B 285 11.05 41.36 17.38
CA VAL B 285 12.40 40.83 17.53
C VAL B 285 13.33 41.96 17.95
N LYS B 286 13.98 41.77 19.08
CA LYS B 286 14.77 42.83 19.72
C LYS B 286 16.17 42.35 20.15
N ASN B 287 17.06 43.31 20.38
CA ASN B 287 18.42 43.04 20.81
C ASN B 287 18.52 43.29 22.31
N THR B 288 18.86 42.25 23.08
CA THR B 288 19.06 42.44 24.53
C THR B 288 20.28 43.31 24.84
N PHE B 289 21.25 43.32 23.92
CA PHE B 289 22.47 44.09 24.07
C PHE B 289 22.34 45.50 23.49
N GLU B 290 21.22 45.76 22.80
CA GLU B 290 20.90 47.07 22.24
C GLU B 290 19.41 47.36 22.42
N PRO B 291 18.94 47.38 23.69
CA PRO B 291 17.49 47.34 23.98
C PRO B 291 16.65 48.49 23.44
N GLU B 292 17.27 49.60 23.06
CA GLU B 292 16.52 50.76 22.61
C GLU B 292 16.26 50.77 21.10
N SER B 293 16.77 49.76 20.39
CA SER B 293 16.48 49.60 18.96
C SER B 293 15.04 49.10 18.74
N GLU B 294 14.39 49.64 17.71
CA GLU B 294 13.03 49.23 17.34
C GLU B 294 12.95 47.79 16.81
N GLY B 295 14.07 47.27 16.31
CA GLY B 295 14.12 45.89 15.81
C GLY B 295 13.11 45.61 14.71
N THR B 296 12.46 44.44 14.78
CA THR B 296 11.60 43.98 13.70
C THR B 296 10.20 43.58 14.13
N LEU B 297 9.20 44.24 13.55
CA LEU B 297 7.81 43.94 13.84
C LEU B 297 7.19 43.06 12.76
N ILE B 298 6.73 41.89 13.21
CA ILE B 298 6.18 40.87 12.32
C ILE B 298 4.67 40.74 12.51
N THR B 299 3.92 41.11 11.46
CA THR B 299 2.45 41.10 11.48
C THR B 299 1.89 40.63 10.12
N ASN B 300 0.59 40.85 9.91
CA ASN B 300 -0.06 40.56 8.62
C ASN B 300 0.19 41.64 7.56
N ASP B 301 0.63 42.83 8.00
CA ASP B 301 0.97 43.91 7.09
C ASP B 301 2.01 43.49 6.06
N MET B 302 1.67 43.66 4.78
CA MET B 302 2.60 43.34 3.69
C MET B 302 2.74 44.48 2.68
N GLU B 303 3.97 44.68 2.23
CA GLU B 303 4.34 45.80 1.36
C GLU B 303 5.53 45.42 0.49
N MET B 304 5.38 45.53 -0.82
CA MET B 304 6.48 45.30 -1.75
C MET B 304 7.58 46.36 -1.61
N SER B 305 8.81 45.90 -1.80
CA SER B 305 9.96 46.78 -1.97
C SER B 305 9.97 47.22 -3.44
N ASP B 306 10.62 48.35 -3.73
CA ASP B 306 10.81 48.80 -5.10
C ASP B 306 11.59 47.72 -5.86
N SER B 307 12.71 47.32 -5.28
CA SER B 307 13.50 46.23 -5.77
C SER B 307 13.03 45.03 -4.98
N ILE B 308 12.04 44.33 -5.52
CA ILE B 308 11.57 43.07 -4.94
C ILE B 308 12.87 42.38 -4.55
N VAL B 309 12.83 41.65 -3.45
CA VAL B 309 14.01 41.07 -2.79
C VAL B 309 14.36 41.96 -1.60
N LYS B 310 14.03 41.45 -0.42
CA LYS B 310 14.21 42.20 0.83
C LYS B 310 15.25 41.56 1.72
N ALA B 311 15.48 40.26 1.53
CA ALA B 311 16.41 39.50 2.36
C ALA B 311 16.98 38.28 1.65
N ILE B 312 18.15 37.84 2.11
CA ILE B 312 18.81 36.67 1.56
C ILE B 312 19.16 35.73 2.71
N SER B 313 18.79 34.47 2.57
CA SER B 313 19.16 33.46 3.58
C SER B 313 19.85 32.26 2.94
N THR B 314 20.62 31.55 3.76
CA THR B 314 21.38 30.39 3.29
C THR B 314 21.23 29.24 4.24
N ILE B 315 21.25 28.02 3.69
CA ILE B 315 21.49 26.80 4.45
C ILE B 315 22.71 26.08 3.85
N LYS B 316 23.72 25.85 4.70
CA LYS B 316 24.97 25.24 4.29
C LYS B 316 24.96 23.71 4.45
N ASN B 317 24.35 23.23 5.52
CA ASN B 317 24.38 21.81 5.84
C ASN B 317 23.28 21.04 5.11
N VAL B 318 23.43 20.99 3.80
CA VAL B 318 22.50 20.29 2.94
C VAL B 318 23.25 19.47 1.90
N ALA B 319 22.56 18.48 1.35
CA ALA B 319 23.08 17.75 0.22
C ALA B 319 22.11 17.91 -0.95
N LEU B 320 22.67 17.89 -2.15
CA LEU B 320 21.91 17.77 -3.39
C LEU B 320 21.90 16.30 -3.82
N ILE B 321 20.70 15.71 -3.85
CA ILE B 321 20.50 14.34 -4.30
C ILE B 321 19.82 14.38 -5.65
N ASN B 322 20.46 13.79 -6.66
CA ASN B 322 19.86 13.64 -7.98
C ASN B 322 19.51 12.18 -8.25
N ILE B 323 18.22 11.92 -8.47
CA ILE B 323 17.74 10.57 -8.76
C ILE B 323 17.58 10.44 -10.27
N PHE B 324 18.16 9.38 -10.82
CA PHE B 324 18.12 9.20 -12.26
C PHE B 324 17.05 8.18 -12.61
N GLY B 325 16.04 8.66 -13.34
CA GLY B 325 14.95 7.82 -13.82
C GLY B 325 15.38 6.90 -14.94
N ALA B 326 14.60 5.84 -15.13
CA ALA B 326 14.84 4.87 -16.20
C ALA B 326 14.13 5.23 -17.51
N GLY B 327 13.86 6.51 -17.73
CA GLY B 327 13.19 6.93 -18.97
C GLY B 327 11.78 7.41 -18.73
N MET B 328 10.92 7.24 -19.73
CA MET B 328 9.54 7.67 -19.59
C MET B 328 8.69 6.62 -18.87
N VAL B 329 8.90 6.55 -17.55
CA VAL B 329 8.31 5.52 -16.70
C VAL B 329 7.10 6.00 -15.88
N GLY B 330 6.74 7.26 -16.07
CA GLY B 330 5.60 7.87 -15.40
C GLY B 330 6.06 8.64 -14.18
N VAL B 331 6.06 9.98 -14.27
CA VAL B 331 6.62 10.79 -13.17
C VAL B 331 5.90 10.73 -11.84
N SER B 332 4.56 10.79 -11.82
CA SER B 332 3.86 10.78 -10.53
C SER B 332 3.93 9.45 -9.79
N GLY B 333 4.10 8.37 -10.54
CA GLY B 333 4.18 7.03 -9.98
C GLY B 333 5.50 6.77 -9.29
N THR B 334 6.61 7.14 -9.94
CA THR B 334 7.92 6.96 -9.33
C THR B 334 8.15 8.02 -8.24
N ALA B 335 7.60 9.22 -8.45
CA ALA B 335 7.61 10.23 -7.40
C ALA B 335 6.95 9.67 -6.15
N ALA B 336 5.83 8.98 -6.34
CA ALA B 336 5.09 8.35 -5.24
C ALA B 336 5.97 7.44 -4.41
N ARG B 337 6.72 6.57 -5.08
CA ARG B 337 7.61 5.61 -4.43
C ARG B 337 8.85 6.23 -3.77
N ILE B 338 9.42 7.24 -4.42
CA ILE B 338 10.54 8.02 -3.90
C ILE B 338 10.17 8.69 -2.57
N PHE B 339 9.04 9.39 -2.55
CA PHE B 339 8.67 10.16 -1.37
C PHE B 339 8.05 9.30 -0.27
N LYS B 340 7.41 8.20 -0.66
CA LYS B 340 6.99 7.18 0.31
C LYS B 340 8.19 6.70 1.11
N ALA B 341 9.21 6.20 0.40
CA ALA B 341 10.44 5.69 1.01
C ALA B 341 11.09 6.72 1.92
N LEU B 342 11.19 7.95 1.43
CA LEU B 342 11.81 9.05 2.16
C LEU B 342 10.98 9.47 3.38
N GLY B 343 9.66 9.52 3.21
CA GLY B 343 8.72 9.77 4.30
C GLY B 343 8.86 8.71 5.38
N GLU B 344 8.89 7.45 4.97
CA GLU B 344 9.05 6.30 5.88
C GLU B 344 10.32 6.41 6.71
N GLU B 345 11.39 6.94 6.11
CA GLU B 345 12.68 7.07 6.77
C GLU B 345 12.84 8.45 7.44
N GLU B 346 11.79 9.27 7.38
CA GLU B 346 11.76 10.59 8.02
C GLU B 346 12.82 11.56 7.48
N VAL B 347 13.12 11.43 6.19
CA VAL B 347 14.12 12.26 5.52
C VAL B 347 13.56 13.67 5.30
N ASN B 348 14.35 14.66 5.69
CA ASN B 348 13.97 16.05 5.57
C ASN B 348 14.34 16.65 4.20
N VAL B 349 13.37 16.72 3.29
CA VAL B 349 13.61 17.35 1.98
C VAL B 349 13.23 18.84 2.00
N ILE B 350 14.12 19.67 1.46
CA ILE B 350 14.01 21.13 1.49
C ILE B 350 13.48 21.66 0.16
N LEU B 351 13.84 20.99 -0.93
CA LEU B 351 13.59 21.48 -2.30
C LEU B 351 13.37 20.31 -3.27
N ILE B 352 12.37 20.43 -4.15
CA ILE B 352 12.16 19.47 -5.21
C ILE B 352 12.11 20.18 -6.56
N SER B 353 12.85 19.66 -7.52
CA SER B 353 12.65 20.05 -8.92
C SER B 353 12.51 18.82 -9.83
N GLN B 354 11.52 18.84 -10.72
CA GLN B 354 11.41 17.80 -11.74
C GLN B 354 10.94 18.36 -13.10
N GLY B 355 11.73 18.06 -14.12
CA GLY B 355 11.48 18.57 -15.48
C GLY B 355 12.43 17.84 -16.40
N SER B 356 12.05 16.62 -16.77
CA SER B 356 13.00 15.71 -17.37
C SER B 356 12.27 14.55 -18.03
N SER B 357 12.51 14.37 -19.34
CA SER B 357 11.93 13.28 -20.09
C SER B 357 12.38 11.91 -19.55
N GLU B 358 13.50 11.90 -18.80
CA GLU B 358 14.01 10.66 -18.21
C GLU B 358 13.44 10.30 -16.83
N THR B 359 12.52 11.12 -16.32
CA THR B 359 11.93 10.96 -14.98
C THR B 359 13.04 11.08 -13.91
N ASN B 360 14.04 11.89 -14.22
CA ASN B 360 15.02 12.36 -13.25
C ASN B 360 14.35 13.32 -12.26
N ILE B 361 14.91 13.43 -11.06
CA ILE B 361 14.39 14.35 -10.07
C ILE B 361 15.52 14.80 -9.15
N SER B 362 15.57 16.11 -8.90
CA SER B 362 16.54 16.68 -7.96
C SER B 362 15.88 16.99 -6.61
N LEU B 363 16.60 16.69 -5.53
CA LEU B 363 16.16 16.95 -4.15
C LEU B 363 17.26 17.57 -3.29
N VAL B 364 16.90 18.56 -2.48
CA VAL B 364 17.81 19.01 -1.44
C VAL B 364 17.33 18.41 -0.12
N VAL B 365 18.24 17.74 0.61
CA VAL B 365 17.91 17.22 1.91
C VAL B 365 18.95 17.71 2.91
N SER B 366 18.62 17.63 4.20
CA SER B 366 19.60 17.86 5.25
C SER B 366 20.78 16.93 5.03
N GLU B 367 21.98 17.48 5.13
CA GLU B 367 23.22 16.70 4.93
C GLU B 367 23.27 15.44 5.80
N GLU B 368 22.78 15.53 7.04
CA GLU B 368 22.75 14.38 7.96
C GLU B 368 21.70 13.30 7.63
N ASP B 369 20.88 13.56 6.61
CA ASP B 369 19.82 12.63 6.18
C ASP B 369 20.19 11.80 4.94
N VAL B 370 21.38 12.04 4.40
CA VAL B 370 21.83 11.38 3.17
C VAL B 370 21.90 9.85 3.29
N ASP B 371 22.42 9.35 4.40
CA ASP B 371 22.56 7.89 4.58
C ASP B 371 21.20 7.20 4.69
N LYS B 372 20.31 7.77 5.53
CA LYS B 372 18.91 7.34 5.63
C LYS B 372 18.22 7.33 4.25
N ALA B 373 18.33 8.44 3.54
CA ALA B 373 17.72 8.61 2.22
C ALA B 373 18.19 7.55 1.23
N LEU B 374 19.51 7.36 1.13
CA LEU B 374 20.09 6.31 0.28
C LEU B 374 19.59 4.90 0.63
N LYS B 375 19.58 4.58 1.92
CA LYS B 375 19.07 3.31 2.46
C LYS B 375 17.59 3.07 2.11
N ALA B 376 16.79 4.13 2.14
CA ALA B 376 15.36 4.03 1.86
C ALA B 376 15.10 3.67 0.40
N LEU B 377 15.84 4.32 -0.50
CA LEU B 377 15.71 4.10 -1.93
C LEU B 377 16.23 2.71 -2.35
N LYS B 378 17.26 2.23 -1.65
CA LYS B 378 17.74 0.85 -1.77
C LYS B 378 16.63 -0.15 -1.46
N ARG B 379 16.05 -0.01 -0.26
CA ARG B 379 14.93 -0.83 0.18
C ARG B 379 13.71 -0.74 -0.75
N GLU B 380 13.43 0.47 -1.25
CA GLU B 380 12.25 0.72 -2.07
C GLU B 380 12.36 0.20 -3.50
N PHE B 381 13.50 0.46 -4.14
CA PHE B 381 13.65 0.18 -5.56
C PHE B 381 14.50 -1.05 -5.86
N GLY B 382 15.21 -1.55 -4.85
CA GLY B 382 16.10 -2.69 -5.02
C GLY B 382 17.29 -2.34 -5.88
N ASP B 383 18.00 -3.37 -6.34
CA ASP B 383 19.20 -3.24 -7.18
C ASP B 383 20.28 -2.38 -6.50
N SER B 388 16.30 -2.10 -19.85
CA SER B 388 15.66 -1.58 -21.05
C SER B 388 14.44 -0.72 -20.74
N PHE B 389 13.88 -0.13 -21.80
CA PHE B 389 12.56 0.50 -21.77
C PHE B 389 11.46 -0.59 -21.69
N LEU B 390 11.88 -1.84 -21.82
CA LEU B 390 10.95 -2.98 -21.83
C LEU B 390 10.70 -3.59 -20.45
N ASN B 391 11.65 -3.47 -19.52
CA ASN B 391 11.39 -3.89 -18.15
C ASN B 391 10.66 -2.79 -17.36
N ASN B 392 10.27 -3.09 -16.13
CA ASN B 392 9.50 -2.15 -15.32
C ASN B 392 10.31 -1.36 -14.29
N ASN B 393 11.64 -1.42 -14.40
CA ASN B 393 12.52 -0.66 -13.52
C ASN B 393 12.25 0.84 -13.64
N LEU B 394 12.19 1.51 -12.50
CA LEU B 394 11.84 2.92 -12.41
C LEU B 394 13.07 3.82 -12.28
N ILE B 395 14.05 3.36 -11.50
CA ILE B 395 15.26 4.11 -11.17
C ILE B 395 16.50 3.49 -11.79
N ARG B 396 17.38 4.34 -12.30
CA ARG B 396 18.66 3.93 -12.91
C ARG B 396 19.83 4.05 -11.93
N ASP B 397 19.93 5.21 -11.26
CA ASP B 397 21.07 5.55 -10.43
C ASP B 397 20.74 6.73 -9.54
N VAL B 398 21.61 7.00 -8.58
CA VAL B 398 21.44 8.14 -7.67
C VAL B 398 22.80 8.74 -7.35
N SER B 399 22.89 10.07 -7.34
CA SER B 399 24.13 10.74 -6.97
C SER B 399 23.89 11.74 -5.84
N VAL B 400 24.91 11.96 -5.01
CA VAL B 400 24.80 13.01 -4.00
C VAL B 400 26.01 13.96 -4.02
N ASP B 401 25.72 15.24 -3.88
CA ASP B 401 26.74 16.28 -3.75
C ASP B 401 26.46 16.98 -2.42
N LYS B 402 27.37 16.76 -1.48
CA LYS B 402 27.28 17.31 -0.14
C LYS B 402 27.93 18.68 -0.08
N ASP B 403 28.72 18.99 -1.11
CA ASP B 403 29.47 20.24 -1.20
C ASP B 403 28.68 21.31 -1.91
N VAL B 404 27.56 21.61 -1.27
CA VAL B 404 26.47 22.34 -1.86
C VAL B 404 25.84 23.18 -0.75
N CYS B 405 25.20 24.28 -1.15
CA CYS B 405 24.41 25.08 -0.24
C CYS B 405 23.13 25.50 -0.98
N VAL B 406 22.07 25.79 -0.22
CA VAL B 406 20.85 26.40 -0.76
C VAL B 406 20.86 27.89 -0.43
N ILE B 407 20.66 28.73 -1.44
CA ILE B 407 20.48 30.15 -1.21
C ILE B 407 19.03 30.52 -1.52
N SER B 408 18.43 31.32 -0.65
CA SER B 408 17.08 31.80 -0.87
C SER B 408 16.98 33.30 -0.82
N VAL B 409 16.16 33.83 -1.71
CA VAL B 409 15.86 35.25 -1.75
C VAL B 409 14.38 35.44 -1.41
N VAL B 410 14.07 36.39 -0.53
CA VAL B 410 12.71 36.59 -0.02
C VAL B 410 12.25 38.07 -0.07
N GLY B 411 11.00 38.27 -0.47
CA GLY B 411 10.34 39.53 -0.39
C GLY B 411 8.94 39.40 -0.95
N ALA B 412 8.01 40.20 -0.42
CA ALA B 412 6.67 40.35 -0.98
C ALA B 412 6.72 40.60 -2.49
N GLY B 413 5.80 39.94 -3.22
CA GLY B 413 5.65 40.13 -4.67
C GLY B 413 6.55 39.29 -5.58
N MET B 414 7.39 38.45 -4.98
CA MET B 414 8.41 37.67 -5.68
C MET B 414 7.89 36.91 -6.90
N ARG B 415 7.04 35.93 -6.65
CA ARG B 415 6.42 35.11 -7.69
C ARG B 415 5.73 35.98 -8.77
N GLY B 416 5.10 37.05 -8.33
CA GLY B 416 4.32 37.92 -9.23
C GLY B 416 5.07 39.03 -9.95
N ALA B 417 6.28 39.33 -9.50
CA ALA B 417 7.09 40.40 -10.07
C ALA B 417 7.81 39.95 -11.34
N LYS B 418 7.63 40.74 -12.40
CA LYS B 418 8.22 40.48 -13.69
C LYS B 418 9.68 40.91 -13.69
N GLY B 419 10.54 40.06 -14.26
CA GLY B 419 11.97 40.37 -14.40
C GLY B 419 12.88 40.00 -13.25
N ILE B 420 12.30 39.70 -12.08
CA ILE B 420 13.11 39.45 -10.89
C ILE B 420 13.99 38.18 -10.98
N ALA B 421 13.46 37.11 -11.55
CA ALA B 421 14.23 35.88 -11.77
C ALA B 421 15.48 36.12 -12.63
N GLY B 422 15.32 36.90 -13.71
CA GLY B 422 16.45 37.31 -14.55
C GLY B 422 17.53 38.05 -13.78
N LYS B 423 17.12 39.08 -13.03
CA LYS B 423 18.05 39.87 -12.22
C LYS B 423 18.78 39.02 -11.18
N ILE B 424 18.06 38.10 -10.54
CA ILE B 424 18.64 37.25 -9.51
C ILE B 424 19.75 36.33 -10.03
N PHE B 425 19.46 35.61 -11.11
CA PHE B 425 20.39 34.63 -11.64
C PHE B 425 21.55 35.20 -12.45
N THR B 426 21.40 36.40 -13.00
CA THR B 426 22.56 37.03 -13.64
C THR B 426 23.53 37.51 -12.56
N ALA B 427 22.98 38.06 -11.47
CA ALA B 427 23.74 38.39 -10.27
C ALA B 427 24.53 37.20 -9.71
N VAL B 428 23.85 36.06 -9.56
CA VAL B 428 24.48 34.81 -9.10
C VAL B 428 25.68 34.43 -9.98
N SER B 429 25.49 34.58 -11.28
CA SER B 429 26.49 34.30 -12.27
C SER B 429 27.65 35.30 -12.18
N GLU B 430 27.30 36.56 -11.92
CA GLU B 430 28.28 37.62 -11.73
C GLU B 430 29.10 37.44 -10.44
N SER B 431 28.68 36.53 -9.55
CA SER B 431 29.46 36.23 -8.34
C SER B 431 30.48 35.10 -8.54
N GLY B 432 30.40 34.40 -9.66
CA GLY B 432 31.28 33.27 -9.93
C GLY B 432 30.62 31.92 -9.76
N ALA B 433 29.37 31.92 -9.30
CA ALA B 433 28.64 30.68 -9.01
C ALA B 433 27.98 30.04 -10.24
N ASN B 434 27.81 28.74 -10.17
CA ASN B 434 27.09 27.98 -11.17
C ASN B 434 25.84 27.37 -10.53
N ILE B 435 24.67 27.61 -11.11
CA ILE B 435 23.41 27.16 -10.50
C ILE B 435 23.10 25.69 -10.80
N LYS B 436 22.91 24.94 -9.73
CA LYS B 436 22.74 23.50 -9.79
C LYS B 436 21.28 23.04 -9.75
N MET B 437 20.40 23.89 -9.22
CA MET B 437 19.00 23.62 -9.07
C MET B 437 18.27 24.93 -8.76
N ILE B 438 17.07 25.08 -9.32
CA ILE B 438 16.20 26.23 -9.05
C ILE B 438 14.82 25.76 -8.57
N ALA B 439 14.33 26.36 -7.49
CA ALA B 439 12.92 26.25 -7.09
C ALA B 439 12.23 27.61 -7.21
N GLN B 440 11.16 27.66 -8.00
CA GLN B 440 10.31 28.85 -8.13
C GLN B 440 8.92 28.40 -8.56
N GLY B 441 7.90 28.97 -7.91
CA GLY B 441 6.51 28.65 -8.22
C GLY B 441 5.62 28.37 -7.02
N SER B 442 6.17 27.68 -6.02
CA SER B 442 5.37 27.22 -4.88
C SER B 442 5.28 28.22 -3.73
N SER B 443 6.13 29.25 -3.75
CA SER B 443 6.04 30.33 -2.78
C SER B 443 5.69 31.67 -3.46
N GLU B 444 4.80 32.43 -2.83
CA GLU B 444 4.48 33.80 -3.26
C GLU B 444 5.66 34.75 -3.05
N VAL B 445 6.55 34.40 -2.13
CA VAL B 445 7.55 35.35 -1.66
C VAL B 445 9.01 34.85 -1.72
N ASN B 446 9.24 33.66 -2.26
CA ASN B 446 10.57 33.06 -2.18
C ASN B 446 11.06 32.41 -3.48
N ILE B 447 12.31 32.73 -3.83
CA ILE B 447 13.05 31.96 -4.86
C ILE B 447 14.31 31.32 -4.23
N SER B 448 14.46 30.02 -4.44
CA SER B 448 15.56 29.24 -3.88
C SER B 448 16.30 28.51 -4.98
N PHE B 449 17.60 28.32 -4.75
CA PHE B 449 18.46 27.73 -5.75
C PHE B 449 19.69 27.13 -5.07
N VAL B 450 20.41 26.28 -5.78
CA VAL B 450 21.53 25.53 -5.21
C VAL B 450 22.83 25.88 -5.94
N ILE B 451 23.90 26.16 -5.20
CA ILE B 451 25.23 26.36 -5.78
C ILE B 451 26.27 25.56 -4.99
N ASP B 452 27.52 25.58 -5.45
CA ASP B 452 28.64 25.02 -4.71
C ASP B 452 28.80 25.78 -3.40
N GLU B 453 29.04 25.04 -2.33
CA GLU B 453 29.29 25.61 -1.01
C GLU B 453 30.36 26.72 -1.02
N LYS B 454 31.44 26.48 -1.76
CA LYS B 454 32.57 27.42 -1.88
C LYS B 454 32.19 28.81 -2.41
N ASP B 455 31.08 28.91 -3.11
CA ASP B 455 30.63 30.18 -3.69
C ASP B 455 29.60 30.92 -2.84
N LEU B 456 29.29 30.35 -1.68
CA LEU B 456 28.27 30.88 -0.77
C LEU B 456 28.46 32.37 -0.45
N LEU B 457 29.58 32.71 0.21
CA LEU B 457 29.83 34.09 0.63
C LEU B 457 29.75 35.09 -0.52
N ASN B 458 30.40 34.74 -1.62
CA ASN B 458 30.48 35.60 -2.78
C ASN B 458 29.11 35.89 -3.40
N CYS B 459 28.30 34.84 -3.49
CA CYS B 459 26.96 34.94 -4.05
C CYS B 459 26.01 35.77 -3.17
N VAL B 460 26.06 35.53 -1.86
CA VAL B 460 25.33 36.33 -0.87
C VAL B 460 25.72 37.82 -0.93
N ARG B 461 27.02 38.10 -0.88
CA ARG B 461 27.55 39.46 -1.04
C ARG B 461 27.03 40.14 -2.29
N LYS B 462 27.13 39.43 -3.42
CA LYS B 462 26.74 39.97 -4.71
C LYS B 462 25.24 40.27 -4.76
N LEU B 463 24.46 39.39 -4.15
CA LEU B 463 23.01 39.55 -4.07
C LEU B 463 22.66 40.76 -3.19
N HIS B 464 23.41 40.92 -2.11
CA HIS B 464 23.21 42.00 -1.16
C HIS B 464 23.57 43.34 -1.80
N GLU B 465 24.67 43.35 -2.52
CA GLU B 465 25.08 44.47 -3.33
C GLU B 465 23.95 44.95 -4.23
N LYS B 466 23.46 44.06 -5.09
CA LYS B 466 22.55 44.46 -6.15
C LYS B 466 21.18 44.89 -5.65
N PHE B 467 20.68 44.18 -4.64
CA PHE B 467 19.29 44.34 -4.19
C PHE B 467 19.08 45.18 -2.93
N ILE B 468 20.04 45.20 -2.02
CA ILE B 468 19.89 45.90 -0.73
C ILE B 468 20.62 47.25 -0.72
N GLU B 469 21.88 47.24 -1.13
CA GLU B 469 22.74 48.42 -1.12
C GLU B 469 22.63 49.18 -2.44
N LYS B 470 21.94 48.58 -3.42
CA LYS B 470 21.77 49.11 -4.79
C LYS B 470 22.83 50.12 -5.22
N THR C 2 -49.42 -3.52 5.76
CA THR C 2 -48.50 -3.61 4.58
C THR C 2 -47.86 -5.00 4.44
N THR C 3 -48.19 -5.65 3.33
CA THR C 3 -47.72 -6.98 3.02
C THR C 3 -46.99 -6.92 1.67
N VAL C 4 -45.78 -7.48 1.61
CA VAL C 4 -45.15 -7.62 0.29
C VAL C 4 -45.08 -9.09 -0.15
N MET C 5 -45.54 -9.35 -1.36
CA MET C 5 -45.61 -10.69 -1.91
C MET C 5 -44.71 -10.76 -3.13
N LYS C 6 -43.77 -11.71 -3.10
CA LYS C 6 -42.84 -11.87 -4.21
C LYS C 6 -43.15 -13.19 -4.90
N PHE C 7 -43.13 -13.19 -6.23
CA PHE C 7 -43.44 -14.42 -6.98
C PHE C 7 -42.32 -14.80 -7.94
N GLY C 8 -41.90 -16.06 -7.86
CA GLY C 8 -40.80 -16.53 -8.67
C GLY C 8 -41.16 -16.88 -10.10
N GLY C 9 -40.14 -17.18 -10.89
CA GLY C 9 -40.30 -17.52 -12.30
C GLY C 9 -41.28 -18.64 -12.61
N THR C 10 -41.19 -19.76 -11.88
CA THR C 10 -42.11 -20.89 -12.09
C THR C 10 -43.53 -20.51 -11.69
N SER C 11 -43.65 -19.74 -10.61
CA SER C 11 -44.94 -19.22 -10.16
C SER C 11 -45.65 -18.39 -11.23
N VAL C 12 -44.88 -17.68 -12.05
CA VAL C 12 -45.42 -16.92 -13.18
C VAL C 12 -44.94 -17.54 -14.51
N GLY C 13 -44.81 -18.87 -14.52
CA GLY C 13 -44.24 -19.60 -15.65
C GLY C 13 -45.09 -19.65 -16.91
N SER C 14 -46.39 -19.38 -16.76
CA SER C 14 -47.32 -19.35 -17.89
C SER C 14 -48.46 -18.35 -17.61
N GLY C 15 -49.24 -18.04 -18.65
CA GLY C 15 -50.36 -17.11 -18.52
C GLY C 15 -51.32 -17.57 -17.44
N GLU C 16 -51.68 -18.84 -17.50
CA GLU C 16 -52.52 -19.48 -16.49
C GLU C 16 -51.93 -19.28 -15.09
N ARG C 17 -50.64 -19.58 -14.95
CA ARG C 17 -49.92 -19.40 -13.69
C ARG C 17 -49.91 -17.94 -13.23
N ILE C 18 -49.68 -17.02 -14.16
CA ILE C 18 -49.74 -15.58 -13.89
C ILE C 18 -51.11 -15.18 -13.28
N ARG C 19 -52.19 -15.71 -13.86
CA ARG C 19 -53.55 -15.40 -13.39
C ARG C 19 -53.83 -15.98 -11.98
N HIS C 20 -53.38 -17.21 -11.77
CA HIS C 20 -53.49 -17.88 -10.49
C HIS C 20 -52.77 -17.06 -9.42
N VAL C 21 -51.63 -16.49 -9.77
CA VAL C 21 -50.86 -15.59 -8.90
C VAL C 21 -51.63 -14.29 -8.66
N ALA C 22 -52.18 -13.72 -9.74
CA ALA C 22 -53.02 -12.53 -9.63
C ALA C 22 -54.20 -12.76 -8.66
N LYS C 23 -54.79 -13.95 -8.71
CA LYS C 23 -55.87 -14.35 -7.80
C LYS C 23 -55.40 -14.40 -6.35
N ILE C 24 -54.22 -14.98 -6.13
CA ILE C 24 -53.65 -15.04 -4.78
C ILE C 24 -53.51 -13.64 -4.17
N VAL C 25 -52.88 -12.73 -4.91
CA VAL C 25 -52.69 -11.33 -4.50
C VAL C 25 -54.00 -10.67 -4.14
N THR C 26 -55.01 -10.84 -5.00
CA THR C 26 -56.26 -10.10 -4.89
C THR C 26 -57.10 -10.59 -3.70
N LYS C 27 -56.88 -11.84 -3.31
CA LYS C 27 -57.40 -12.43 -2.08
C LYS C 27 -56.73 -11.81 -0.85
N ARG C 28 -55.45 -11.45 -0.95
CA ARG C 28 -54.74 -10.79 0.15
C ARG C 28 -55.16 -9.33 0.33
N LYS C 29 -55.45 -8.67 -0.79
CA LYS C 29 -55.86 -7.27 -0.79
C LYS C 29 -57.17 -7.08 -0.01
N LYS C 30 -57.94 -8.17 0.12
CA LYS C 30 -59.16 -8.18 0.92
C LYS C 30 -58.93 -8.58 2.40
N GLU C 31 -57.67 -8.76 2.77
CA GLU C 31 -57.26 -8.96 4.17
C GLU C 31 -56.40 -7.78 4.63
N ASP C 32 -55.50 -7.36 3.74
CA ASP C 32 -54.65 -6.19 3.96
C ASP C 32 -54.77 -5.26 2.76
N ASP C 33 -55.11 -4.00 3.02
CA ASP C 33 -55.36 -3.03 1.95
C ASP C 33 -54.09 -2.62 1.21
N ASP C 34 -52.97 -2.61 1.92
CA ASP C 34 -51.69 -2.27 1.30
C ASP C 34 -50.96 -3.54 0.90
N VAL C 35 -51.05 -3.88 -0.38
CA VAL C 35 -50.27 -4.99 -0.93
C VAL C 35 -49.31 -4.49 -2.00
N VAL C 36 -48.02 -4.79 -1.83
CA VAL C 36 -47.02 -4.57 -2.88
C VAL C 36 -46.56 -5.91 -3.45
N VAL C 37 -46.55 -6.01 -4.77
CA VAL C 37 -46.05 -7.22 -5.46
C VAL C 37 -44.61 -7.05 -5.97
N VAL C 38 -43.80 -8.08 -5.76
CA VAL C 38 -42.50 -8.20 -6.43
C VAL C 38 -42.60 -9.44 -7.31
N VAL C 39 -42.15 -9.32 -8.56
CA VAL C 39 -42.22 -10.43 -9.49
C VAL C 39 -40.89 -10.61 -10.22
N SER C 40 -40.52 -11.87 -10.44
CA SER C 40 -39.38 -12.22 -11.27
C SER C 40 -39.76 -12.38 -12.74
N ALA C 41 -38.75 -12.42 -13.61
CA ALA C 41 -38.90 -12.88 -14.98
C ALA C 41 -39.58 -14.24 -14.99
N MET C 42 -40.30 -14.55 -16.07
CA MET C 42 -40.90 -15.88 -16.25
C MET C 42 -39.80 -16.92 -16.22
N SER C 43 -40.15 -18.14 -15.86
CA SER C 43 -39.13 -19.17 -15.69
C SER C 43 -38.27 -19.34 -16.94
N GLU C 44 -36.96 -19.42 -16.73
CA GLU C 44 -35.99 -19.71 -17.77
C GLU C 44 -35.60 -18.50 -18.69
N VAL C 45 -36.28 -17.36 -18.57
CA VAL C 45 -35.97 -16.24 -19.49
C VAL C 45 -34.69 -15.45 -19.16
N THR C 46 -34.41 -15.25 -17.86
CA THR C 46 -33.13 -14.65 -17.44
C THR C 46 -31.93 -15.43 -18.00
N ASN C 47 -31.99 -16.76 -17.91
CA ASN C 47 -30.98 -17.65 -18.50
C ASN C 47 -30.85 -17.49 -20.02
N ALA C 48 -31.98 -17.48 -20.72
CA ALA C 48 -32.02 -17.18 -22.15
C ALA C 48 -31.36 -15.83 -22.49
N LEU C 49 -31.64 -14.83 -21.67
CA LEU C 49 -31.07 -13.49 -21.83
C LEU C 49 -29.57 -13.46 -21.60
N VAL C 50 -29.11 -14.18 -20.58
CA VAL C 50 -27.69 -14.36 -20.34
C VAL C 50 -27.05 -14.97 -21.59
N GLU C 51 -27.65 -16.02 -22.12
CA GLU C 51 -27.03 -16.78 -23.21
C GLU C 51 -27.04 -16.05 -24.56
N ILE C 52 -28.10 -15.30 -24.87
CA ILE C 52 -28.17 -14.47 -26.08
C ILE C 52 -27.20 -13.27 -26.03
N SER C 53 -27.01 -12.69 -24.84
CA SER C 53 -25.99 -11.66 -24.61
C SER C 53 -24.63 -12.14 -25.05
N GLN C 54 -24.29 -13.35 -24.60
CA GLN C 54 -23.00 -13.95 -24.84
C GLN C 54 -22.85 -14.29 -26.32
N GLN C 55 -23.92 -14.78 -26.92
CA GLN C 55 -23.99 -15.09 -28.34
C GLN C 55 -23.89 -13.85 -29.24
N ALA C 56 -24.55 -12.76 -28.85
CA ALA C 56 -24.44 -11.52 -29.61
C ALA C 56 -23.00 -10.95 -29.60
N LEU C 57 -22.27 -11.21 -28.51
CA LEU C 57 -20.87 -10.79 -28.36
C LEU C 57 -19.89 -11.72 -29.07
N ASP C 58 -20.04 -13.03 -28.89
CA ASP C 58 -19.07 -14.03 -29.40
C ASP C 58 -19.20 -14.35 -30.88
N VAL C 59 -20.40 -14.75 -31.32
CA VAL C 59 -20.64 -15.10 -32.72
C VAL C 59 -21.14 -13.94 -33.58
N ARG C 60 -21.78 -12.96 -32.93
CA ARG C 60 -22.22 -11.71 -33.58
C ARG C 60 -23.12 -11.94 -34.81
N ASP C 61 -24.07 -12.86 -34.65
CA ASP C 61 -25.05 -13.18 -35.69
C ASP C 61 -26.34 -12.43 -35.36
N ILE C 62 -26.78 -11.58 -36.28
CA ILE C 62 -27.95 -10.72 -36.06
C ILE C 62 -29.25 -11.46 -36.39
N ALA C 63 -29.17 -12.43 -37.30
CA ALA C 63 -30.29 -13.32 -37.59
C ALA C 63 -30.58 -14.21 -36.38
N LYS C 64 -29.53 -14.57 -35.64
CA LYS C 64 -29.66 -15.39 -34.44
C LYS C 64 -30.26 -14.59 -33.27
N VAL C 65 -30.08 -13.26 -33.32
CA VAL C 65 -30.69 -12.34 -32.36
C VAL C 65 -32.20 -12.25 -32.62
N GLY C 66 -32.58 -12.13 -33.89
CA GLY C 66 -33.97 -12.05 -34.31
C GLY C 66 -34.77 -13.30 -34.00
N ASP C 67 -34.11 -14.46 -34.08
CA ASP C 67 -34.71 -15.75 -33.71
C ASP C 67 -35.10 -15.76 -32.23
N PHE C 68 -34.25 -15.19 -31.39
CA PHE C 68 -34.50 -15.06 -29.96
C PHE C 68 -35.62 -14.04 -29.66
N ILE C 69 -35.58 -12.90 -30.36
CA ILE C 69 -36.61 -11.87 -30.26
C ILE C 69 -38.02 -12.43 -30.57
N LYS C 70 -38.11 -13.30 -31.58
CA LYS C 70 -39.39 -13.96 -31.90
C LYS C 70 -39.82 -14.92 -30.81
N PHE C 71 -38.85 -15.61 -30.18
CA PHE C 71 -39.14 -16.52 -29.08
C PHE C 71 -39.70 -15.78 -27.86
N ILE C 72 -39.09 -14.64 -27.52
CA ILE C 72 -39.52 -13.82 -26.38
C ILE C 72 -40.89 -13.20 -26.66
N ARG C 73 -41.04 -12.68 -27.88
CA ARG C 73 -42.31 -12.12 -28.34
C ARG C 73 -43.45 -13.11 -28.17
N GLU C 74 -43.31 -14.29 -28.74
CA GLU C 74 -44.36 -15.31 -28.72
C GLU C 74 -44.65 -15.88 -27.34
N LYS C 75 -43.62 -15.96 -26.50
CA LYS C 75 -43.79 -16.42 -25.12
C LYS C 75 -44.59 -15.42 -24.29
N HIS C 76 -44.33 -14.14 -24.46
CA HIS C 76 -45.02 -13.09 -23.70
C HIS C 76 -46.38 -12.74 -24.25
N TYR C 77 -46.56 -12.87 -25.57
CA TYR C 77 -47.87 -12.73 -26.20
C TYR C 77 -48.80 -13.84 -25.73
N LYS C 78 -48.31 -15.08 -25.79
CA LYS C 78 -49.04 -16.24 -25.31
C LYS C 78 -49.47 -16.06 -23.84
N ALA C 79 -48.56 -15.49 -23.04
CA ALA C 79 -48.80 -15.23 -21.62
C ALA C 79 -49.91 -14.20 -21.38
N ILE C 80 -49.83 -13.07 -22.09
CA ILE C 80 -50.91 -12.06 -22.11
C ILE C 80 -52.27 -12.71 -22.45
N GLU C 81 -52.25 -13.57 -23.47
CA GLU C 81 -53.45 -14.23 -23.97
C GLU C 81 -54.07 -15.12 -22.90
N GLU C 82 -53.23 -15.88 -22.21
CA GLU C 82 -53.69 -16.93 -21.30
C GLU C 82 -53.83 -16.44 -19.85
N ALA C 83 -53.59 -15.15 -19.62
CA ALA C 83 -53.65 -14.57 -18.28
C ALA C 83 -54.80 -13.58 -18.11
N ILE C 84 -55.14 -12.89 -19.20
CA ILE C 84 -56.09 -11.79 -19.17
C ILE C 84 -57.30 -12.09 -20.07
N LYS C 85 -58.50 -11.76 -19.57
CA LYS C 85 -59.74 -11.97 -20.31
CA LYS C 85 -59.76 -11.97 -20.30
C LYS C 85 -60.22 -10.72 -21.05
N SER C 86 -59.95 -9.55 -20.48
CA SER C 86 -60.29 -8.28 -21.13
C SER C 86 -59.44 -8.07 -22.38
N GLU C 87 -60.09 -7.61 -23.44
CA GLU C 87 -59.43 -7.31 -24.72
C GLU C 87 -58.71 -5.96 -24.65
N GLU C 88 -59.29 -5.03 -23.89
CA GLU C 88 -58.72 -3.70 -23.71
C GLU C 88 -57.41 -3.80 -22.95
N ILE C 89 -57.36 -4.71 -21.98
CA ILE C 89 -56.17 -4.91 -21.16
C ILE C 89 -55.10 -5.68 -21.93
N LYS C 90 -55.50 -6.69 -22.71
CA LYS C 90 -54.55 -7.40 -23.58
C LYS C 90 -53.83 -6.43 -24.52
N GLU C 91 -54.60 -5.58 -25.18
CA GLU C 91 -54.11 -4.50 -26.04
C GLU C 91 -53.18 -3.55 -25.29
N GLU C 92 -53.55 -3.23 -24.05
CA GLU C 92 -52.81 -2.31 -23.18
C GLU C 92 -51.45 -2.90 -22.76
N VAL C 93 -51.47 -4.17 -22.39
CA VAL C 93 -50.28 -4.89 -21.97
C VAL C 93 -49.39 -5.19 -23.18
N LYS C 94 -50.00 -5.54 -24.31
CA LYS C 94 -49.24 -5.86 -25.54
C LYS C 94 -48.33 -4.72 -25.97
N LYS C 95 -48.83 -3.48 -25.86
CA LYS C 95 -48.07 -2.31 -26.27
C LYS C 95 -46.81 -2.13 -25.43
N ILE C 96 -46.93 -2.33 -24.12
CA ILE C 96 -45.80 -2.25 -23.21
C ILE C 96 -44.76 -3.30 -23.57
N ILE C 97 -45.23 -4.54 -23.77
CA ILE C 97 -44.37 -5.65 -24.14
C ILE C 97 -43.63 -5.37 -25.45
N ASP C 98 -44.38 -4.84 -26.43
CA ASP C 98 -43.79 -4.43 -27.71
C ASP C 98 -42.71 -3.36 -27.54
N SER C 99 -42.97 -2.34 -26.73
CA SER C 99 -42.01 -1.27 -26.49
C SER C 99 -40.70 -1.77 -25.87
N ARG C 100 -40.80 -2.76 -24.99
CA ARG C 100 -39.63 -3.40 -24.35
C ARG C 100 -38.85 -4.24 -25.35
N ILE C 101 -39.57 -4.95 -26.21
CA ILE C 101 -38.92 -5.81 -27.20
C ILE C 101 -38.13 -4.99 -28.24
N GLU C 102 -38.66 -3.82 -28.59
CA GLU C 102 -37.96 -2.89 -29.48
C GLU C 102 -36.64 -2.43 -28.88
N GLU C 103 -36.66 -2.09 -27.59
CA GLU C 103 -35.44 -1.71 -26.86
C GLU C 103 -34.45 -2.86 -26.70
N LEU C 104 -34.98 -4.06 -26.42
CA LEU C 104 -34.15 -5.27 -26.29
C LEU C 104 -33.39 -5.52 -27.59
N GLU C 105 -34.13 -5.60 -28.70
CA GLU C 105 -33.52 -5.86 -30.01
C GLU C 105 -32.47 -4.82 -30.36
N LYS C 106 -32.76 -3.55 -30.11
CA LYS C 106 -31.82 -2.45 -30.36
C LYS C 106 -30.47 -2.64 -29.66
N VAL C 107 -30.49 -3.18 -28.44
CA VAL C 107 -29.28 -3.32 -27.64
C VAL C 107 -28.52 -4.60 -27.97
N LEU C 108 -29.24 -5.66 -28.28
CA LEU C 108 -28.61 -6.90 -28.68
C LEU C 108 -27.90 -6.73 -30.02
N ILE C 109 -28.47 -5.91 -30.90
CA ILE C 109 -27.87 -5.56 -32.19
C ILE C 109 -26.64 -4.67 -31.98
N GLY C 110 -26.79 -3.66 -31.13
CA GLY C 110 -25.67 -2.78 -30.74
C GLY C 110 -24.47 -3.53 -30.18
N VAL C 111 -24.73 -4.53 -29.34
CA VAL C 111 -23.67 -5.39 -28.78
C VAL C 111 -22.99 -6.20 -29.88
N ALA C 112 -23.77 -6.62 -30.87
CA ALA C 112 -23.25 -7.36 -32.01
C ALA C 112 -22.46 -6.46 -32.98
N TYR C 113 -22.92 -5.22 -33.13
CA TYR C 113 -22.27 -4.21 -33.98
C TYR C 113 -20.95 -3.72 -33.38
N LEU C 114 -21.02 -3.33 -32.10
CA LEU C 114 -19.88 -2.88 -31.33
C LEU C 114 -18.88 -4.01 -31.08
N GLY C 115 -19.39 -5.23 -30.90
CA GLY C 115 -18.55 -6.38 -30.55
C GLY C 115 -18.09 -6.32 -29.11
N GLU C 116 -18.82 -5.58 -28.29
CA GLU C 116 -18.46 -5.39 -26.88
C GLU C 116 -19.69 -5.45 -26.00
N LEU C 117 -19.57 -6.22 -24.91
CA LEU C 117 -20.64 -6.36 -23.91
C LEU C 117 -20.13 -5.96 -22.51
N THR C 118 -20.34 -4.70 -22.16
CA THR C 118 -19.97 -4.20 -20.84
C THR C 118 -20.92 -4.71 -19.78
N PRO C 119 -20.47 -4.78 -18.51
CA PRO C 119 -21.39 -5.14 -17.43
C PRO C 119 -22.63 -4.24 -17.41
N LYS C 120 -22.45 -2.96 -17.75
CA LYS C 120 -23.57 -2.02 -17.88
C LYS C 120 -24.61 -2.49 -18.90
N SER C 121 -24.15 -2.79 -20.11
CA SER C 121 -25.00 -3.35 -21.17
C SER C 121 -25.64 -4.69 -20.79
N ARG C 122 -24.86 -5.56 -20.18
CA ARG C 122 -25.35 -6.85 -19.67
C ARG C 122 -26.49 -6.68 -18.63
N ASP C 123 -26.27 -5.78 -17.67
CA ASP C 123 -27.32 -5.44 -16.68
C ASP C 123 -28.61 -4.91 -17.32
N TYR C 124 -28.47 -4.12 -18.37
CA TYR C 124 -29.62 -3.62 -19.10
C TYR C 124 -30.35 -4.79 -19.75
N ILE C 125 -29.61 -5.64 -20.47
CA ILE C 125 -30.22 -6.78 -21.19
C ILE C 125 -31.00 -7.73 -20.27
N LEU C 126 -30.42 -8.05 -19.11
CA LEU C 126 -31.03 -8.96 -18.12
C LEU C 126 -32.28 -8.41 -17.45
N SER C 127 -32.35 -7.09 -17.33
CA SER C 127 -33.49 -6.43 -16.69
C SER C 127 -34.78 -6.64 -17.48
N PHE C 128 -34.67 -7.01 -18.76
CA PHE C 128 -35.87 -7.21 -19.59
C PHE C 128 -36.77 -8.34 -19.15
N GLY C 129 -36.19 -9.37 -18.55
CA GLY C 129 -36.99 -10.46 -17.97
C GLY C 129 -38.16 -9.91 -17.13
N GLU C 130 -37.80 -9.15 -16.10
CA GLU C 130 -38.75 -8.59 -15.14
C GLU C 130 -39.59 -7.46 -15.71
N ARG C 131 -39.04 -6.71 -16.67
CA ARG C 131 -39.79 -5.58 -17.26
C ARG C 131 -40.83 -6.05 -18.27
N LEU C 132 -40.74 -7.34 -18.63
CA LEU C 132 -41.70 -7.97 -19.50
C LEU C 132 -42.78 -8.71 -18.72
N SER C 133 -42.44 -9.23 -17.54
CA SER C 133 -43.41 -10.03 -16.79
C SER C 133 -44.28 -9.19 -15.85
N SER C 134 -43.70 -8.13 -15.29
CA SER C 134 -44.42 -7.25 -14.36
C SER C 134 -45.69 -6.59 -14.94
N PRO C 135 -45.63 -6.10 -16.21
CA PRO C 135 -46.87 -5.56 -16.81
C PRO C 135 -47.92 -6.63 -17.14
N ILE C 136 -47.48 -7.84 -17.46
CA ILE C 136 -48.42 -8.95 -17.68
C ILE C 136 -49.18 -9.35 -16.40
N LEU C 137 -48.44 -9.50 -15.29
CA LEU C 137 -49.04 -9.79 -13.99
C LEU C 137 -49.93 -8.63 -13.52
N SER C 138 -49.43 -7.41 -13.66
CA SER C 138 -50.17 -6.20 -13.37
C SER C 138 -51.49 -6.16 -14.15
N GLY C 139 -51.40 -6.43 -15.44
CA GLY C 139 -52.58 -6.48 -16.30
C GLY C 139 -53.58 -7.52 -15.84
N ALA C 140 -53.06 -8.64 -15.32
CA ALA C 140 -53.91 -9.72 -14.85
C ALA C 140 -54.64 -9.34 -13.56
N ILE C 141 -53.97 -8.58 -12.70
CA ILE C 141 -54.57 -8.04 -11.47
C ILE C 141 -55.65 -7.01 -11.79
N ARG C 142 -55.34 -6.08 -12.71
CA ARG C 142 -56.32 -5.14 -13.23
C ARG C 142 -57.56 -5.85 -13.78
N ASP C 143 -57.33 -7.00 -14.41
CA ASP C 143 -58.37 -7.83 -15.01
C ASP C 143 -59.30 -8.44 -13.96
N LEU C 144 -58.74 -8.71 -12.78
CA LEU C 144 -59.51 -9.27 -11.66
C LEU C 144 -60.21 -8.20 -10.83
N GLY C 145 -60.17 -6.96 -11.32
CA GLY C 145 -61.00 -5.88 -10.79
C GLY C 145 -60.36 -4.98 -9.76
N GLU C 146 -59.04 -5.05 -9.64
CA GLU C 146 -58.29 -4.24 -8.68
C GLU C 146 -57.27 -3.33 -9.39
N LYS C 147 -57.00 -2.17 -8.79
CA LYS C 147 -56.02 -1.22 -9.34
C LYS C 147 -54.60 -1.76 -9.22
N SER C 148 -53.81 -1.60 -10.28
CA SER C 148 -52.44 -2.10 -10.33
C SER C 148 -51.63 -1.48 -11.48
N ILE C 149 -50.38 -1.13 -11.21
CA ILE C 149 -49.43 -0.74 -12.26
C ILE C 149 -48.12 -1.48 -12.06
N ALA C 150 -47.36 -1.61 -13.15
CA ALA C 150 -46.03 -2.20 -13.11
C ALA C 150 -44.99 -1.11 -12.95
N LEU C 151 -44.00 -1.37 -12.09
CA LEU C 151 -42.92 -0.45 -11.80
C LEU C 151 -41.56 -1.17 -11.86
N GLU C 152 -40.52 -0.40 -12.17
CA GLU C 152 -39.16 -0.90 -12.14
C GLU C 152 -38.55 -0.63 -10.77
N GLY C 153 -37.47 -1.34 -10.45
CA GLY C 153 -36.90 -1.28 -9.09
C GLY C 153 -36.48 0.11 -8.67
N GLY C 154 -35.80 0.81 -9.57
CA GLY C 154 -35.34 2.17 -9.32
C GLY C 154 -36.47 3.15 -9.05
N GLU C 155 -37.51 3.09 -9.87
CA GLU C 155 -38.66 3.96 -9.66
C GLU C 155 -39.55 3.50 -8.49
N ALA C 156 -39.28 2.31 -7.97
CA ALA C 156 -39.87 1.84 -6.74
C ALA C 156 -39.01 2.22 -5.52
N GLY C 157 -37.84 2.80 -5.78
CA GLY C 157 -37.02 3.38 -4.72
C GLY C 157 -35.75 2.65 -4.32
N ILE C 158 -35.32 1.70 -5.15
CA ILE C 158 -34.07 1.00 -4.87
C ILE C 158 -32.93 1.64 -5.65
N ILE C 159 -32.04 2.31 -4.92
CA ILE C 159 -30.89 3.01 -5.49
C ILE C 159 -29.61 2.27 -5.12
N THR C 160 -28.74 2.08 -6.11
CA THR C 160 -27.54 1.28 -5.93
C THR C 160 -26.28 2.05 -6.29
N ASP C 161 -25.12 1.44 -6.08
CA ASP C 161 -23.91 1.93 -6.74
C ASP C 161 -23.92 1.54 -8.23
N ASN C 162 -22.81 1.69 -8.92
CA ASN C 162 -22.72 1.28 -10.33
C ASN C 162 -21.77 0.10 -10.54
N ASN C 163 -21.82 -0.83 -9.60
CA ASN C 163 -21.12 -2.10 -9.74
C ASN C 163 -22.03 -3.08 -10.48
N PHE C 164 -22.22 -2.82 -11.77
CA PHE C 164 -23.10 -3.63 -12.61
C PHE C 164 -22.75 -5.12 -12.48
N GLY C 165 -23.79 -5.95 -12.30
CA GLY C 165 -23.63 -7.40 -12.06
C GLY C 165 -24.10 -7.79 -10.65
N SER C 166 -23.63 -7.04 -9.68
CA SER C 166 -23.96 -7.25 -8.28
C SER C 166 -23.79 -5.89 -7.61
N ALA C 167 -24.71 -4.98 -7.93
CA ALA C 167 -24.66 -3.64 -7.38
C ALA C 167 -25.10 -3.73 -5.93
N ARG C 168 -24.43 -3.00 -5.05
CA ARG C 168 -24.90 -2.96 -3.68
C ARG C 168 -25.86 -1.77 -3.51
N VAL C 169 -26.89 -1.97 -2.69
CA VAL C 169 -27.86 -0.92 -2.38
C VAL C 169 -27.18 0.20 -1.59
N LYS C 170 -27.29 1.41 -2.15
CA LYS C 170 -26.73 2.62 -1.56
C LYS C 170 -27.71 3.30 -0.61
N ARG C 171 -28.99 3.23 -0.97
CA ARG C 171 -29.98 4.18 -0.50
C ARG C 171 -31.38 3.67 -0.84
N LEU C 172 -32.34 3.94 0.03
CA LEU C 172 -33.72 3.54 -0.23
C LEU C 172 -34.66 4.73 -0.25
N GLU C 173 -35.56 4.71 -1.24
CA GLU C 173 -36.61 5.71 -1.37
C GLU C 173 -37.96 5.01 -1.55
N VAL C 174 -38.14 3.89 -0.86
CA VAL C 174 -39.32 3.04 -1.09
C VAL C 174 -40.63 3.70 -0.66
N LYS C 175 -40.62 4.30 0.54
CA LYS C 175 -41.79 5.02 1.06
C LYS C 175 -42.19 6.22 0.20
N GLU C 176 -41.18 7.00 -0.22
CA GLU C 176 -41.39 8.16 -1.10
C GLU C 176 -42.09 7.76 -2.40
N ARG C 177 -41.69 6.63 -2.96
CA ARG C 177 -42.18 6.20 -4.28
C ARG C 177 -43.48 5.41 -4.21
N LEU C 178 -43.60 4.52 -3.23
CA LEU C 178 -44.75 3.61 -3.17
C LEU C 178 -45.94 4.10 -2.35
N LEU C 179 -45.68 4.86 -1.28
CA LEU C 179 -46.76 5.38 -0.41
C LEU C 179 -47.90 6.07 -1.19
N PRO C 180 -47.58 7.04 -2.07
CA PRO C 180 -48.63 7.65 -2.87
C PRO C 180 -49.48 6.65 -3.67
N LEU C 181 -48.93 5.46 -3.96
CA LEU C 181 -49.64 4.45 -4.75
C LEU C 181 -50.50 3.52 -3.89
N LEU C 182 -49.97 3.11 -2.74
CA LEU C 182 -50.74 2.30 -1.78
C LEU C 182 -51.89 3.13 -1.21
N LYS C 183 -51.62 4.43 -1.04
CA LYS C 183 -52.60 5.43 -0.57
C LYS C 183 -53.86 5.47 -1.43
N GLU C 184 -53.68 5.26 -2.73
CA GLU C 184 -54.78 5.33 -3.69
C GLU C 184 -55.35 3.93 -4.01
N GLY C 185 -54.93 2.93 -3.24
CA GLY C 185 -55.46 1.58 -3.35
C GLY C 185 -54.82 0.78 -4.48
N ILE C 186 -53.77 1.32 -5.06
CA ILE C 186 -53.05 0.67 -6.15
C ILE C 186 -52.14 -0.42 -5.60
N ILE C 187 -52.16 -1.59 -6.24
CA ILE C 187 -51.17 -2.65 -6.01
C ILE C 187 -50.03 -2.49 -7.00
N PRO C 188 -48.88 -1.92 -6.55
CA PRO C 188 -47.73 -1.87 -7.43
C PRO C 188 -47.13 -3.24 -7.65
N VAL C 189 -46.93 -3.61 -8.92
CA VAL C 189 -46.18 -4.81 -9.24
C VAL C 189 -44.76 -4.37 -9.57
N VAL C 190 -43.82 -4.70 -8.69
CA VAL C 190 -42.46 -4.19 -8.82
C VAL C 190 -41.53 -5.25 -9.40
N THR C 191 -40.70 -4.85 -10.37
CA THR C 191 -39.65 -5.71 -10.91
C THR C 191 -38.63 -6.07 -9.82
N GLY C 192 -38.53 -7.35 -9.48
CA GLY C 192 -37.42 -7.82 -8.67
C GLY C 192 -36.11 -7.66 -9.41
N PHE C 193 -35.01 -8.03 -8.76
CA PHE C 193 -33.72 -8.27 -9.42
C PHE C 193 -32.95 -6.98 -9.77
N ILE C 194 -33.66 -5.87 -9.89
CA ILE C 194 -33.07 -4.65 -10.45
C ILE C 194 -33.28 -3.40 -9.58
N GLY C 195 -32.36 -2.46 -9.73
CA GLY C 195 -32.49 -1.15 -9.14
C GLY C 195 -31.91 -0.11 -10.06
N THR C 196 -31.59 1.04 -9.49
CA THR C 196 -31.03 2.09 -10.30
C THR C 196 -29.83 2.76 -9.66
N THR C 197 -28.86 3.03 -10.51
CA THR C 197 -27.79 3.97 -10.28
C THR C 197 -28.38 5.37 -10.03
N GLU C 198 -27.61 6.23 -9.38
CA GLU C 198 -28.06 7.58 -9.02
C GLU C 198 -28.44 8.45 -10.23
N GLU C 199 -27.75 8.23 -11.35
CA GLU C 199 -28.08 8.94 -12.59
C GLU C 199 -29.02 8.14 -13.50
N GLY C 200 -29.67 7.13 -12.94
CA GLY C 200 -30.74 6.41 -13.62
C GLY C 200 -30.44 5.13 -14.37
N TYR C 201 -29.17 4.73 -14.44
CA TYR C 201 -28.80 3.49 -15.15
C TYR C 201 -29.33 2.25 -14.44
N ILE C 202 -29.91 1.32 -15.21
CA ILE C 202 -30.42 0.08 -14.63
C ILE C 202 -29.29 -0.82 -14.14
N THR C 203 -29.52 -1.41 -12.98
CA THR C 203 -28.53 -2.18 -12.31
C THR C 203 -29.20 -3.49 -11.87
N THR C 204 -28.47 -4.62 -11.92
CA THR C 204 -28.97 -5.86 -11.30
C THR C 204 -28.33 -6.11 -9.92
N LEU C 205 -29.05 -6.85 -9.08
CA LEU C 205 -28.68 -7.07 -7.68
C LEU C 205 -28.11 -8.48 -7.42
N GLY C 206 -27.65 -9.15 -8.46
CA GLY C 206 -27.15 -10.53 -8.32
C GLY C 206 -28.29 -11.50 -8.63
N ARG C 207 -27.93 -12.67 -9.15
CA ARG C 207 -28.91 -13.70 -9.50
C ARG C 207 -29.67 -14.16 -8.26
N GLY C 208 -30.98 -14.32 -8.41
CA GLY C 208 -31.83 -14.66 -7.29
C GLY C 208 -32.25 -13.45 -6.48
N GLY C 209 -31.94 -12.25 -6.97
CA GLY C 209 -32.14 -11.02 -6.21
C GLY C 209 -33.54 -10.46 -6.17
N SER C 210 -34.50 -11.18 -6.74
CA SER C 210 -35.92 -10.82 -6.60
C SER C 210 -36.43 -11.01 -5.17
N ASP C 211 -35.84 -11.97 -4.45
CA ASP C 211 -36.11 -12.22 -3.03
C ASP C 211 -35.63 -11.01 -2.21
N TYR C 212 -34.44 -10.53 -2.56
CA TYR C 212 -33.83 -9.35 -1.95
C TYR C 212 -34.62 -8.05 -2.17
N SER C 213 -35.11 -7.83 -3.40
CA SER C 213 -36.00 -6.69 -3.70
C SER C 213 -37.16 -6.65 -2.71
N ALA C 214 -37.85 -7.78 -2.56
CA ALA C 214 -38.96 -7.94 -1.64
C ALA C 214 -38.60 -7.49 -0.20
N ALA C 215 -37.41 -7.89 0.27
CA ALA C 215 -36.92 -7.50 1.59
C ALA C 215 -36.64 -6.01 1.67
N LEU C 216 -36.06 -5.46 0.59
CA LEU C 216 -35.75 -4.03 0.54
C LEU C 216 -37.01 -3.16 0.57
N ILE C 217 -38.04 -3.58 -0.16
CA ILE C 217 -39.33 -2.92 -0.18
C ILE C 217 -40.01 -3.05 1.20
N GLY C 218 -40.07 -4.28 1.71
CA GLY C 218 -40.57 -4.52 3.07
C GLY C 218 -39.91 -3.65 4.11
N TYR C 219 -38.57 -3.59 4.06
CA TYR C 219 -37.79 -2.74 4.95
C TYR C 219 -38.15 -1.27 4.74
N GLY C 220 -38.21 -0.85 3.49
CA GLY C 220 -38.49 0.54 3.14
C GLY C 220 -39.86 0.98 3.59
N LEU C 221 -40.80 0.03 3.58
CA LEU C 221 -42.19 0.32 3.93
C LEU C 221 -42.53 0.08 5.40
N ASP C 222 -41.60 -0.50 6.16
CA ASP C 222 -41.91 -1.01 7.51
C ASP C 222 -43.05 -2.01 7.41
N ALA C 223 -42.97 -2.90 6.43
CA ALA C 223 -44.01 -3.88 6.16
C ALA C 223 -44.24 -4.81 7.35
N ASP C 224 -45.46 -5.34 7.43
CA ASP C 224 -45.81 -6.27 8.49
C ASP C 224 -45.29 -7.68 8.22
N ILE C 225 -45.17 -8.03 6.95
CA ILE C 225 -44.74 -9.36 6.56
C ILE C 225 -44.19 -9.35 5.12
N ILE C 226 -43.11 -10.10 4.91
CA ILE C 226 -42.56 -10.31 3.57
C ILE C 226 -42.86 -11.75 3.15
N GLU C 227 -43.75 -11.90 2.19
CA GLU C 227 -44.16 -13.23 1.69
C GLU C 227 -43.40 -13.60 0.43
N ILE C 228 -42.73 -14.75 0.48
CA ILE C 228 -41.94 -15.26 -0.63
C ILE C 228 -42.70 -16.42 -1.23
N TRP C 229 -43.27 -16.21 -2.42
CA TRP C 229 -44.04 -17.26 -3.08
C TRP C 229 -43.24 -18.01 -4.16
N THR C 230 -42.86 -19.23 -3.81
CA THR C 230 -42.02 -20.08 -4.65
C THR C 230 -42.77 -21.37 -5.05
N ASP C 231 -42.02 -22.42 -5.38
CA ASP C 231 -42.66 -23.64 -5.90
C ASP C 231 -42.41 -24.84 -4.99
N VAL C 232 -42.11 -24.55 -3.73
CA VAL C 232 -42.02 -25.52 -2.66
C VAL C 232 -42.71 -24.91 -1.44
N SER C 233 -43.18 -25.74 -0.53
CA SER C 233 -43.98 -25.28 0.60
C SER C 233 -43.15 -24.81 1.78
N GLY C 234 -42.24 -23.87 1.50
CA GLY C 234 -41.35 -23.31 2.52
C GLY C 234 -39.89 -23.64 2.28
N VAL C 235 -39.11 -23.58 3.36
CA VAL C 235 -37.71 -24.02 3.36
C VAL C 235 -37.68 -25.44 3.94
N TYR C 236 -36.98 -26.33 3.24
CA TYR C 236 -36.95 -27.74 3.56
C TYR C 236 -35.63 -28.16 4.20
N THR C 237 -35.65 -29.31 4.87
CA THR C 237 -34.47 -29.88 5.54
C THR C 237 -33.28 -30.03 4.58
N THR C 238 -33.58 -30.08 3.28
CA THR C 238 -32.58 -29.97 2.23
C THR C 238 -33.33 -29.68 0.91
N ASP C 239 -32.62 -29.67 -0.22
CA ASP C 239 -33.25 -29.45 -1.52
C ASP C 239 -34.14 -30.63 -1.90
N PRO C 240 -35.47 -30.40 -2.00
CA PRO C 240 -36.42 -31.49 -2.28
C PRO C 240 -36.12 -32.22 -3.60
N ARG C 241 -35.32 -31.59 -4.44
CA ARG C 241 -34.94 -32.16 -5.72
C ARG C 241 -33.71 -33.07 -5.64
N LEU C 242 -32.85 -32.86 -4.64
CA LEU C 242 -31.81 -33.82 -4.32
C LEU C 242 -32.38 -34.98 -3.47
N VAL C 243 -33.11 -34.62 -2.43
CA VAL C 243 -33.67 -35.58 -1.50
C VAL C 243 -35.21 -35.45 -1.45
N PRO C 244 -35.91 -36.39 -2.14
CA PRO C 244 -37.38 -36.34 -2.24
C PRO C 244 -38.07 -36.33 -0.87
N THR C 245 -37.48 -37.04 0.10
CA THR C 245 -38.01 -37.10 1.48
C THR C 245 -37.71 -35.87 2.36
N ALA C 246 -37.27 -34.77 1.75
CA ALA C 246 -37.03 -33.52 2.48
C ALA C 246 -38.30 -32.96 3.12
N ARG C 247 -38.20 -32.54 4.37
CA ARG C 247 -39.36 -32.07 5.14
C ARG C 247 -39.39 -30.56 5.26
N ARG C 248 -40.60 -30.00 5.24
CA ARG C 248 -40.84 -28.59 5.51
C ARG C 248 -40.45 -28.25 6.95
N ILE C 249 -39.72 -27.15 7.13
CA ILE C 249 -39.36 -26.67 8.46
C ILE C 249 -40.31 -25.52 8.80
N PRO C 250 -41.27 -25.76 9.72
CA PRO C 250 -42.29 -24.77 10.03
C PRO C 250 -41.73 -23.41 10.43
N LYS C 251 -40.66 -23.41 11.23
CA LYS C 251 -40.14 -22.19 11.82
C LYS C 251 -38.62 -22.18 11.71
N LEU C 252 -38.08 -20.99 11.43
CA LEU C 252 -36.64 -20.81 11.31
C LEU C 252 -36.28 -19.43 11.85
N SER C 253 -35.10 -19.30 12.43
CA SER C 253 -34.62 -17.99 12.86
C SER C 253 -33.91 -17.30 11.70
N TYR C 254 -33.76 -15.98 11.80
CA TYR C 254 -33.08 -15.20 10.78
C TYR C 254 -31.70 -15.76 10.42
N ILE C 255 -30.86 -16.00 11.44
CA ILE C 255 -29.50 -16.46 11.22
C ILE C 255 -29.43 -17.86 10.61
N GLU C 256 -30.36 -18.74 10.97
CA GLU C 256 -30.44 -20.07 10.38
C GLU C 256 -30.72 -20.02 8.88
N ALA C 257 -31.69 -19.20 8.50
CA ALA C 257 -32.09 -19.05 7.10
C ALA C 257 -31.00 -18.38 6.25
N MET C 258 -30.40 -17.34 6.81
CA MET C 258 -29.27 -16.63 6.19
C MET C 258 -28.09 -17.56 5.90
N GLU C 259 -27.67 -18.35 6.89
CA GLU C 259 -26.59 -19.33 6.70
C GLU C 259 -26.96 -20.41 5.69
N LEU C 260 -28.22 -20.84 5.72
CA LEU C 260 -28.68 -21.83 4.76
C LEU C 260 -28.66 -21.30 3.34
N ALA C 261 -29.23 -20.12 3.16
CA ALA C 261 -29.31 -19.48 1.85
C ALA C 261 -27.94 -19.20 1.27
N TYR C 262 -27.04 -18.77 2.14
CA TYR C 262 -25.68 -18.38 1.76
C TYR C 262 -24.84 -19.60 1.38
N PHE C 263 -25.17 -20.73 1.98
CA PHE C 263 -24.45 -21.94 1.69
C PHE C 263 -25.18 -22.90 0.73
N GLY C 264 -26.19 -22.40 0.02
CA GLY C 264 -26.77 -23.14 -1.10
C GLY C 264 -28.27 -23.36 -1.19
N ALA C 265 -29.02 -22.99 -0.15
CA ALA C 265 -30.49 -23.10 -0.20
C ALA C 265 -31.03 -22.03 -1.14
N LYS C 266 -31.30 -22.44 -2.37
CA LYS C 266 -31.68 -21.53 -3.46
C LYS C 266 -33.00 -20.81 -3.24
N VAL C 267 -33.88 -21.41 -2.43
CA VAL C 267 -35.19 -20.82 -2.07
C VAL C 267 -35.13 -19.38 -1.63
N LEU C 268 -34.04 -18.99 -0.97
CA LEU C 268 -33.85 -17.59 -0.57
C LEU C 268 -32.49 -17.08 -1.00
N HIS C 269 -32.47 -15.91 -1.63
CA HIS C 269 -31.21 -15.19 -1.83
C HIS C 269 -30.75 -14.80 -0.42
N PRO C 270 -29.47 -15.04 -0.10
CA PRO C 270 -28.96 -14.78 1.26
C PRO C 270 -29.17 -13.33 1.77
N ARG C 271 -29.25 -12.35 0.87
CA ARG C 271 -29.40 -10.95 1.25
C ARG C 271 -30.80 -10.58 1.70
N THR C 272 -31.77 -11.45 1.43
CA THR C 272 -33.15 -11.25 1.86
C THR C 272 -33.30 -11.04 3.36
N ILE C 273 -32.50 -11.75 4.16
CA ILE C 273 -32.66 -11.75 5.61
C ILE C 273 -32.22 -10.45 6.26
N GLU C 274 -31.12 -9.88 5.78
CA GLU C 274 -30.53 -8.68 6.37
C GLU C 274 -31.52 -7.55 6.69
N PRO C 275 -32.28 -7.06 5.69
CA PRO C 275 -33.20 -5.94 5.94
C PRO C 275 -34.43 -6.30 6.78
N ALA C 276 -34.91 -7.53 6.61
CA ALA C 276 -36.01 -8.08 7.42
C ALA C 276 -35.59 -8.20 8.90
N MET C 277 -34.43 -8.79 9.13
CA MET C 277 -33.89 -9.02 10.47
C MET C 277 -33.66 -7.73 11.25
N GLU C 278 -33.11 -6.71 10.59
CA GLU C 278 -32.77 -5.48 11.32
C GLU C 278 -33.97 -4.59 11.67
N LYS C 279 -35.13 -4.90 11.11
CA LYS C 279 -36.39 -4.25 11.51
C LYS C 279 -37.37 -5.22 12.20
N GLY C 280 -37.00 -6.51 12.22
CA GLY C 280 -37.83 -7.53 12.84
C GLY C 280 -39.05 -7.91 12.02
N ILE C 281 -38.98 -7.68 10.71
CA ILE C 281 -40.04 -8.04 9.79
C ILE C 281 -39.96 -9.54 9.51
N PRO C 282 -41.02 -10.29 9.83
CA PRO C 282 -41.06 -11.74 9.61
C PRO C 282 -41.20 -12.14 8.13
N ILE C 283 -40.45 -13.16 7.71
CA ILE C 283 -40.52 -13.69 6.34
C ILE C 283 -41.28 -15.00 6.31
N LEU C 284 -42.34 -15.05 5.48
CA LEU C 284 -43.12 -16.27 5.28
C LEU C 284 -42.81 -16.81 3.90
N VAL C 285 -42.31 -18.04 3.84
CA VAL C 285 -42.03 -18.69 2.55
C VAL C 285 -43.15 -19.65 2.21
N LYS C 286 -43.78 -19.43 1.06
CA LYS C 286 -44.98 -20.18 0.68
C LYS C 286 -44.93 -20.80 -0.73
N ASN C 287 -45.84 -21.75 -0.96
CA ASN C 287 -45.94 -22.47 -2.21
C ASN C 287 -47.12 -21.94 -3.00
N THR C 288 -46.85 -21.42 -4.19
CA THR C 288 -47.94 -20.94 -5.05
C THR C 288 -48.82 -22.10 -5.55
N PHE C 289 -48.23 -23.29 -5.63
CA PHE C 289 -48.95 -24.48 -6.10
C PHE C 289 -49.54 -25.29 -4.95
N GLU C 290 -49.25 -24.88 -3.72
CA GLU C 290 -49.88 -25.44 -2.53
C GLU C 290 -50.11 -24.30 -1.52
N PRO C 291 -51.02 -23.35 -1.86
CA PRO C 291 -51.20 -22.12 -1.07
C PRO C 291 -51.78 -22.35 0.32
N GLU C 292 -52.33 -23.55 0.54
CA GLU C 292 -52.94 -23.94 1.82
C GLU C 292 -51.90 -24.36 2.87
N SER C 293 -50.69 -24.70 2.42
CA SER C 293 -49.60 -25.10 3.31
C SER C 293 -49.15 -23.93 4.20
N GLU C 294 -48.78 -24.26 5.44
CA GLU C 294 -48.35 -23.28 6.43
C GLU C 294 -47.02 -22.64 6.03
N GLY C 295 -46.17 -23.45 5.40
CA GLY C 295 -44.86 -23.00 4.95
C GLY C 295 -43.87 -22.80 6.09
N THR C 296 -42.92 -21.91 5.86
CA THR C 296 -41.87 -21.62 6.82
C THR C 296 -41.99 -20.17 7.27
N LEU C 297 -41.98 -19.96 8.59
CA LEU C 297 -41.97 -18.62 9.17
C LEU C 297 -40.62 -18.30 9.80
N ILE C 298 -39.97 -17.26 9.26
CA ILE C 298 -38.63 -16.83 9.66
C ILE C 298 -38.72 -15.55 10.48
N THR C 299 -38.28 -15.64 11.74
CA THR C 299 -38.33 -14.53 12.70
C THR C 299 -37.09 -14.58 13.58
N ASN C 300 -37.13 -13.84 14.70
CA ASN C 300 -36.08 -13.87 15.71
C ASN C 300 -36.12 -15.15 16.54
N ASP C 301 -37.25 -15.84 16.50
CA ASP C 301 -37.47 -17.04 17.31
C ASP C 301 -36.44 -18.12 17.00
N MET C 302 -35.67 -18.50 18.01
CA MET C 302 -34.67 -19.54 17.87
C MET C 302 -34.88 -20.65 18.89
N GLU C 303 -34.87 -21.88 18.39
CA GLU C 303 -35.17 -23.05 19.19
C GLU C 303 -34.29 -24.19 18.72
N MET C 304 -33.55 -24.79 19.66
CA MET C 304 -32.69 -25.93 19.36
C MET C 304 -33.49 -27.19 19.04
N SER C 305 -33.04 -27.91 18.02
CA SER C 305 -33.62 -29.19 17.67
C SER C 305 -32.93 -30.28 18.49
N ASP C 306 -33.71 -31.27 18.93
CA ASP C 306 -33.20 -32.39 19.74
C ASP C 306 -31.92 -32.92 19.14
N SER C 307 -32.01 -33.35 17.88
CA SER C 307 -30.84 -33.62 17.09
C SER C 307 -30.49 -32.30 16.46
N ILE C 308 -29.50 -31.62 17.03
CA ILE C 308 -28.90 -30.43 16.44
C ILE C 308 -28.69 -30.82 14.99
N VAL C 309 -28.72 -29.83 14.11
CA VAL C 309 -28.72 -30.04 12.65
C VAL C 309 -30.18 -30.09 12.22
N LYS C 310 -30.62 -28.99 11.61
CA LYS C 310 -31.98 -28.86 11.13
C LYS C 310 -32.03 -28.94 9.61
N ALA C 311 -31.01 -28.40 8.94
CA ALA C 311 -30.98 -28.43 7.48
C ALA C 311 -29.58 -28.69 6.91
N ILE C 312 -29.55 -29.16 5.66
CA ILE C 312 -28.32 -29.44 4.90
C ILE C 312 -28.38 -28.73 3.55
N SER C 313 -27.34 -27.96 3.23
CA SER C 313 -27.25 -27.30 1.92
C SER C 313 -25.91 -27.54 1.23
N THR C 314 -25.86 -27.27 -0.07
CA THR C 314 -24.67 -27.47 -0.88
C THR C 314 -24.44 -26.36 -1.90
N ILE C 315 -23.18 -26.15 -2.27
CA ILE C 315 -22.84 -25.37 -3.45
C ILE C 315 -21.96 -26.25 -4.32
N LYS C 316 -22.38 -26.45 -5.56
CA LYS C 316 -21.61 -27.21 -6.53
C LYS C 316 -20.63 -26.32 -7.28
N ASN C 317 -21.04 -25.10 -7.56
CA ASN C 317 -20.32 -24.22 -8.46
C ASN C 317 -19.19 -23.47 -7.77
N VAL C 318 -18.33 -24.23 -7.09
CA VAL C 318 -17.21 -23.68 -6.33
C VAL C 318 -15.89 -24.38 -6.69
N ALA C 319 -14.76 -23.74 -6.39
CA ALA C 319 -13.48 -24.40 -6.55
C ALA C 319 -12.67 -24.29 -5.27
N LEU C 320 -11.86 -25.32 -5.02
CA LEU C 320 -10.96 -25.34 -3.89
C LEU C 320 -9.58 -24.88 -4.34
N ILE C 321 -9.13 -23.77 -3.78
CA ILE C 321 -7.80 -23.24 -4.04
C ILE C 321 -6.95 -23.46 -2.80
N ASN C 322 -5.83 -24.14 -2.99
CA ASN C 322 -4.84 -24.30 -1.93
C ASN C 322 -3.61 -23.49 -2.25
N ILE C 323 -3.26 -22.58 -1.36
CA ILE C 323 -2.09 -21.75 -1.56
C ILE C 323 -0.97 -22.33 -0.72
N PHE C 324 0.12 -22.69 -1.37
CA PHE C 324 1.26 -23.27 -0.68
C PHE C 324 2.26 -22.19 -0.28
N GLY C 325 2.39 -22.00 1.03
CA GLY C 325 3.29 -20.99 1.59
C GLY C 325 4.76 -21.37 1.45
N ALA C 326 5.64 -20.40 1.69
CA ALA C 326 7.08 -20.61 1.53
C ALA C 326 7.79 -21.08 2.81
N GLY C 327 7.02 -21.35 3.86
CA GLY C 327 7.57 -21.80 5.15
C GLY C 327 6.98 -20.99 6.29
N MET C 328 7.75 -20.82 7.35
CA MET C 328 7.33 -19.94 8.43
C MET C 328 7.63 -18.48 8.07
N VAL C 329 6.73 -17.90 7.29
CA VAL C 329 6.90 -16.54 6.75
C VAL C 329 5.89 -15.52 7.34
N GLY C 330 5.05 -15.99 8.26
CA GLY C 330 4.13 -15.14 9.01
C GLY C 330 2.75 -15.15 8.39
N VAL C 331 1.80 -15.81 9.05
CA VAL C 331 0.50 -16.03 8.42
C VAL C 331 -0.30 -14.75 8.24
N SER C 332 -0.35 -13.87 9.24
CA SER C 332 -1.15 -12.65 9.11
C SER C 332 -0.66 -11.72 7.98
N GLY C 333 0.67 -11.59 7.88
CA GLY C 333 1.31 -10.82 6.84
C GLY C 333 1.01 -11.37 5.45
N THR C 334 1.13 -12.69 5.29
CA THR C 334 0.93 -13.27 3.96
C THR C 334 -0.56 -13.44 3.66
N ALA C 335 -1.38 -13.58 4.70
CA ALA C 335 -2.82 -13.52 4.54
C ALA C 335 -3.26 -12.12 4.11
N ALA C 336 -2.63 -11.10 4.68
CA ALA C 336 -2.90 -9.71 4.32
C ALA C 336 -2.74 -9.50 2.82
N ARG C 337 -1.62 -9.99 2.29
CA ARG C 337 -1.32 -9.84 0.86
C ARG C 337 -2.21 -10.69 -0.06
N ILE C 338 -2.49 -11.92 0.38
CA ILE C 338 -3.44 -12.80 -0.33
C ILE C 338 -4.81 -12.15 -0.46
N PHE C 339 -5.41 -11.74 0.66
CA PHE C 339 -6.76 -11.17 0.64
C PHE C 339 -6.86 -9.77 0.05
N LYS C 340 -5.78 -9.00 0.11
CA LYS C 340 -5.69 -7.76 -0.64
C LYS C 340 -5.84 -8.04 -2.13
N ALA C 341 -5.02 -8.96 -2.66
CA ALA C 341 -5.02 -9.29 -4.09
C ALA C 341 -6.39 -9.78 -4.55
N LEU C 342 -6.97 -10.68 -3.77
CA LEU C 342 -8.29 -11.24 -4.06
C LEU C 342 -9.40 -10.20 -3.96
N GLY C 343 -9.31 -9.32 -2.96
CA GLY C 343 -10.28 -8.25 -2.76
C GLY C 343 -10.25 -7.27 -3.91
N GLU C 344 -9.04 -6.90 -4.34
CA GLU C 344 -8.83 -6.02 -5.48
C GLU C 344 -9.51 -6.56 -6.72
N GLU C 345 -9.51 -7.87 -6.85
CA GLU C 345 -10.07 -8.56 -8.02
C GLU C 345 -11.54 -8.91 -7.81
N GLU C 346 -12.08 -8.56 -6.65
CA GLU C 346 -13.46 -8.87 -6.25
C GLU C 346 -13.78 -10.36 -6.22
N VAL C 347 -12.77 -11.19 -5.95
CA VAL C 347 -12.95 -12.64 -5.81
C VAL C 347 -13.84 -12.94 -4.62
N ASN C 348 -14.89 -13.73 -4.86
CA ASN C 348 -15.82 -14.19 -3.84
C ASN C 348 -15.25 -15.40 -3.07
N VAL C 349 -14.79 -15.18 -1.83
CA VAL C 349 -14.31 -16.31 -1.01
C VAL C 349 -15.37 -16.78 -0.04
N ILE C 350 -15.62 -18.09 -0.07
CA ILE C 350 -16.73 -18.70 0.63
C ILE C 350 -16.27 -19.28 1.95
N LEU C 351 -15.07 -19.85 1.93
CA LEU C 351 -14.50 -20.55 3.09
C LEU C 351 -12.99 -20.30 3.15
N ILE C 352 -12.50 -20.14 4.38
CA ILE C 352 -11.08 -20.01 4.65
C ILE C 352 -10.68 -21.00 5.74
N SER C 353 -9.56 -21.71 5.52
CA SER C 353 -8.96 -22.51 6.59
C SER C 353 -7.43 -22.42 6.57
N GLN C 354 -6.86 -22.12 7.73
CA GLN C 354 -5.42 -22.00 7.88
C GLN C 354 -4.97 -22.68 9.15
N GLY C 355 -4.03 -23.62 9.01
CA GLY C 355 -3.51 -24.38 10.14
C GLY C 355 -2.33 -25.18 9.66
N SER C 356 -1.19 -24.52 9.53
CA SER C 356 -0.08 -25.06 8.76
C SER C 356 1.22 -24.31 9.06
N SER C 357 2.25 -25.05 9.46
CA SER C 357 3.59 -24.50 9.70
C SER C 357 4.26 -23.95 8.46
N GLU C 358 3.70 -24.23 7.28
CA GLU C 358 4.25 -23.78 6.00
C GLU C 358 3.54 -22.55 5.45
N THR C 359 2.65 -21.96 6.25
CA THR C 359 1.82 -20.81 5.86
C THR C 359 0.95 -21.12 4.63
N ASN C 360 0.56 -22.39 4.52
CA ASN C 360 -0.47 -22.81 3.58
C ASN C 360 -1.83 -22.30 4.03
N ILE C 361 -2.70 -22.04 3.07
CA ILE C 361 -4.06 -21.63 3.35
C ILE C 361 -5.05 -22.24 2.33
N SER C 362 -6.19 -22.70 2.83
CA SER C 362 -7.21 -23.34 2.01
C SER C 362 -8.35 -22.38 1.78
N LEU C 363 -8.82 -22.35 0.53
CA LEU C 363 -9.85 -21.39 0.11
C LEU C 363 -10.91 -22.03 -0.78
N VAL C 364 -12.17 -21.69 -0.52
CA VAL C 364 -13.24 -21.99 -1.46
C VAL C 364 -13.65 -20.68 -2.13
N VAL C 365 -13.70 -20.71 -3.46
CA VAL C 365 -14.20 -19.58 -4.22
C VAL C 365 -15.31 -20.01 -5.19
N SER C 366 -16.14 -19.06 -5.61
CA SER C 366 -17.08 -19.30 -6.70
C SER C 366 -16.27 -19.80 -7.88
N GLU C 367 -16.75 -20.84 -8.57
CA GLU C 367 -15.97 -21.49 -9.64
C GLU C 367 -15.52 -20.54 -10.74
N GLU C 368 -16.32 -19.52 -11.06
CA GLU C 368 -16.00 -18.61 -12.16
C GLU C 368 -14.95 -17.55 -11.80
N ASP C 369 -14.56 -17.51 -10.52
CA ASP C 369 -13.56 -16.54 -10.05
C ASP C 369 -12.13 -17.08 -10.01
N VAL C 370 -11.95 -18.34 -10.41
CA VAL C 370 -10.62 -18.97 -10.35
C VAL C 370 -9.55 -18.21 -11.15
N ASP C 371 -9.88 -17.89 -12.40
CA ASP C 371 -8.98 -17.15 -13.29
C ASP C 371 -8.61 -15.78 -12.73
N LYS C 372 -9.62 -15.04 -12.24
CA LYS C 372 -9.42 -13.78 -11.53
C LYS C 372 -8.48 -13.94 -10.33
N ALA C 373 -8.72 -14.96 -9.51
CA ALA C 373 -7.90 -15.23 -8.33
C ALA C 373 -6.45 -15.58 -8.70
N LEU C 374 -6.28 -16.52 -9.62
CA LEU C 374 -4.95 -16.89 -10.12
C LEU C 374 -4.21 -15.69 -10.69
N LYS C 375 -4.93 -14.86 -11.45
CA LYS C 375 -4.42 -13.60 -12.00
C LYS C 375 -3.97 -12.65 -10.89
N ALA C 376 -4.83 -12.46 -9.88
CA ALA C 376 -4.57 -11.53 -8.78
C ALA C 376 -3.33 -11.91 -7.96
N LEU C 377 -3.12 -13.21 -7.78
CA LEU C 377 -2.02 -13.71 -6.96
C LEU C 377 -0.66 -13.62 -7.66
N LYS C 378 -0.68 -13.77 -8.99
CA LYS C 378 0.55 -13.68 -9.79
C LYS C 378 1.06 -12.23 -9.82
N ARG C 379 0.14 -11.29 -9.98
CA ARG C 379 0.42 -9.86 -9.86
C ARG C 379 0.99 -9.53 -8.47
N GLU C 380 0.31 -10.01 -7.43
CA GLU C 380 0.68 -9.71 -6.05
C GLU C 380 2.04 -10.29 -5.64
N PHE C 381 2.30 -11.55 -6.01
CA PHE C 381 3.50 -12.26 -5.55
C PHE C 381 4.59 -12.51 -6.60
N GLY C 382 4.27 -12.28 -7.87
CA GLY C 382 5.23 -12.38 -8.98
C GLY C 382 5.81 -13.77 -9.24
N ASP C 383 4.97 -14.80 -9.07
CA ASP C 383 5.37 -16.22 -9.17
C ASP C 383 6.71 -16.55 -8.49
N GLY C 385 9.77 -19.19 -8.69
CA GLY C 385 11.09 -19.20 -8.06
C GLY C 385 11.14 -20.04 -6.80
N LYS C 386 12.20 -19.83 -6.01
CA LYS C 386 12.45 -20.55 -4.74
C LYS C 386 12.40 -22.11 -4.84
N LYS C 387 12.24 -22.85 -3.74
CA LYS C 387 12.17 -22.31 -2.37
C LYS C 387 13.51 -22.25 -1.64
N SER C 388 13.69 -21.17 -0.89
CA SER C 388 14.79 -21.01 0.04
C SER C 388 14.24 -20.28 1.27
N PHE C 389 14.62 -20.74 2.46
CA PHE C 389 14.23 -20.10 3.71
C PHE C 389 14.92 -18.73 3.89
N LEU C 390 16.03 -18.53 3.19
CA LEU C 390 16.74 -17.25 3.18
C LEU C 390 16.15 -16.27 2.16
N ASN C 391 15.50 -16.80 1.13
CA ASN C 391 14.79 -15.99 0.15
C ASN C 391 13.52 -15.40 0.75
N ASN C 392 13.19 -14.18 0.36
CA ASN C 392 12.08 -13.45 0.98
C ASN C 392 10.68 -13.77 0.42
N ASN C 393 10.60 -14.67 -0.56
CA ASN C 393 9.31 -15.04 -1.16
C ASN C 393 8.36 -15.65 -0.12
N LEU C 394 7.06 -15.46 -0.36
CA LEU C 394 6.02 -15.82 0.60
C LEU C 394 5.19 -17.01 0.12
N ILE C 395 5.02 -17.10 -1.19
CA ILE C 395 4.19 -18.13 -1.83
C ILE C 395 5.02 -19.04 -2.75
N ARG C 396 4.88 -20.35 -2.54
CA ARG C 396 5.65 -21.37 -3.25
C ARG C 396 4.93 -21.86 -4.51
N ASP C 397 3.62 -22.08 -4.38
CA ASP C 397 2.79 -22.65 -5.44
C ASP C 397 1.30 -22.48 -5.09
N VAL C 398 0.46 -22.76 -6.07
CA VAL C 398 -0.99 -22.68 -5.94
C VAL C 398 -1.60 -23.88 -6.69
N SER C 399 -2.62 -24.49 -6.11
CA SER C 399 -3.37 -25.54 -6.81
C SER C 399 -4.87 -25.32 -6.72
N VAL C 400 -5.58 -25.62 -7.81
CA VAL C 400 -7.05 -25.55 -7.80
C VAL C 400 -7.68 -26.89 -8.14
N ASP C 401 -8.80 -27.18 -7.47
CA ASP C 401 -9.63 -28.34 -7.76
C ASP C 401 -11.03 -27.80 -7.92
N LYS C 402 -11.55 -27.86 -9.15
CA LYS C 402 -12.89 -27.37 -9.47
C LYS C 402 -13.93 -28.49 -9.35
N ASP C 403 -13.45 -29.74 -9.26
CA ASP C 403 -14.33 -30.89 -9.13
C ASP C 403 -14.67 -31.13 -7.66
N VAL C 404 -15.20 -30.08 -7.07
CA VAL C 404 -15.39 -30.01 -5.64
C VAL C 404 -16.74 -29.40 -5.35
N CYS C 405 -17.27 -29.71 -4.18
CA CYS C 405 -18.43 -29.00 -3.66
C CYS C 405 -18.25 -28.70 -2.18
N VAL C 406 -19.01 -27.71 -1.70
CA VAL C 406 -19.11 -27.38 -0.27
C VAL C 406 -20.44 -27.90 0.26
N ILE C 407 -20.40 -28.64 1.36
CA ILE C 407 -21.64 -29.04 2.06
C ILE C 407 -21.71 -28.33 3.41
N SER C 408 -22.88 -27.78 3.73
CA SER C 408 -23.10 -27.09 4.99
C SER C 408 -24.25 -27.71 5.77
N VAL C 409 -24.08 -27.72 7.09
CA VAL C 409 -25.06 -28.29 7.99
C VAL C 409 -25.37 -27.20 9.03
N VAL C 410 -26.66 -26.88 9.16
CA VAL C 410 -27.11 -25.71 9.92
C VAL C 410 -28.15 -26.10 11.00
N GLY C 411 -28.10 -25.41 12.14
CA GLY C 411 -29.04 -25.60 13.25
C GLY C 411 -28.64 -24.80 14.47
N ALA C 412 -29.63 -24.27 15.18
CA ALA C 412 -29.45 -23.42 16.37
C ALA C 412 -28.29 -23.72 17.35
N GLY C 413 -28.12 -24.96 17.76
CA GLY C 413 -27.07 -25.19 18.76
C GLY C 413 -25.71 -25.63 18.25
N MET C 414 -25.45 -25.41 16.96
CA MET C 414 -24.35 -26.12 16.27
C MET C 414 -22.99 -26.03 16.95
N ARG C 415 -22.43 -24.82 17.00
CA ARG C 415 -21.11 -24.57 17.57
C ARG C 415 -21.02 -24.98 19.04
N GLY C 416 -22.04 -24.65 19.83
CA GLY C 416 -22.05 -24.96 21.25
C GLY C 416 -22.33 -26.41 21.60
N ALA C 417 -22.75 -27.20 20.61
CA ALA C 417 -23.18 -28.59 20.86
C ALA C 417 -22.02 -29.57 20.85
N LYS C 418 -21.83 -30.20 22.01
CA LYS C 418 -20.82 -31.21 22.22
C LYS C 418 -21.19 -32.50 21.48
N GLY C 419 -20.25 -33.05 20.70
CA GLY C 419 -20.45 -34.31 20.02
C GLY C 419 -20.88 -34.23 18.55
N ILE C 420 -21.42 -33.08 18.14
CA ILE C 420 -22.04 -32.97 16.83
C ILE C 420 -21.05 -33.08 15.66
N ALA C 421 -19.89 -32.45 15.78
CA ALA C 421 -18.89 -32.49 14.71
C ALA C 421 -18.44 -33.91 14.39
N GLY C 422 -18.16 -34.71 15.42
CA GLY C 422 -17.78 -36.10 15.25
C GLY C 422 -18.89 -36.87 14.56
N LYS C 423 -20.12 -36.64 15.00
CA LYS C 423 -21.31 -37.24 14.41
C LYS C 423 -21.49 -36.87 12.92
N ILE C 424 -21.26 -35.60 12.57
CA ILE C 424 -21.34 -35.14 11.19
C ILE C 424 -20.28 -35.81 10.32
N PHE C 425 -19.04 -35.76 10.77
CA PHE C 425 -17.95 -36.23 9.95
C PHE C 425 -17.82 -37.75 9.84
N THR C 426 -18.24 -38.50 10.87
CA THR C 426 -18.34 -39.96 10.73
C THR C 426 -19.43 -40.32 9.71
N ALA C 427 -20.56 -39.62 9.76
CA ALA C 427 -21.62 -39.75 8.76
C ALA C 427 -21.12 -39.47 7.33
N VAL C 428 -20.33 -38.41 7.17
CA VAL C 428 -19.72 -38.04 5.89
C VAL C 428 -18.84 -39.17 5.34
N SER C 429 -18.04 -39.78 6.21
CA SER C 429 -17.21 -40.91 5.81
C SER C 429 -18.04 -42.16 5.45
N GLU C 430 -19.12 -42.39 6.19
CA GLU C 430 -20.01 -43.52 5.94
C GLU C 430 -20.68 -43.40 4.57
N SER C 431 -20.80 -42.17 4.07
CA SER C 431 -21.39 -41.93 2.75
C SER C 431 -20.40 -42.20 1.60
N GLY C 432 -19.12 -42.36 1.95
CA GLY C 432 -18.08 -42.61 0.97
C GLY C 432 -17.23 -41.41 0.61
N ALA C 433 -17.47 -40.26 1.22
CA ALA C 433 -16.77 -39.02 0.86
C ALA C 433 -15.43 -38.82 1.58
N ASN C 434 -14.54 -38.07 0.94
CA ASN C 434 -13.24 -37.73 1.51
C ASN C 434 -13.15 -36.22 1.68
N ILE C 435 -13.26 -35.79 2.94
CA ILE C 435 -13.22 -34.37 3.35
C ILE C 435 -11.89 -33.70 3.03
N LYS C 436 -11.95 -32.60 2.27
CA LYS C 436 -10.77 -31.90 1.78
C LYS C 436 -10.52 -30.62 2.56
N MET C 437 -11.53 -30.17 3.30
CA MET C 437 -11.52 -28.92 4.02
C MET C 437 -12.69 -28.93 5.01
N ILE C 438 -12.47 -28.32 6.18
CA ILE C 438 -13.47 -28.11 7.21
C ILE C 438 -13.42 -26.67 7.73
N ALA C 439 -14.60 -26.04 7.84
CA ALA C 439 -14.76 -24.77 8.59
C ALA C 439 -15.70 -24.89 9.80
N GLN C 440 -15.18 -24.60 10.98
CA GLN C 440 -16.01 -24.55 12.20
C GLN C 440 -15.44 -23.49 13.12
N GLY C 441 -16.32 -22.77 13.80
CA GLY C 441 -15.91 -21.81 14.81
C GLY C 441 -16.48 -20.42 14.57
N SER C 442 -16.57 -20.01 13.30
CA SER C 442 -16.92 -18.61 12.98
C SER C 442 -18.42 -18.37 12.96
N SER C 443 -19.17 -19.46 12.90
CA SER C 443 -20.62 -19.40 12.92
C SER C 443 -21.22 -20.14 14.11
N GLU C 444 -22.30 -19.59 14.63
CA GLU C 444 -23.01 -20.16 15.77
C GLU C 444 -23.81 -21.39 15.34
N VAL C 445 -24.26 -21.41 14.10
CA VAL C 445 -25.28 -22.37 13.66
C VAL C 445 -24.83 -23.28 12.50
N ASN C 446 -23.60 -23.10 12.04
CA ASN C 446 -23.16 -23.73 10.79
C ASN C 446 -21.80 -24.45 10.82
N ILE C 447 -21.76 -25.62 10.21
CA ILE C 447 -20.50 -26.32 9.92
C ILE C 447 -20.40 -26.68 8.42
N SER C 448 -19.33 -26.22 7.75
CA SER C 448 -19.14 -26.46 6.32
C SER C 448 -17.86 -27.24 6.03
N PHE C 449 -17.91 -28.07 5.00
CA PHE C 449 -16.77 -28.90 4.60
C PHE C 449 -16.77 -29.10 3.10
N VAL C 450 -15.63 -29.53 2.58
CA VAL C 450 -15.45 -29.68 1.16
C VAL C 450 -15.20 -31.15 0.87
N ILE C 451 -15.91 -31.71 -0.11
CA ILE C 451 -15.70 -33.07 -0.57
C ILE C 451 -15.63 -33.10 -2.09
N ASP C 452 -15.30 -34.25 -2.67
CA ASP C 452 -15.33 -34.42 -4.13
C ASP C 452 -16.76 -34.23 -4.65
N GLU C 453 -16.90 -33.54 -5.78
CA GLU C 453 -18.20 -33.26 -6.38
C GLU C 453 -19.03 -34.52 -6.66
N LYS C 454 -18.38 -35.59 -7.13
CA LYS C 454 -19.04 -36.86 -7.43
C LYS C 454 -19.78 -37.46 -6.22
N ASP C 455 -19.31 -37.12 -5.03
CA ASP C 455 -19.83 -37.67 -3.79
C ASP C 455 -20.92 -36.79 -3.13
N LEU C 456 -21.36 -35.76 -3.87
CA LEU C 456 -22.32 -34.78 -3.33
C LEU C 456 -23.66 -35.39 -2.87
N LEU C 457 -24.37 -36.04 -3.79
CA LEU C 457 -25.70 -36.62 -3.48
C LEU C 457 -25.69 -37.61 -2.33
N ASN C 458 -24.76 -38.56 -2.38
CA ASN C 458 -24.62 -39.60 -1.35
C ASN C 458 -24.37 -39.01 0.04
N CYS C 459 -23.49 -38.00 0.09
CA CYS C 459 -23.18 -37.30 1.32
C CYS C 459 -24.41 -36.62 1.90
N VAL C 460 -25.15 -35.90 1.06
CA VAL C 460 -26.39 -35.23 1.47
C VAL C 460 -27.47 -36.24 1.90
N ARG C 461 -27.58 -37.34 1.15
CA ARG C 461 -28.45 -38.47 1.52
C ARG C 461 -28.12 -39.06 2.90
N LYS C 462 -26.85 -39.26 3.16
CA LYS C 462 -26.42 -39.88 4.41
C LYS C 462 -26.65 -38.95 5.61
N LEU C 463 -26.37 -37.67 5.44
CA LEU C 463 -26.59 -36.67 6.47
C LEU C 463 -28.08 -36.50 6.77
N HIS C 464 -28.90 -36.55 5.73
CA HIS C 464 -30.33 -36.40 5.87
C HIS C 464 -30.94 -37.61 6.57
N GLU C 465 -30.46 -38.79 6.19
CA GLU C 465 -30.74 -40.06 6.86
C GLU C 465 -30.49 -39.98 8.36
N LYS C 466 -29.27 -39.59 8.73
CA LYS C 466 -28.85 -39.64 10.13
C LYS C 466 -29.46 -38.57 11.03
N PHE C 467 -29.68 -37.38 10.48
CA PHE C 467 -30.08 -36.24 11.32
C PHE C 467 -31.55 -35.85 11.25
N ILE C 468 -32.19 -36.10 10.13
CA ILE C 468 -33.56 -35.63 9.90
C ILE C 468 -34.60 -36.76 9.90
N GLU C 469 -34.31 -37.82 9.15
CA GLU C 469 -35.30 -38.88 8.88
C GLU C 469 -35.68 -39.72 10.10
N LYS C 470 -34.71 -40.47 10.65
CA LYS C 470 -34.96 -41.40 11.77
C LYS C 470 -36.28 -42.19 11.67
N THR D 2 30.97 -34.40 8.58
CA THR D 2 30.58 -33.17 9.34
C THR D 2 29.35 -33.47 10.18
N THR D 3 29.49 -33.26 11.48
CA THR D 3 28.43 -33.53 12.44
C THR D 3 28.22 -32.33 13.33
N VAL D 4 27.00 -31.82 13.36
CA VAL D 4 26.63 -30.81 14.36
C VAL D 4 25.87 -31.46 15.53
N MET D 5 26.32 -31.15 16.74
CA MET D 5 25.76 -31.72 17.95
C MET D 5 25.28 -30.59 18.85
N LYS D 6 23.98 -30.56 19.08
CA LYS D 6 23.38 -29.51 19.90
C LYS D 6 22.92 -30.12 21.22
N PHE D 7 23.32 -29.46 22.32
CA PHE D 7 22.94 -29.85 23.68
C PHE D 7 22.11 -28.76 24.35
N GLY D 8 21.05 -29.18 25.04
CA GLY D 8 20.15 -28.25 25.69
C GLY D 8 20.49 -27.94 27.13
N GLY D 9 19.70 -27.04 27.70
CA GLY D 9 19.89 -26.57 29.08
C GLY D 9 20.02 -27.62 30.16
N THR D 10 19.12 -28.59 30.20
CA THR D 10 19.24 -29.66 31.20
C THR D 10 20.45 -30.57 30.91
N SER D 11 20.82 -30.71 29.63
CA SER D 11 21.98 -31.52 29.25
C SER D 11 23.25 -30.92 29.82
N VAL D 12 23.27 -29.59 29.94
CA VAL D 12 24.39 -28.87 30.56
C VAL D 12 24.03 -28.21 31.90
N GLY D 13 23.10 -28.83 32.63
CA GLY D 13 22.46 -28.20 33.78
C GLY D 13 23.30 -28.17 35.04
N SER D 14 24.46 -28.81 35.01
CA SER D 14 25.44 -28.77 36.09
C SER D 14 26.81 -29.11 35.50
N GLY D 15 27.87 -29.02 36.30
CA GLY D 15 29.21 -29.33 35.83
C GLY D 15 29.38 -30.79 35.44
N GLU D 16 28.92 -31.67 36.32
CA GLU D 16 28.83 -33.12 36.10
C GLU D 16 28.22 -33.39 34.73
N ARG D 17 27.11 -32.71 34.43
CA ARG D 17 26.43 -32.84 33.16
C ARG D 17 27.26 -32.32 31.99
N ILE D 18 27.86 -31.14 32.16
CA ILE D 18 28.70 -30.52 31.11
C ILE D 18 29.86 -31.44 30.72
N ARG D 19 30.53 -32.03 31.71
CA ARG D 19 31.61 -32.98 31.49
C ARG D 19 31.12 -34.23 30.74
N HIS D 20 29.93 -34.71 31.10
CA HIS D 20 29.31 -35.85 30.44
C HIS D 20 29.10 -35.53 28.95
N VAL D 21 28.47 -34.40 28.68
CA VAL D 21 28.33 -33.84 27.33
C VAL D 21 29.67 -33.75 26.58
N ALA D 22 30.68 -33.19 27.25
CA ALA D 22 32.03 -33.11 26.67
C ALA D 22 32.56 -34.50 26.23
N LYS D 23 32.24 -35.54 27.00
CA LYS D 23 32.61 -36.93 26.70
C LYS D 23 31.84 -37.51 25.52
N ILE D 24 30.56 -37.17 25.39
CA ILE D 24 29.79 -37.54 24.21
C ILE D 24 30.42 -36.92 22.94
N VAL D 25 30.78 -35.65 23.02
CA VAL D 25 31.38 -34.90 21.91
C VAL D 25 32.70 -35.51 21.49
N THR D 26 33.57 -35.78 22.47
CA THR D 26 34.89 -36.33 22.25
C THR D 26 34.83 -37.76 21.69
N LYS D 27 33.82 -38.52 22.10
CA LYS D 27 33.60 -39.85 21.52
C LYS D 27 33.19 -39.76 20.04
N ARG D 28 32.28 -38.84 19.73
CA ARG D 28 31.88 -38.59 18.33
C ARG D 28 33.05 -38.11 17.48
N LYS D 29 33.91 -37.29 18.09
CA LYS D 29 35.11 -36.75 17.43
C LYS D 29 35.97 -37.85 16.84
N LYS D 30 35.97 -39.01 17.50
CA LYS D 30 36.74 -40.17 17.05
C LYS D 30 36.12 -40.86 15.83
N GLU D 31 34.80 -40.80 15.72
CA GLU D 31 34.10 -41.39 14.58
C GLU D 31 34.07 -40.41 13.38
N ASP D 32 33.70 -39.16 13.66
CA ASP D 32 33.69 -38.10 12.65
C ASP D 32 34.62 -37.00 13.12
N ASP D 33 35.67 -36.73 12.35
CA ASP D 33 36.65 -35.71 12.77
C ASP D 33 36.15 -34.26 12.64
N ASP D 34 35.04 -34.06 11.92
CA ASP D 34 34.45 -32.73 11.79
C ASP D 34 33.23 -32.58 12.69
N VAL D 35 33.44 -32.07 13.91
CA VAL D 35 32.33 -31.87 14.84
C VAL D 35 32.15 -30.40 15.23
N VAL D 36 30.95 -29.87 15.01
CA VAL D 36 30.55 -28.57 15.59
C VAL D 36 29.49 -28.76 16.70
N VAL D 37 29.76 -28.16 17.86
CA VAL D 37 28.81 -28.21 18.97
C VAL D 37 28.03 -26.91 19.04
N VAL D 38 26.72 -27.05 19.23
CA VAL D 38 25.85 -25.92 19.59
C VAL D 38 25.40 -26.13 21.04
N VAL D 39 25.40 -25.07 21.84
CA VAL D 39 25.02 -25.19 23.24
C VAL D 39 24.08 -24.08 23.72
N SER D 40 23.09 -24.47 24.51
CA SER D 40 22.22 -23.51 25.18
C SER D 40 22.76 -23.11 26.55
N ALA D 41 22.13 -22.08 27.12
CA ALA D 41 22.34 -21.65 28.49
C ALA D 41 22.04 -22.80 29.45
N MET D 42 22.73 -22.83 30.58
CA MET D 42 22.39 -23.80 31.61
C MET D 42 20.91 -23.71 31.91
N SER D 43 20.33 -24.84 32.29
CA SER D 43 18.92 -24.90 32.62
C SER D 43 18.45 -23.75 33.53
N GLU D 44 17.33 -23.14 33.16
CA GLU D 44 16.66 -22.06 33.93
C GLU D 44 17.31 -20.67 33.89
N VAL D 45 18.52 -20.53 33.34
CA VAL D 45 19.12 -19.21 33.36
C VAL D 45 18.47 -18.22 32.40
N THR D 46 18.03 -18.67 31.23
CA THR D 46 17.33 -17.79 30.28
C THR D 46 16.04 -17.28 30.92
N ASN D 47 15.28 -18.18 31.54
CA ASN D 47 14.14 -17.78 32.36
C ASN D 47 14.50 -16.74 33.45
N ALA D 48 15.62 -16.93 34.15
CA ALA D 48 16.02 -15.98 35.19
C ALA D 48 16.45 -14.66 34.58
N LEU D 49 17.10 -14.71 33.41
CA LEU D 49 17.48 -13.50 32.70
C LEU D 49 16.26 -12.67 32.29
N VAL D 50 15.22 -13.37 31.84
CA VAL D 50 13.96 -12.76 31.45
C VAL D 50 13.30 -12.03 32.66
N GLU D 51 13.31 -12.69 33.83
CA GLU D 51 12.61 -12.12 34.98
C GLU D 51 13.35 -10.95 35.64
N ILE D 52 14.68 -11.04 35.68
CA ILE D 52 15.50 -9.95 36.20
C ILE D 52 15.48 -8.68 35.32
N SER D 53 15.34 -8.86 34.00
CA SER D 53 15.29 -7.73 33.06
C SER D 53 14.06 -6.87 33.36
N GLN D 54 12.95 -7.55 33.59
CA GLN D 54 11.65 -6.98 33.82
C GLN D 54 11.59 -6.38 35.23
N GLN D 55 12.18 -7.08 36.21
CA GLN D 55 12.37 -6.53 37.56
C GLN D 55 13.23 -5.27 37.57
N ALA D 56 14.33 -5.31 36.82
CA ALA D 56 15.24 -4.17 36.72
C ALA D 56 14.53 -3.01 36.02
N LEU D 57 13.71 -3.32 35.03
CA LEU D 57 12.88 -2.33 34.36
C LEU D 57 11.80 -1.76 35.26
N ASP D 58 10.96 -2.62 35.83
CA ASP D 58 9.79 -2.20 36.61
C ASP D 58 10.13 -1.67 38.01
N VAL D 59 10.72 -2.49 38.86
CA VAL D 59 10.94 -2.05 40.26
C VAL D 59 12.25 -1.28 40.48
N ARG D 60 13.22 -1.51 39.58
CA ARG D 60 14.49 -0.76 39.51
C ARG D 60 15.42 -0.93 40.73
N ASP D 61 15.36 -2.09 41.37
CA ASP D 61 16.08 -2.36 42.62
C ASP D 61 17.48 -2.96 42.40
N ILE D 62 18.51 -2.19 42.76
CA ILE D 62 19.90 -2.57 42.50
C ILE D 62 20.44 -3.69 43.41
N ALA D 63 19.83 -3.86 44.58
CA ALA D 63 20.15 -5.00 45.46
C ALA D 63 19.63 -6.30 44.86
N LYS D 64 18.44 -6.20 44.26
CA LYS D 64 17.80 -7.29 43.59
C LYS D 64 18.64 -7.77 42.41
N VAL D 65 19.15 -6.83 41.61
CA VAL D 65 20.14 -7.14 40.56
C VAL D 65 21.40 -7.80 41.14
N GLY D 66 21.90 -7.27 42.26
CA GLY D 66 23.07 -7.82 42.95
C GLY D 66 22.90 -9.26 43.42
N ASP D 67 21.70 -9.60 43.91
CA ASP D 67 21.36 -10.97 44.30
C ASP D 67 21.38 -11.92 43.08
N PHE D 68 20.80 -11.47 41.96
CA PHE D 68 20.81 -12.23 40.72
C PHE D 68 22.23 -12.56 40.25
N ILE D 69 23.08 -11.53 40.23
CA ILE D 69 24.46 -11.69 39.81
C ILE D 69 25.15 -12.78 40.63
N LYS D 70 24.99 -12.73 41.95
CA LYS D 70 25.58 -13.73 42.85
C LYS D 70 25.15 -15.15 42.51
N PHE D 71 23.84 -15.36 42.40
CA PHE D 71 23.26 -16.62 41.96
C PHE D 71 23.87 -17.12 40.64
N ILE D 72 23.93 -16.24 39.64
CA ILE D 72 24.52 -16.55 38.34
C ILE D 72 26.01 -16.88 38.44
N ARG D 73 26.73 -16.12 39.26
CA ARG D 73 28.15 -16.32 39.50
C ARG D 73 28.40 -17.66 40.20
N GLU D 74 27.72 -17.88 41.32
CA GLU D 74 27.84 -19.12 42.09
C GLU D 74 27.49 -20.39 41.29
N LYS D 75 26.46 -20.29 40.45
CA LYS D 75 26.04 -21.40 39.60
C LYS D 75 27.11 -21.78 38.53
N HIS D 76 27.70 -20.76 37.90
CA HIS D 76 28.68 -20.98 36.83
C HIS D 76 30.09 -21.30 37.35
N TYR D 77 30.44 -20.74 38.51
CA TYR D 77 31.65 -21.16 39.22
C TYR D 77 31.59 -22.64 39.61
N LYS D 78 30.47 -23.04 40.23
CA LYS D 78 30.25 -24.43 40.63
C LYS D 78 30.35 -25.36 39.43
N ALA D 79 29.76 -24.95 38.30
CA ALA D 79 29.79 -25.70 37.05
C ALA D 79 31.21 -25.93 36.56
N ILE D 80 32.03 -24.88 36.59
CA ILE D 80 33.43 -24.92 36.15
C ILE D 80 34.22 -25.94 36.96
N GLU D 81 34.06 -25.82 38.28
CA GLU D 81 34.75 -26.63 39.28
C GLU D 81 34.36 -28.11 39.21
N GLU D 82 33.09 -28.38 38.92
CA GLU D 82 32.59 -29.74 38.78
C GLU D 82 32.71 -30.32 37.36
N ALA D 83 33.16 -29.51 36.39
CA ALA D 83 33.29 -29.96 34.99
C ALA D 83 34.72 -30.21 34.49
N ILE D 84 35.69 -29.51 35.07
CA ILE D 84 37.05 -29.43 34.56
C ILE D 84 38.02 -29.81 35.69
N LYS D 85 38.97 -30.69 35.38
CA LYS D 85 40.00 -31.11 36.34
C LYS D 85 41.20 -30.16 36.35
N SER D 86 41.62 -29.71 35.18
CA SER D 86 42.79 -28.82 35.05
C SER D 86 42.56 -27.48 35.73
N GLU D 87 43.52 -27.12 36.58
CA GLU D 87 43.57 -25.82 37.23
C GLU D 87 43.75 -24.70 36.23
N GLU D 88 44.65 -24.91 35.26
CA GLU D 88 44.95 -23.94 34.22
C GLU D 88 43.73 -23.60 33.36
N ILE D 89 42.96 -24.64 32.98
CA ILE D 89 41.78 -24.48 32.15
C ILE D 89 40.64 -23.83 32.94
N LYS D 90 40.40 -24.29 34.18
CA LYS D 90 39.41 -23.68 35.08
C LYS D 90 39.66 -22.20 35.29
N GLU D 91 40.93 -21.84 35.44
CA GLU D 91 41.37 -20.46 35.61
C GLU D 91 41.06 -19.60 34.40
N GLU D 92 41.31 -20.11 33.20
CA GLU D 92 41.05 -19.35 31.98
C GLU D 92 39.55 -19.26 31.65
N VAL D 93 38.80 -20.28 32.01
CA VAL D 93 37.33 -20.26 31.89
C VAL D 93 36.72 -19.28 32.89
N LYS D 94 37.19 -19.33 34.15
CA LYS D 94 36.70 -18.40 35.16
C LYS D 94 36.88 -16.93 34.75
N LYS D 95 38.02 -16.63 34.13
CA LYS D 95 38.34 -15.28 33.64
C LYS D 95 37.32 -14.78 32.62
N ILE D 96 36.90 -15.65 31.73
CA ILE D 96 35.88 -15.32 30.73
C ILE D 96 34.50 -15.14 31.35
N ILE D 97 34.14 -16.01 32.29
CA ILE D 97 32.85 -15.95 32.96
C ILE D 97 32.74 -14.65 33.74
N ASP D 98 33.83 -14.30 34.45
CA ASP D 98 33.94 -13.05 35.19
C ASP D 98 33.72 -11.82 34.32
N SER D 99 34.36 -11.83 33.14
CA SER D 99 34.20 -10.77 32.16
C SER D 99 32.74 -10.61 31.75
N ARG D 100 32.06 -11.72 31.44
CA ARG D 100 30.66 -11.67 31.04
C ARG D 100 29.76 -11.20 32.18
N ILE D 101 30.02 -11.71 33.37
CA ILE D 101 29.24 -11.33 34.55
C ILE D 101 29.30 -9.80 34.86
N GLU D 102 30.52 -9.23 34.81
CA GLU D 102 30.70 -7.79 34.96
C GLU D 102 29.86 -7.01 33.94
N GLU D 103 30.01 -7.37 32.66
CA GLU D 103 29.21 -6.84 31.56
C GLU D 103 27.70 -7.00 31.82
N LEU D 104 27.26 -8.17 32.29
CA LEU D 104 25.85 -8.42 32.63
C LEU D 104 25.35 -7.45 33.71
N GLU D 105 26.17 -7.27 34.73
CA GLU D 105 25.83 -6.41 35.86
C GLU D 105 25.66 -4.95 35.48
N LYS D 106 26.61 -4.38 34.75
CA LYS D 106 26.52 -2.97 34.31
C LYS D 106 25.23 -2.71 33.56
N VAL D 107 24.92 -3.60 32.60
CA VAL D 107 23.76 -3.42 31.73
C VAL D 107 22.48 -3.44 32.54
N LEU D 108 22.39 -4.39 33.47
CA LEU D 108 21.21 -4.50 34.35
C LEU D 108 21.05 -3.26 35.24
N ILE D 109 22.18 -2.68 35.67
CA ILE D 109 22.16 -1.46 36.47
C ILE D 109 21.72 -0.24 35.61
N GLY D 110 22.28 -0.13 34.40
CA GLY D 110 21.81 0.83 33.41
C GLY D 110 20.31 0.78 33.15
N VAL D 111 19.75 -0.42 32.97
CA VAL D 111 18.30 -0.60 32.83
C VAL D 111 17.51 -0.02 34.03
N ALA D 112 18.01 -0.25 35.23
CA ALA D 112 17.40 0.24 36.46
C ALA D 112 17.59 1.75 36.64
N TYR D 113 18.76 2.27 36.28
CA TYR D 113 19.03 3.71 36.34
C TYR D 113 18.10 4.47 35.40
N LEU D 114 17.94 3.95 34.21
CA LEU D 114 17.14 4.60 33.18
C LEU D 114 15.65 4.28 33.25
N GLY D 115 15.29 3.13 33.82
CA GLY D 115 13.90 2.62 33.74
C GLY D 115 13.55 2.39 32.28
N GLU D 116 14.49 1.77 31.58
CA GLU D 116 14.39 1.59 30.15
C GLU D 116 14.91 0.22 29.76
N LEU D 117 14.13 -0.51 28.98
CA LEU D 117 14.55 -1.80 28.44
C LEU D 117 14.03 -1.95 27.01
N THR D 118 14.82 -1.52 26.05
CA THR D 118 14.50 -1.72 24.63
C THR D 118 14.62 -3.19 24.23
N PRO D 119 13.94 -3.61 23.14
CA PRO D 119 14.15 -4.94 22.57
C PRO D 119 15.62 -5.30 22.33
N LYS D 120 16.42 -4.32 21.89
CA LYS D 120 17.85 -4.47 21.66
C LYS D 120 18.59 -4.88 22.94
N SER D 121 18.35 -4.14 24.02
CA SER D 121 18.94 -4.42 25.34
C SER D 121 18.42 -5.72 25.92
N ARG D 122 17.17 -6.05 25.62
CA ARG D 122 16.57 -7.28 26.09
C ARG D 122 17.27 -8.47 25.43
N ASP D 123 17.52 -8.37 24.12
CA ASP D 123 18.26 -9.43 23.41
C ASP D 123 19.67 -9.58 23.98
N TYR D 124 20.33 -8.46 24.22
CA TYR D 124 21.70 -8.45 24.73
C TYR D 124 21.81 -9.17 26.08
N ILE D 125 20.98 -8.79 27.05
CA ILE D 125 20.89 -9.45 28.35
C ILE D 125 20.64 -10.95 28.19
N LEU D 126 19.67 -11.33 27.36
CA LEU D 126 19.33 -12.74 27.12
C LEU D 126 20.49 -13.58 26.55
N SER D 127 21.29 -12.98 25.69
CA SER D 127 22.45 -13.64 25.10
C SER D 127 23.46 -14.15 26.14
N PHE D 128 23.44 -13.59 27.34
CA PHE D 128 24.41 -13.95 28.38
C PHE D 128 24.34 -15.41 28.82
N GLY D 129 23.14 -15.98 28.82
CA GLY D 129 22.95 -17.39 29.13
C GLY D 129 23.87 -18.30 28.34
N GLU D 130 23.78 -18.24 27.02
CA GLU D 130 24.63 -19.06 26.14
C GLU D 130 26.10 -18.66 26.17
N ARG D 131 26.35 -17.39 26.41
CA ARG D 131 27.71 -16.87 26.46
C ARG D 131 28.40 -17.16 27.80
N LEU D 132 27.61 -17.57 28.78
CA LEU D 132 28.17 -18.07 30.05
C LEU D 132 28.40 -19.57 30.06
N SER D 133 27.59 -20.32 29.31
CA SER D 133 27.69 -21.77 29.35
C SER D 133 28.71 -22.32 28.36
N SER D 134 28.81 -21.69 27.18
CA SER D 134 29.67 -22.20 26.12
C SER D 134 31.17 -22.22 26.40
N PRO D 135 31.71 -21.19 27.11
CA PRO D 135 33.13 -21.33 27.47
C PRO D 135 33.42 -22.50 28.44
N ILE D 136 32.46 -22.84 29.29
CA ILE D 136 32.63 -23.97 30.21
C ILE D 136 32.68 -25.29 29.46
N LEU D 137 31.75 -25.49 28.53
CA LEU D 137 31.70 -26.71 27.74
C LEU D 137 32.93 -26.85 26.86
N SER D 138 33.35 -25.73 26.27
CA SER D 138 34.55 -25.74 25.45
C SER D 138 35.80 -26.05 26.29
N GLY D 139 35.85 -25.49 27.49
CA GLY D 139 36.93 -25.78 28.45
C GLY D 139 36.98 -27.25 28.88
N ALA D 140 35.81 -27.84 29.08
CA ALA D 140 35.68 -29.24 29.46
C ALA D 140 36.11 -30.19 28.35
N ILE D 141 35.86 -29.79 27.09
CA ILE D 141 36.33 -30.55 25.92
C ILE D 141 37.85 -30.52 25.82
N ARG D 142 38.43 -29.34 26.07
CA ARG D 142 39.88 -29.16 26.15
C ARG D 142 40.49 -30.00 27.27
N ASP D 143 39.81 -30.02 28.41
CA ASP D 143 40.21 -30.80 29.56
C ASP D 143 40.32 -32.30 29.21
N LEU D 144 39.54 -32.72 28.21
CA LEU D 144 39.57 -34.11 27.74
C LEU D 144 40.57 -34.38 26.58
N GLY D 145 41.47 -33.42 26.32
CA GLY D 145 42.56 -33.60 25.37
C GLY D 145 42.26 -33.20 23.95
N GLU D 146 41.16 -32.47 23.78
CA GLU D 146 40.69 -32.09 22.45
C GLU D 146 40.76 -30.57 22.26
N LYS D 147 41.02 -30.12 21.02
CA LYS D 147 41.06 -28.69 20.71
C LYS D 147 39.66 -28.08 20.61
N SER D 148 39.48 -26.93 21.26
CA SER D 148 38.15 -26.30 21.31
C SER D 148 38.20 -24.81 21.61
N ILE D 149 37.30 -24.05 20.98
CA ILE D 149 37.01 -22.66 21.35
C ILE D 149 35.51 -22.41 21.35
N ALA D 150 35.08 -21.50 22.20
CA ALA D 150 33.69 -21.05 22.25
C ALA D 150 33.51 -19.84 21.33
N LEU D 151 32.38 -19.80 20.63
CA LEU D 151 32.08 -18.74 19.67
C LEU D 151 30.66 -18.27 19.85
N GLU D 152 30.40 -17.00 19.57
CA GLU D 152 29.03 -16.50 19.48
C GLU D 152 28.43 -16.76 18.10
N GLY D 153 27.11 -16.74 18.00
CA GLY D 153 26.40 -17.12 16.77
C GLY D 153 26.69 -16.25 15.56
N GLY D 154 26.94 -14.97 15.80
CA GLY D 154 27.25 -14.06 14.71
C GLY D 154 28.64 -14.31 14.17
N GLU D 155 29.57 -14.52 15.09
CA GLU D 155 30.96 -14.74 14.69
C GLU D 155 31.14 -16.16 14.14
N ALA D 156 30.16 -17.02 14.40
CA ALA D 156 30.05 -18.32 13.77
C ALA D 156 29.39 -18.26 12.38
N GLY D 157 28.83 -17.10 12.02
CA GLY D 157 28.30 -16.90 10.66
C GLY D 157 26.80 -16.72 10.49
N ILE D 158 26.07 -16.58 11.60
CA ILE D 158 24.62 -16.33 11.57
C ILE D 158 24.32 -14.84 11.65
N ILE D 159 23.94 -14.26 10.50
CA ILE D 159 23.62 -12.84 10.39
C ILE D 159 22.10 -12.66 10.24
N THR D 160 21.53 -11.77 11.03
CA THR D 160 20.09 -11.56 11.01
C THR D 160 19.74 -10.11 10.69
N ASP D 161 18.43 -9.85 10.61
CA ASP D 161 17.90 -8.49 10.57
C ASP D 161 17.87 -7.94 12.00
N ASN D 162 17.36 -6.72 12.18
CA ASN D 162 17.26 -6.15 13.54
C ASN D 162 15.85 -6.11 14.11
N ASN D 163 15.11 -7.20 13.88
CA ASN D 163 13.87 -7.42 14.61
C ASN D 163 14.20 -8.15 15.91
N PHE D 164 14.75 -7.40 16.86
CA PHE D 164 15.10 -7.93 18.19
C PHE D 164 13.88 -8.59 18.83
N GLY D 165 14.05 -9.84 19.30
CA GLY D 165 12.95 -10.66 19.80
C GLY D 165 12.88 -12.01 19.08
N SER D 166 12.66 -11.94 17.77
CA SER D 166 12.91 -13.09 16.88
C SER D 166 13.29 -12.53 15.51
N ALA D 167 14.54 -12.10 15.44
CA ALA D 167 15.18 -11.69 14.22
C ALA D 167 15.11 -12.85 13.24
N ARG D 168 14.78 -12.55 11.99
CA ARG D 168 14.86 -13.55 10.94
C ARG D 168 16.31 -13.57 10.45
N VAL D 169 16.77 -14.75 10.04
CA VAL D 169 18.12 -14.90 9.50
C VAL D 169 18.21 -14.25 8.12
N LYS D 170 19.23 -13.43 7.91
CA LYS D 170 19.46 -12.75 6.64
C LYS D 170 20.42 -13.53 5.75
N ARG D 171 21.52 -13.96 6.35
CA ARG D 171 22.70 -14.33 5.61
C ARG D 171 23.46 -15.34 6.45
N LEU D 172 24.14 -16.28 5.81
CA LEU D 172 25.05 -17.20 6.52
C LEU D 172 26.50 -17.13 6.02
N GLU D 173 27.42 -16.99 6.96
CA GLU D 173 28.86 -17.02 6.70
C GLU D 173 29.49 -18.16 7.47
N VAL D 174 28.73 -19.24 7.64
CA VAL D 174 29.12 -20.36 8.51
C VAL D 174 30.39 -21.06 8.01
N LYS D 175 30.41 -21.43 6.73
CA LYS D 175 31.59 -22.06 6.11
C LYS D 175 32.85 -21.22 6.22
N GLU D 176 32.72 -19.93 5.92
CA GLU D 176 33.81 -18.96 6.04
C GLU D 176 34.38 -18.90 7.45
N ARG D 177 33.50 -18.85 8.46
CA ARG D 177 33.93 -18.69 9.84
C ARG D 177 34.44 -20.00 10.47
N LEU D 178 33.78 -21.11 10.14
CA LEU D 178 34.04 -22.39 10.83
C LEU D 178 35.00 -23.36 10.13
N LEU D 179 35.03 -23.36 8.80
CA LEU D 179 35.94 -24.23 8.04
C LEU D 179 37.42 -24.14 8.45
N PRO D 180 37.97 -22.90 8.58
CA PRO D 180 39.35 -22.78 9.05
C PRO D 180 39.59 -23.51 10.38
N LEU D 181 38.65 -23.39 11.30
CA LEU D 181 38.71 -24.05 12.62
C LEU D 181 38.69 -25.57 12.52
N LEU D 182 37.73 -26.10 11.75
CA LEU D 182 37.60 -27.54 11.54
C LEU D 182 38.81 -28.16 10.82
N LYS D 183 39.49 -27.33 10.04
CA LYS D 183 40.66 -27.77 9.31
C LYS D 183 41.86 -27.94 10.25
N GLU D 184 41.97 -27.07 11.25
CA GLU D 184 42.99 -27.20 12.30
C GLU D 184 42.60 -28.26 13.33
N GLY D 185 41.43 -28.86 13.16
CA GLY D 185 40.92 -29.89 14.07
C GLY D 185 40.27 -29.36 15.34
N ILE D 186 39.87 -28.11 15.32
CA ILE D 186 39.25 -27.50 16.49
C ILE D 186 37.76 -27.82 16.53
N ILE D 187 37.25 -28.18 17.71
CA ILE D 187 35.82 -28.33 17.93
C ILE D 187 35.21 -26.99 18.36
N PRO D 188 34.55 -26.26 17.43
CA PRO D 188 33.92 -25.01 17.81
C PRO D 188 32.68 -25.29 18.65
N VAL D 189 32.56 -24.58 19.76
CA VAL D 189 31.36 -24.65 20.57
C VAL D 189 30.61 -23.32 20.36
N VAL D 190 29.54 -23.39 19.57
CA VAL D 190 28.77 -22.23 19.19
C VAL D 190 27.60 -22.03 20.14
N THR D 191 27.35 -20.76 20.51
CA THR D 191 26.17 -20.36 21.28
C THR D 191 24.91 -20.59 20.46
N GLY D 192 23.94 -21.31 21.00
CA GLY D 192 22.64 -21.36 20.33
C GLY D 192 21.90 -20.04 20.58
N PHE D 193 20.72 -19.91 20.00
CA PHE D 193 19.75 -18.88 20.38
C PHE D 193 20.07 -17.52 19.77
N ILE D 194 21.33 -17.26 19.43
CA ILE D 194 21.74 -15.91 19.06
C ILE D 194 22.39 -15.79 17.69
N GLY D 195 22.22 -14.61 17.11
CA GLY D 195 22.88 -14.24 15.89
C GLY D 195 23.49 -12.88 16.06
N THR D 196 23.75 -12.24 14.92
CA THR D 196 24.27 -10.90 14.88
C THR D 196 23.60 -10.10 13.77
N THR D 197 23.38 -8.84 14.08
CA THR D 197 22.94 -7.85 13.13
C THR D 197 24.10 -7.50 12.18
N GLU D 198 23.78 -6.95 11.02
CA GLU D 198 24.82 -6.59 10.05
C GLU D 198 25.88 -5.65 10.65
N GLU D 199 25.47 -4.79 11.60
CA GLU D 199 26.41 -3.90 12.29
C GLU D 199 27.03 -4.51 13.56
N GLY D 200 26.63 -5.73 13.91
CA GLY D 200 27.24 -6.46 15.02
C GLY D 200 26.50 -6.46 16.35
N TYR D 201 25.24 -6.02 16.34
CA TYR D 201 24.41 -6.08 17.54
C TYR D 201 23.90 -7.49 17.75
N ILE D 202 23.97 -7.97 18.98
CA ILE D 202 23.51 -9.31 19.31
C ILE D 202 21.99 -9.37 19.21
N THR D 203 21.53 -10.45 18.61
CA THR D 203 20.15 -10.66 18.27
C THR D 203 19.76 -12.06 18.81
N THR D 204 18.51 -12.25 19.26
CA THR D 204 18.01 -13.59 19.56
C THR D 204 17.08 -14.13 18.47
N LEU D 205 16.98 -15.45 18.39
CA LEU D 205 16.24 -16.12 17.32
C LEU D 205 14.88 -16.62 17.78
N GLY D 206 14.50 -16.27 19.00
CA GLY D 206 13.23 -16.75 19.55
C GLY D 206 13.47 -17.86 20.57
N ARG D 207 12.59 -17.94 21.56
CA ARG D 207 12.68 -18.95 22.60
C ARG D 207 12.66 -20.32 21.96
N GLY D 208 13.56 -21.19 22.41
CA GLY D 208 13.74 -22.51 21.83
C GLY D 208 14.74 -22.50 20.69
N GLY D 209 15.30 -21.32 20.40
CA GLY D 209 16.03 -21.05 19.17
C GLY D 209 17.40 -21.69 18.99
N SER D 210 17.93 -22.28 20.06
CA SER D 210 19.16 -23.07 19.99
C SER D 210 19.06 -24.26 19.03
N ASP D 211 17.89 -24.89 18.94
CA ASP D 211 17.63 -25.94 17.93
C ASP D 211 17.81 -25.41 16.50
N TYR D 212 17.26 -24.22 16.25
CA TYR D 212 17.35 -23.53 14.95
C TYR D 212 18.82 -23.22 14.58
N SER D 213 19.60 -22.72 15.55
CA SER D 213 21.04 -22.51 15.38
C SER D 213 21.76 -23.76 14.84
N ALA D 214 21.47 -24.92 15.43
CA ALA D 214 22.01 -26.22 14.98
C ALA D 214 21.71 -26.54 13.51
N ALA D 215 20.46 -26.31 13.10
CA ALA D 215 20.02 -26.51 11.72
C ALA D 215 20.68 -25.52 10.75
N LEU D 216 20.77 -24.26 11.17
CA LEU D 216 21.46 -23.21 10.42
C LEU D 216 22.93 -23.53 10.23
N ILE D 217 23.59 -23.96 11.30
CA ILE D 217 25.01 -24.32 11.20
C ILE D 217 25.17 -25.58 10.32
N GLY D 218 24.31 -26.57 10.50
CA GLY D 218 24.29 -27.75 9.62
C GLY D 218 24.10 -27.43 8.13
N TYR D 219 23.10 -26.60 7.83
CA TYR D 219 22.81 -26.16 6.46
C TYR D 219 24.02 -25.46 5.85
N GLY D 220 24.58 -24.50 6.60
CA GLY D 220 25.76 -23.74 6.17
C GLY D 220 26.98 -24.59 5.88
N LEU D 221 27.14 -25.67 6.63
CA LEU D 221 28.31 -26.56 6.45
C LEU D 221 28.06 -27.79 5.59
N ASP D 222 26.84 -27.90 5.04
CA ASP D 222 26.42 -29.09 4.28
C ASP D 222 26.62 -30.37 5.09
N ALA D 223 26.30 -30.27 6.38
CA ALA D 223 26.56 -31.32 7.36
C ALA D 223 25.96 -32.66 6.98
N ASP D 224 26.53 -33.73 7.53
CA ASP D 224 26.03 -35.08 7.30
C ASP D 224 24.82 -35.37 8.15
N ILE D 225 24.82 -34.83 9.37
CA ILE D 225 23.77 -35.07 10.34
C ILE D 225 23.71 -33.94 11.35
N ILE D 226 22.48 -33.60 11.76
CA ILE D 226 22.24 -32.68 12.89
C ILE D 226 21.71 -33.49 14.06
N GLU D 227 22.47 -33.54 15.15
CA GLU D 227 22.06 -34.28 16.33
C GLU D 227 21.56 -33.33 17.39
N ILE D 228 20.28 -33.49 17.75
CA ILE D 228 19.65 -32.73 18.81
C ILE D 228 19.67 -33.56 20.11
N TRP D 229 20.53 -33.17 21.04
CA TRP D 229 20.66 -33.87 22.29
C TRP D 229 19.84 -33.18 23.39
N THR D 230 18.88 -33.94 23.90
CA THR D 230 17.89 -33.40 24.80
C THR D 230 17.66 -34.32 26.00
N ASP D 231 16.58 -34.11 26.74
CA ASP D 231 16.37 -34.90 27.95
C ASP D 231 15.28 -35.96 27.83
N VAL D 232 14.85 -36.24 26.61
CA VAL D 232 13.96 -37.34 26.24
C VAL D 232 14.56 -38.10 25.04
N SER D 233 14.17 -39.35 24.87
CA SER D 233 14.79 -40.20 23.84
C SER D 233 14.13 -40.07 22.47
N GLY D 234 14.13 -38.86 21.93
CA GLY D 234 13.49 -38.60 20.64
C GLY D 234 12.22 -37.77 20.76
N VAL D 235 11.46 -37.71 19.65
CA VAL D 235 10.11 -37.15 19.65
C VAL D 235 9.14 -38.26 20.02
N TYR D 236 8.19 -37.95 20.89
CA TYR D 236 7.24 -38.92 21.40
C TYR D 236 5.84 -38.68 20.85
N THR D 237 4.96 -39.66 21.06
CA THR D 237 3.59 -39.60 20.56
C THR D 237 2.84 -38.44 21.22
N THR D 238 3.26 -38.06 22.42
CA THR D 238 2.87 -36.79 23.02
C THR D 238 3.92 -36.37 24.05
N ASP D 239 3.82 -35.16 24.59
CA ASP D 239 4.68 -34.73 25.69
C ASP D 239 4.66 -35.77 26.83
N PRO D 240 5.81 -36.46 27.03
CA PRO D 240 5.94 -37.51 28.05
C PRO D 240 5.79 -36.99 29.47
N ARG D 241 5.84 -35.68 29.64
CA ARG D 241 5.56 -35.06 30.93
C ARG D 241 4.07 -34.97 31.23
N LEU D 242 3.25 -34.91 30.17
CA LEU D 242 1.80 -34.88 30.35
C LEU D 242 1.17 -36.27 30.34
N VAL D 243 1.67 -37.15 29.48
CA VAL D 243 1.17 -38.50 29.35
C VAL D 243 2.35 -39.49 29.43
N PRO D 244 2.63 -40.00 30.64
CA PRO D 244 3.65 -41.02 30.94
C PRO D 244 3.71 -42.22 29.98
N THR D 245 2.57 -42.63 29.42
CA THR D 245 2.54 -43.74 28.47
C THR D 245 2.93 -43.36 27.03
N ALA D 246 3.36 -42.11 26.82
CA ALA D 246 3.90 -41.65 25.53
C ALA D 246 5.05 -42.52 25.03
N ARG D 247 5.11 -42.74 23.72
CA ARG D 247 6.08 -43.66 23.11
C ARG D 247 7.01 -42.91 22.17
N ARG D 248 8.27 -43.35 22.12
CA ARG D 248 9.24 -42.86 21.16
C ARG D 248 8.80 -43.20 19.74
N ILE D 249 8.82 -42.22 18.85
CA ILE D 249 8.60 -42.48 17.43
C ILE D 249 9.99 -42.62 16.77
N PRO D 250 10.35 -43.83 16.33
CA PRO D 250 11.69 -44.02 15.72
C PRO D 250 12.00 -43.14 14.49
N LYS D 251 11.01 -42.88 13.65
CA LYS D 251 11.22 -42.20 12.39
C LYS D 251 10.10 -41.20 12.12
N LEU D 252 10.49 -40.02 11.66
CA LEU D 252 9.51 -39.00 11.29
C LEU D 252 9.94 -38.32 9.99
N SER D 253 8.96 -37.89 9.18
CA SER D 253 9.24 -37.05 8.04
C SER D 253 9.46 -35.62 8.50
N TYR D 254 10.07 -34.82 7.64
CA TYR D 254 10.28 -33.40 7.89
C TYR D 254 8.97 -32.67 8.18
N ILE D 255 7.96 -32.90 7.35
CA ILE D 255 6.70 -32.18 7.49
C ILE D 255 5.94 -32.59 8.77
N GLU D 256 5.87 -33.90 9.05
CA GLU D 256 5.32 -34.37 10.33
C GLU D 256 5.97 -33.67 11.53
N ALA D 257 7.30 -33.66 11.54
CA ALA D 257 8.06 -33.09 12.66
C ALA D 257 7.84 -31.58 12.81
N MET D 258 7.90 -30.85 11.70
CA MET D 258 7.69 -29.40 11.65
C MET D 258 6.29 -29.02 12.16
N GLU D 259 5.27 -29.72 11.68
CA GLU D 259 3.89 -29.49 12.12
C GLU D 259 3.73 -29.71 13.63
N LEU D 260 4.38 -30.76 14.14
CA LEU D 260 4.33 -31.08 15.57
C LEU D 260 5.01 -30.05 16.44
N ALA D 261 6.23 -29.68 16.06
CA ALA D 261 6.97 -28.61 16.71
C ALA D 261 6.19 -27.27 16.70
N TYR D 262 5.64 -26.93 15.54
CA TYR D 262 4.90 -25.68 15.33
C TYR D 262 3.64 -25.65 16.18
N PHE D 263 2.99 -26.80 16.30
CA PHE D 263 1.78 -26.91 17.10
C PHE D 263 2.02 -27.38 18.54
N GLY D 264 3.23 -27.21 19.04
CA GLY D 264 3.49 -27.32 20.48
C GLY D 264 4.47 -28.36 21.00
N ALA D 265 5.04 -29.18 20.12
CA ALA D 265 6.03 -30.17 20.58
C ALA D 265 7.34 -29.47 20.85
N LYS D 266 7.57 -29.15 22.13
CA LYS D 266 8.73 -28.36 22.56
C LYS D 266 10.11 -28.94 22.19
N VAL D 267 10.24 -30.26 22.11
CA VAL D 267 11.53 -30.88 21.74
C VAL D 267 12.24 -30.30 20.55
N LEU D 268 11.48 -29.73 19.61
CA LEU D 268 12.04 -29.06 18.45
C LEU D 268 11.44 -27.69 18.24
N HIS D 269 12.30 -26.68 18.11
CA HIS D 269 11.84 -25.39 17.61
C HIS D 269 11.40 -25.62 16.15
N PRO D 270 10.21 -25.14 15.80
CA PRO D 270 9.67 -25.37 14.47
C PRO D 270 10.60 -24.98 13.32
N ARG D 271 11.44 -23.97 13.54
CA ARG D 271 12.34 -23.50 12.49
C ARG D 271 13.54 -24.41 12.23
N THR D 272 13.71 -25.42 13.08
CA THR D 272 14.79 -26.40 12.94
C THR D 272 14.67 -27.19 11.64
N ILE D 273 13.44 -27.49 11.22
CA ILE D 273 13.19 -28.43 10.13
C ILE D 273 13.56 -27.83 8.77
N GLU D 274 13.16 -26.59 8.53
CA GLU D 274 13.33 -25.97 7.22
C GLU D 274 14.73 -26.08 6.58
N PRO D 275 15.81 -25.69 7.30
CA PRO D 275 17.13 -25.74 6.65
C PRO D 275 17.64 -27.16 6.37
N ALA D 276 17.41 -28.06 7.32
CA ALA D 276 17.72 -29.47 7.16
C ALA D 276 16.93 -30.08 5.98
N MET D 277 15.64 -29.75 5.93
CA MET D 277 14.72 -30.26 4.93
C MET D 277 15.15 -29.91 3.51
N GLU D 278 15.55 -28.66 3.27
CA GLU D 278 15.88 -28.26 1.89
C GLU D 278 17.27 -28.69 1.42
N LYS D 279 18.13 -29.12 2.35
CA LYS D 279 19.39 -29.75 1.96
C LYS D 279 19.38 -31.26 2.18
N GLY D 280 18.28 -31.78 2.71
CA GLY D 280 18.11 -33.22 2.93
C GLY D 280 18.94 -33.78 4.06
N ILE D 281 19.32 -32.92 5.01
CA ILE D 281 20.15 -33.31 6.14
C ILE D 281 19.29 -33.96 7.22
N PRO D 282 19.63 -35.21 7.59
CA PRO D 282 18.83 -35.86 8.62
C PRO D 282 19.03 -35.20 9.98
N ILE D 283 17.97 -35.23 10.78
CA ILE D 283 18.01 -34.75 12.15
C ILE D 283 17.84 -35.97 13.05
N LEU D 284 18.72 -36.11 14.03
CA LEU D 284 18.59 -37.16 15.04
C LEU D 284 18.35 -36.52 16.41
N VAL D 285 17.24 -36.89 17.04
CA VAL D 285 16.92 -36.40 18.38
C VAL D 285 17.32 -37.47 19.40
N LYS D 286 18.27 -37.11 20.26
CA LYS D 286 18.82 -38.07 21.22
C LYS D 286 18.69 -37.60 22.66
N ASN D 287 18.78 -38.56 23.59
CA ASN D 287 18.73 -38.27 25.03
C ASN D 287 20.13 -38.32 25.63
N THR D 288 20.59 -37.20 26.17
CA THR D 288 21.93 -37.17 26.75
C THR D 288 22.03 -38.00 28.03
N PHE D 289 20.88 -38.30 28.64
CA PHE D 289 20.82 -39.06 29.88
C PHE D 289 20.60 -40.53 29.60
N GLU D 290 20.42 -40.85 28.32
CA GLU D 290 20.25 -42.20 27.84
C GLU D 290 20.85 -42.32 26.42
N PRO D 291 22.20 -42.19 26.30
CA PRO D 291 22.87 -42.08 24.98
C PRO D 291 22.82 -43.33 24.07
N GLU D 292 22.48 -44.49 24.63
CA GLU D 292 22.37 -45.70 23.79
C GLU D 292 21.02 -45.80 23.09
N SER D 293 20.03 -45.06 23.58
CA SER D 293 18.73 -45.04 22.94
C SER D 293 18.84 -44.48 21.52
N GLU D 294 18.08 -45.04 20.59
CA GLU D 294 18.21 -44.70 19.18
C GLU D 294 17.58 -43.37 18.81
N GLY D 295 16.60 -42.95 19.60
CA GLY D 295 15.99 -41.65 19.43
C GLY D 295 15.08 -41.63 18.23
N THR D 296 14.90 -40.44 17.68
CA THR D 296 14.05 -40.25 16.52
C THR D 296 14.90 -39.73 15.37
N LEU D 297 14.78 -40.38 14.21
CA LEU D 297 15.48 -39.95 13.01
C LEU D 297 14.49 -39.24 12.11
N ILE D 298 14.86 -38.06 11.66
CA ILE D 298 13.94 -37.21 10.88
C ILE D 298 14.51 -37.03 9.47
N THR D 299 13.76 -37.49 8.46
CA THR D 299 14.22 -37.49 7.06
C THR D 299 13.08 -37.17 6.08
N ASN D 300 13.33 -37.39 4.80
CA ASN D 300 12.28 -37.27 3.78
C ASN D 300 11.31 -38.45 3.80
N ASP D 301 11.76 -39.58 4.36
CA ASP D 301 10.97 -40.80 4.37
C ASP D 301 9.61 -40.54 5.00
N MET D 302 8.55 -40.89 4.28
CA MET D 302 7.21 -40.83 4.82
C MET D 302 6.49 -42.17 4.70
N GLU D 303 5.93 -42.62 5.82
CA GLU D 303 5.09 -43.80 5.85
C GLU D 303 3.86 -43.49 6.72
N MET D 304 2.69 -43.94 6.27
CA MET D 304 1.49 -43.87 7.10
C MET D 304 1.54 -44.96 8.16
N SER D 305 0.85 -44.76 9.28
CA SER D 305 0.65 -45.84 10.24
C SER D 305 -0.77 -46.37 10.10
N ASP D 306 -1.02 -47.58 10.60
CA ASP D 306 -2.33 -48.22 10.50
C ASP D 306 -3.44 -47.27 10.96
N SER D 307 -3.31 -46.78 12.18
CA SER D 307 -4.18 -45.75 12.69
C SER D 307 -3.58 -44.43 12.23
N ILE D 308 -4.38 -43.40 12.02
CA ILE D 308 -3.81 -42.25 11.33
C ILE D 308 -3.75 -41.08 12.31
N VAL D 309 -2.56 -40.87 12.83
CA VAL D 309 -2.30 -40.04 13.99
C VAL D 309 -1.12 -40.74 14.59
N LYS D 310 0.04 -40.14 14.43
CA LYS D 310 1.24 -40.65 15.04
C LYS D 310 1.48 -39.92 16.36
N ALA D 311 0.92 -38.72 16.49
CA ALA D 311 1.26 -37.85 17.61
C ALA D 311 0.25 -36.75 17.90
N ILE D 312 0.28 -36.28 19.15
CA ILE D 312 -0.61 -35.22 19.64
C ILE D 312 0.24 -34.13 20.27
N SER D 313 0.05 -32.89 19.83
CA SER D 313 0.67 -31.75 20.52
C SER D 313 -0.37 -30.68 20.91
N THR D 314 0.00 -29.82 21.86
CA THR D 314 -0.90 -28.76 22.30
C THR D 314 -0.14 -27.46 22.48
N ILE D 315 -0.84 -26.35 22.32
CA ILE D 315 -0.37 -25.05 22.78
C ILE D 315 -1.40 -24.46 23.73
N LYS D 316 -0.92 -24.07 24.91
CA LYS D 316 -1.74 -23.56 26.00
C LYS D 316 -1.80 -22.02 26.01
N ASN D 317 -0.67 -21.37 25.69
CA ASN D 317 -0.58 -19.91 25.76
C ASN D 317 -1.11 -19.22 24.51
N VAL D 318 -2.38 -19.49 24.21
CA VAL D 318 -3.10 -18.93 23.07
C VAL D 318 -4.47 -18.40 23.51
N ALA D 319 -5.04 -17.50 22.72
CA ALA D 319 -6.41 -17.02 22.91
C ALA D 319 -7.23 -17.21 21.65
N LEU D 320 -8.55 -17.41 21.82
CA LEU D 320 -9.47 -17.48 20.70
C LEU D 320 -10.11 -16.12 20.46
N ILE D 321 -9.83 -15.54 19.30
CA ILE D 321 -10.39 -14.25 18.89
C ILE D 321 -11.43 -14.45 17.81
N ASN D 322 -12.67 -14.08 18.14
CA ASN D 322 -13.76 -14.12 17.19
C ASN D 322 -14.12 -12.71 16.80
N ILE D 323 -13.98 -12.41 15.52
CA ILE D 323 -14.36 -11.12 14.99
C ILE D 323 -15.76 -11.27 14.41
N PHE D 324 -16.66 -10.37 14.78
CA PHE D 324 -18.00 -10.40 14.24
C PHE D 324 -18.12 -9.42 13.07
N GLY D 325 -18.56 -9.94 11.93
CA GLY D 325 -18.77 -9.11 10.76
C GLY D 325 -20.08 -8.36 10.85
N ALA D 326 -20.24 -7.37 9.98
CA ALA D 326 -21.42 -6.54 9.92
C ALA D 326 -22.37 -7.00 8.81
N GLY D 327 -22.40 -8.30 8.54
CA GLY D 327 -23.26 -8.88 7.51
C GLY D 327 -22.50 -9.34 6.29
N MET D 328 -23.16 -9.38 5.13
CA MET D 328 -22.51 -9.80 3.90
C MET D 328 -21.77 -8.67 3.22
N VAL D 329 -20.60 -8.37 3.77
CA VAL D 329 -19.87 -7.15 3.45
C VAL D 329 -18.61 -7.45 2.63
N GLY D 330 -18.45 -8.73 2.29
CA GLY D 330 -17.36 -9.18 1.42
C GLY D 330 -16.27 -9.83 2.25
N VAL D 331 -16.17 -11.15 2.20
CA VAL D 331 -15.15 -11.83 3.00
C VAL D 331 -13.70 -11.53 2.64
N SER D 332 -13.36 -11.46 1.36
CA SER D 332 -11.96 -11.16 0.96
C SER D 332 -11.55 -9.72 1.27
N GLY D 333 -12.48 -8.78 1.07
CA GLY D 333 -12.26 -7.41 1.41
C GLY D 333 -12.10 -7.19 2.90
N THR D 334 -12.95 -7.85 3.70
CA THR D 334 -12.84 -7.65 5.14
C THR D 334 -11.68 -8.40 5.79
N ALA D 335 -11.34 -9.60 5.30
CA ALA D 335 -10.13 -10.30 5.75
C ALA D 335 -8.83 -9.53 5.43
N ALA D 336 -8.80 -8.87 4.27
CA ALA D 336 -7.64 -8.09 3.83
C ALA D 336 -7.27 -6.97 4.80
N ARG D 337 -8.29 -6.30 5.32
CA ARG D 337 -8.11 -5.25 6.31
C ARG D 337 -7.76 -5.77 7.69
N ILE D 338 -8.44 -6.86 8.10
CA ILE D 338 -8.16 -7.55 9.36
C ILE D 338 -6.70 -7.97 9.44
N PHE D 339 -6.25 -8.73 8.44
CA PHE D 339 -4.89 -9.21 8.42
C PHE D 339 -3.84 -8.12 8.13
N LYS D 340 -4.22 -7.04 7.44
CA LYS D 340 -3.33 -5.88 7.33
C LYS D 340 -2.98 -5.35 8.71
N ALA D 341 -4.03 -4.99 9.47
CA ALA D 341 -3.93 -4.55 10.86
C ALA D 341 -3.11 -5.49 11.76
N LEU D 342 -3.43 -6.78 11.73
CA LEU D 342 -2.73 -7.78 12.52
C LEU D 342 -1.26 -7.90 12.13
N GLY D 343 -0.98 -7.88 10.83
CA GLY D 343 0.37 -7.93 10.30
C GLY D 343 1.21 -6.71 10.67
N GLU D 344 0.66 -5.53 10.42
CA GLU D 344 1.30 -4.26 10.78
C GLU D 344 1.75 -4.30 12.24
N GLU D 345 0.99 -5.01 13.07
CA GLU D 345 1.24 -5.08 14.50
C GLU D 345 2.09 -6.31 14.90
N GLU D 346 2.40 -7.17 13.93
CA GLU D 346 3.22 -8.39 14.15
C GLU D 346 2.54 -9.38 15.11
N VAL D 347 1.22 -9.50 14.99
CA VAL D 347 0.42 -10.43 15.77
C VAL D 347 0.59 -11.81 15.17
N ASN D 348 0.94 -12.78 15.99
CA ASN D 348 1.18 -14.13 15.52
C ASN D 348 -0.14 -14.90 15.48
N VAL D 349 -0.64 -15.17 14.27
CA VAL D 349 -1.86 -15.98 14.14
C VAL D 349 -1.56 -17.44 13.83
N ILE D 350 -2.16 -18.33 14.61
CA ILE D 350 -1.83 -19.76 14.60
C ILE D 350 -2.83 -20.53 13.74
N LEU D 351 -4.09 -20.07 13.74
CA LEU D 351 -5.20 -20.78 13.10
C LEU D 351 -6.21 -19.78 12.57
N ILE D 352 -6.78 -20.09 11.41
CA ILE D 352 -7.84 -19.29 10.82
C ILE D 352 -9.02 -20.16 10.35
N SER D 353 -10.23 -19.77 10.74
CA SER D 353 -11.44 -20.34 10.14
C SER D 353 -12.48 -19.25 9.82
N GLN D 354 -13.03 -19.33 8.62
CA GLN D 354 -14.17 -18.51 8.22
C GLN D 354 -15.12 -19.30 7.35
N GLY D 355 -16.36 -19.35 7.79
CA GLY D 355 -17.48 -19.98 7.10
C GLY D 355 -18.76 -19.45 7.70
N SER D 356 -19.17 -18.27 7.24
CA SER D 356 -20.22 -17.49 7.92
C SER D 356 -20.79 -16.38 7.04
N SER D 357 -22.11 -16.40 6.83
CA SER D 357 -22.80 -15.37 6.05
C SER D 357 -22.65 -13.97 6.63
N GLU D 358 -22.32 -13.90 7.93
CA GLU D 358 -22.12 -12.62 8.62
C GLU D 358 -20.72 -12.05 8.46
N THR D 359 -19.83 -12.82 7.82
CA THR D 359 -18.43 -12.45 7.63
C THR D 359 -17.73 -12.36 8.99
N ASN D 360 -18.13 -13.24 9.91
CA ASN D 360 -17.39 -13.54 11.12
C ASN D 360 -16.13 -14.31 10.74
N ILE D 361 -15.09 -14.20 11.56
CA ILE D 361 -13.88 -15.01 11.35
C ILE D 361 -13.26 -15.39 12.69
N SER D 362 -12.82 -16.65 12.80
CA SER D 362 -12.18 -17.17 14.00
C SER D 362 -10.66 -17.22 13.84
N LEU D 363 -9.97 -16.77 14.88
CA LEU D 363 -8.54 -16.68 14.88
C LEU D 363 -7.97 -17.17 16.20
N VAL D 364 -6.92 -17.99 16.13
CA VAL D 364 -6.14 -18.26 17.33
C VAL D 364 -4.88 -17.45 17.25
N VAL D 365 -4.57 -16.72 18.32
CA VAL D 365 -3.32 -15.96 18.38
C VAL D 365 -2.59 -16.31 19.68
N SER D 366 -1.30 -16.01 19.73
CA SER D 366 -0.52 -16.12 20.96
C SER D 366 -1.19 -15.23 22.00
N GLU D 367 -1.37 -15.76 23.20
CA GLU D 367 -2.06 -15.04 24.26
C GLU D 367 -1.44 -13.66 24.56
N GLU D 368 -0.11 -13.53 24.44
CA GLU D 368 0.57 -12.27 24.70
C GLU D 368 0.29 -11.19 23.63
N ASP D 369 -0.21 -11.61 22.47
CA ASP D 369 -0.49 -10.70 21.34
C ASP D 369 -1.92 -10.17 21.29
N VAL D 370 -2.75 -10.56 22.26
CA VAL D 370 -4.16 -10.15 22.30
C VAL D 370 -4.39 -8.63 22.32
N ASP D 371 -3.75 -7.93 23.26
CA ASP D 371 -3.90 -6.48 23.36
C ASP D 371 -3.41 -5.70 22.14
N LYS D 372 -2.32 -6.18 21.54
CA LYS D 372 -1.82 -5.69 20.27
C LYS D 372 -2.83 -5.91 19.15
N ALA D 373 -3.50 -7.07 19.16
CA ALA D 373 -4.51 -7.40 18.14
C ALA D 373 -5.71 -6.46 18.21
N LEU D 374 -6.27 -6.26 19.41
CA LEU D 374 -7.44 -5.41 19.61
C LEU D 374 -7.09 -3.95 19.36
N LYS D 375 -5.90 -3.55 19.81
CA LYS D 375 -5.31 -2.26 19.47
C LYS D 375 -5.31 -2.05 17.95
N ALA D 376 -4.73 -3.01 17.24
CA ALA D 376 -4.64 -2.97 15.78
C ALA D 376 -6.02 -2.94 15.10
N LEU D 377 -6.98 -3.65 15.69
CA LEU D 377 -8.32 -3.75 15.14
C LEU D 377 -9.15 -2.47 15.33
N LYS D 378 -8.88 -1.75 16.42
CA LYS D 378 -9.53 -0.46 16.68
C LYS D 378 -8.97 0.63 15.77
N ARG D 379 -7.67 0.56 15.48
CA ARG D 379 -7.03 1.50 14.55
C ARG D 379 -7.58 1.33 13.13
N GLU D 380 -7.77 0.08 12.71
CA GLU D 380 -8.20 -0.21 11.35
C GLU D 380 -9.66 0.17 11.08
N PHE D 381 -10.54 -0.13 12.03
CA PHE D 381 -11.98 0.00 11.82
C PHE D 381 -12.62 1.13 12.62
N GLY D 382 -11.87 1.72 13.56
CA GLY D 382 -12.44 2.71 14.48
C GLY D 382 -13.56 2.10 15.30
N ASP D 383 -14.59 2.89 15.59
CA ASP D 383 -15.77 2.41 16.32
C ASP D 383 -17.05 2.49 15.49
N LYS D 387 -24.37 -2.41 12.77
CA LYS D 387 -25.30 -1.29 12.83
C LYS D 387 -26.43 -1.44 11.80
N SER D 388 -26.08 -1.34 10.51
CA SER D 388 -27.07 -1.30 9.42
C SER D 388 -26.50 -1.83 8.10
N PHE D 389 -27.36 -2.44 7.29
CA PHE D 389 -26.95 -3.00 6.00
C PHE D 389 -26.68 -1.92 4.95
N LEU D 390 -27.09 -0.69 5.25
CA LEU D 390 -26.93 0.46 4.35
C LEU D 390 -25.66 1.30 4.56
N ASN D 391 -24.96 1.10 5.68
CA ASN D 391 -23.65 1.76 5.88
C ASN D 391 -22.46 0.89 5.42
N ASN D 392 -21.29 1.51 5.33
CA ASN D 392 -20.09 0.82 4.82
C ASN D 392 -19.24 0.13 5.91
N ASN D 393 -19.87 -0.18 7.04
CA ASN D 393 -19.17 -0.88 8.12
C ASN D 393 -18.92 -2.35 7.83
N LEU D 394 -17.71 -2.81 8.11
CA LEU D 394 -17.31 -4.17 7.85
C LEU D 394 -17.36 -5.06 9.09
N ILE D 395 -17.12 -4.46 10.27
CA ILE D 395 -17.02 -5.20 11.53
C ILE D 395 -18.01 -4.68 12.58
N ARG D 396 -18.52 -5.60 13.39
CA ARG D 396 -19.55 -5.32 14.39
C ARG D 396 -18.95 -5.33 15.79
N ASP D 397 -18.14 -6.35 16.07
CA ASP D 397 -17.62 -6.60 17.42
C ASP D 397 -16.45 -7.58 17.39
N VAL D 398 -15.78 -7.71 18.52
CA VAL D 398 -14.72 -8.70 18.69
C VAL D 398 -14.77 -9.29 20.09
N SER D 399 -14.68 -10.61 20.16
CA SER D 399 -14.62 -11.28 21.45
C SER D 399 -13.34 -12.10 21.55
N VAL D 400 -12.76 -12.12 22.75
CA VAL D 400 -11.55 -12.88 22.99
C VAL D 400 -11.73 -13.81 24.20
N ASP D 401 -11.43 -15.09 23.97
CA ASP D 401 -11.48 -16.11 25.01
C ASP D 401 -10.06 -16.60 25.21
N LYS D 402 -9.47 -16.22 26.34
CA LYS D 402 -8.12 -16.59 26.71
C LYS D 402 -8.00 -17.97 27.38
N ASP D 403 -9.12 -18.51 27.86
CA ASP D 403 -9.15 -19.78 28.60
C ASP D 403 -9.40 -20.96 27.69
N VAL D 404 -8.46 -21.11 26.78
CA VAL D 404 -8.61 -21.95 25.63
C VAL D 404 -7.26 -22.60 25.33
N CYS D 405 -7.26 -23.70 24.58
CA CYS D 405 -6.01 -24.26 24.03
C CYS D 405 -6.22 -24.84 22.63
N VAL D 406 -5.12 -24.97 21.88
CA VAL D 406 -5.12 -25.59 20.58
C VAL D 406 -4.52 -27.00 20.73
N ILE D 407 -5.25 -27.99 20.23
CA ILE D 407 -4.76 -29.36 20.18
C ILE D 407 -4.58 -29.72 18.71
N SER D 408 -3.47 -30.37 18.38
CA SER D 408 -3.22 -30.79 17.01
C SER D 408 -2.86 -32.26 16.95
N VAL D 409 -3.33 -32.91 15.91
CA VAL D 409 -3.07 -34.32 15.68
C VAL D 409 -2.34 -34.44 14.33
N VAL D 410 -1.25 -35.20 14.33
CA VAL D 410 -0.30 -35.22 13.22
C VAL D 410 0.01 -36.66 12.83
N GLY D 411 -0.08 -36.96 11.54
CA GLY D 411 0.39 -38.22 10.98
C GLY D 411 0.32 -38.10 9.47
N ALA D 412 1.27 -38.74 8.77
CA ALA D 412 1.27 -38.84 7.32
C ALA D 412 -0.11 -39.26 6.84
N GLY D 413 -0.53 -38.71 5.70
CA GLY D 413 -1.75 -39.13 5.04
C GLY D 413 -3.03 -38.63 5.70
N MET D 414 -2.88 -37.78 6.71
CA MET D 414 -4.00 -37.25 7.48
C MET D 414 -5.15 -36.68 6.63
N ARG D 415 -4.83 -35.66 5.84
CA ARG D 415 -5.78 -34.97 4.99
C ARG D 415 -6.49 -35.94 4.03
N GLY D 416 -5.74 -36.89 3.48
CA GLY D 416 -6.31 -37.85 2.54
C GLY D 416 -6.96 -39.07 3.18
N ALA D 417 -6.93 -39.17 4.50
CA ALA D 417 -7.45 -40.35 5.19
C ALA D 417 -8.95 -40.26 5.37
N LYS D 418 -9.67 -41.22 4.81
CA LYS D 418 -11.12 -41.26 4.94
C LYS D 418 -11.50 -41.71 6.36
N GLY D 419 -12.42 -40.98 6.98
CA GLY D 419 -12.93 -41.36 8.28
C GLY D 419 -12.15 -40.86 9.49
N ILE D 420 -10.95 -40.34 9.27
CA ILE D 420 -10.10 -39.93 10.39
C ILE D 420 -10.64 -38.74 11.19
N ALA D 421 -11.21 -37.75 10.49
CA ALA D 421 -11.86 -36.61 11.11
C ALA D 421 -12.94 -37.06 12.08
N GLY D 422 -13.86 -37.90 11.61
CA GLY D 422 -14.91 -38.46 12.46
C GLY D 422 -14.37 -39.12 13.72
N LYS D 423 -13.33 -39.93 13.58
CA LYS D 423 -12.72 -40.60 14.71
C LYS D 423 -12.08 -39.63 15.70
N ILE D 424 -11.39 -38.61 15.17
CA ILE D 424 -10.80 -37.58 16.04
C ILE D 424 -11.85 -36.90 16.90
N PHE D 425 -12.91 -36.40 16.27
CA PHE D 425 -13.84 -35.51 16.97
C PHE D 425 -14.85 -36.21 17.87
N THR D 426 -15.21 -37.45 17.55
CA THR D 426 -16.04 -38.23 18.49
C THR D 426 -15.24 -38.54 19.75
N ALA D 427 -13.95 -38.85 19.58
CA ALA D 427 -13.05 -39.04 20.73
C ALA D 427 -12.91 -37.78 21.58
N VAL D 428 -12.76 -36.63 20.93
CA VAL D 428 -12.69 -35.33 21.61
C VAL D 428 -13.95 -35.10 22.46
N SER D 429 -15.11 -35.41 21.91
CA SER D 429 -16.37 -35.33 22.63
C SER D 429 -16.40 -36.27 23.83
N GLU D 430 -15.86 -37.46 23.64
CA GLU D 430 -15.89 -38.51 24.66
C GLU D 430 -14.99 -38.22 25.85
N SER D 431 -14.05 -37.30 25.66
CA SER D 431 -13.18 -36.83 26.75
C SER D 431 -13.86 -35.72 27.56
N GLY D 432 -15.00 -35.26 27.08
CA GLY D 432 -15.73 -34.17 27.73
C GLY D 432 -15.43 -32.80 27.15
N ALA D 433 -14.62 -32.76 26.10
CA ALA D 433 -14.22 -31.49 25.51
C ALA D 433 -15.28 -30.98 24.51
N ASN D 434 -15.43 -29.65 24.48
CA ASN D 434 -16.37 -28.98 23.62
C ASN D 434 -15.59 -28.14 22.60
N ILE D 435 -15.72 -28.47 21.32
CA ILE D 435 -14.88 -27.89 20.25
C ILE D 435 -15.32 -26.50 19.79
N LYS D 436 -14.43 -25.52 19.92
CA LYS D 436 -14.74 -24.13 19.63
C LYS D 436 -14.27 -23.69 18.24
N MET D 437 -13.39 -24.46 17.63
CA MET D 437 -12.82 -24.11 16.35
C MET D 437 -12.17 -25.36 15.80
N ILE D 438 -12.25 -25.54 14.48
CA ILE D 438 -11.57 -26.62 13.77
C ILE D 438 -10.86 -26.06 12.53
N ALA D 439 -9.64 -26.54 12.30
CA ALA D 439 -8.91 -26.27 11.05
C ALA D 439 -8.50 -27.59 10.41
N GLN D 440 -8.96 -27.80 9.17
CA GLN D 440 -8.51 -28.92 8.35
C GLN D 440 -8.53 -28.48 6.90
N GLY D 441 -7.54 -28.95 6.14
CA GLY D 441 -7.48 -28.71 4.71
C GLY D 441 -6.19 -28.09 4.23
N SER D 442 -5.57 -27.27 5.07
CA SER D 442 -4.36 -26.57 4.65
C SER D 442 -3.06 -27.33 4.97
N SER D 443 -3.19 -28.47 5.65
CA SER D 443 -2.03 -29.31 5.93
C SER D 443 -2.23 -30.75 5.49
N GLU D 444 -1.18 -31.34 4.93
CA GLU D 444 -1.18 -32.73 4.47
C GLU D 444 -1.26 -33.71 5.65
N VAL D 445 -0.77 -33.27 6.81
CA VAL D 445 -0.55 -34.18 7.95
C VAL D 445 -1.19 -33.74 9.28
N ASN D 446 -1.90 -32.62 9.28
CA ASN D 446 -2.35 -32.02 10.53
C ASN D 446 -3.83 -31.67 10.59
N ILE D 447 -4.46 -32.02 11.71
CA ILE D 447 -5.77 -31.46 12.09
C ILE D 447 -5.65 -30.74 13.44
N SER D 448 -6.08 -29.49 13.50
CA SER D 448 -6.04 -28.71 14.73
C SER D 448 -7.43 -28.25 15.15
N PHE D 449 -7.62 -28.03 16.45
CA PHE D 449 -8.91 -27.60 16.96
C PHE D 449 -8.73 -26.96 18.32
N VAL D 450 -9.71 -26.17 18.70
CA VAL D 450 -9.67 -25.43 19.95
C VAL D 450 -10.70 -25.99 20.92
N ILE D 451 -10.28 -26.16 22.17
CA ILE D 451 -11.18 -26.53 23.27
C ILE D 451 -10.87 -25.67 24.50
N ASP D 452 -11.73 -25.77 25.52
CA ASP D 452 -11.47 -25.11 26.80
C ASP D 452 -10.16 -25.60 27.40
N GLU D 453 -9.38 -24.67 27.94
CA GLU D 453 -8.10 -24.95 28.59
C GLU D 453 -8.23 -26.06 29.64
N LYS D 454 -9.30 -26.03 30.44
CA LYS D 454 -9.53 -27.03 31.51
C LYS D 454 -9.59 -28.49 31.02
N ASP D 455 -9.89 -28.68 29.74
CA ASP D 455 -10.12 -30.02 29.18
C ASP D 455 -8.91 -30.59 28.45
N LEU D 456 -7.82 -29.83 28.44
CA LEU D 456 -6.62 -30.18 27.69
C LEU D 456 -6.11 -31.61 28.02
N LEU D 457 -5.94 -31.91 29.29
CA LEU D 457 -5.41 -33.22 29.72
C LEU D 457 -6.32 -34.37 29.36
N ASN D 458 -7.59 -34.24 29.72
CA ASN D 458 -8.54 -35.28 29.41
C ASN D 458 -8.62 -35.53 27.90
N CYS D 459 -8.62 -34.45 27.13
CA CYS D 459 -8.63 -34.57 25.68
C CYS D 459 -7.37 -35.24 25.12
N VAL D 460 -6.19 -34.80 25.54
CA VAL D 460 -4.95 -35.44 25.07
C VAL D 460 -4.89 -36.93 25.46
N ARG D 461 -5.24 -37.23 26.71
CA ARG D 461 -5.26 -38.61 27.20
C ARG D 461 -6.16 -39.52 26.35
N LYS D 462 -7.38 -39.06 26.08
CA LYS D 462 -8.35 -39.82 25.29
C LYS D 462 -7.87 -40.04 23.87
N LEU D 463 -7.33 -38.99 23.25
CA LEU D 463 -6.76 -39.09 21.90
C LEU D 463 -5.59 -40.07 21.88
N HIS D 464 -4.81 -40.09 22.96
CA HIS D 464 -3.69 -40.98 23.07
C HIS D 464 -4.12 -42.42 23.27
N GLU D 465 -5.13 -42.64 24.11
CA GLU D 465 -5.72 -43.97 24.30
C GLU D 465 -6.19 -44.54 22.97
N LYS D 466 -6.99 -43.76 22.26
CA LYS D 466 -7.64 -44.19 21.02
C LYS D 466 -6.68 -44.50 19.87
N PHE D 467 -5.69 -43.63 19.66
CA PHE D 467 -4.85 -43.73 18.47
C PHE D 467 -3.49 -44.40 18.69
N ILE D 468 -2.97 -44.31 19.90
CA ILE D 468 -1.60 -44.78 20.11
C ILE D 468 -1.55 -46.07 20.93
N GLU D 469 -2.34 -46.14 22.00
CA GLU D 469 -2.37 -47.29 22.90
C GLU D 469 -3.27 -48.42 22.41
N LYS D 470 -4.42 -48.05 21.85
CA LYS D 470 -5.41 -48.97 21.27
C LYS D 470 -5.90 -50.03 22.26
#